data_1LW5
#
_entry.id   1LW5
#
_cell.length_a   96.020
_cell.length_b   100.710
_cell.length_c   150.200
_cell.angle_alpha   90.00
_cell.angle_beta   90.00
_cell.angle_gamma   90.00
#
_symmetry.space_group_name_H-M   'P 21 21 21'
#
loop_
_entity.id
_entity.type
_entity.pdbx_description
1 polymer 'L-allo-threonine aldolase'
2 non-polymer 'CALCIUM ION'
3 non-polymer 'CHLORIDE ION'
4 non-polymer N-GLYCINE-[3-HYDROXY-2-METHYL-5-PHOSPHONOOXYMETHYL-PYRIDIN-4-YL-METHANE]
5 non-polymer "PYRIDOXAL-5'-PHOSPHATE"
6 water water
#
_entity_poly.entity_id   1
_entity_poly.type   'polypeptide(L)'
_entity_poly.pdbx_seq_one_letter_code
;GPH(MSE)(MSE)IDLRSDTVTKPTEE(MSE)RKA(MSE)AQAEVGDDVYGEDPTINELERLAAETFGKEAALFVPSGT
(MSE)GNQVSI(MSE)AHTQRGDEVILEADSHIFWYEVGA(MSE)AVLSGV(MSE)PHPVPGKNGA(MSE)DPDDVRKAI
RPRNIHFPRTSLIAIENTHNRSGGRVVPLENIKEICTIAKEHGINVHIDGARIFNASIASGVPVKEYAGYADSV(MSE)F
CLS(LLP)GLCAPVGSVVVGDRDFIERARKARK(MSE)LGGG(MSE)RQAGVLAAAGIIALTK(MSE)VDRLKEDHENAR
FLALKLKEIGYSVNPEDVKTN(MSE)VILRTDNLKVNAHGFIEALRNSGVLANAVSDTEIRLVTHKDVSRNDIEEALNIF
EKLFRKFS
;
_entity_poly.pdbx_strand_id   A,B,C,D
#
# COMPACT_ATOMS: atom_id res chain seq x y z
N ILE A 6 -19.14 7.11 -38.18
CA ILE A 6 -20.22 7.25 -37.21
C ILE A 6 -19.75 6.50 -35.97
N ASP A 7 -19.36 7.25 -34.93
CA ASP A 7 -18.83 6.66 -33.71
C ASP A 7 -19.85 6.32 -32.63
N LEU A 8 -20.19 5.04 -32.53
CA LEU A 8 -21.14 4.57 -31.52
C LEU A 8 -20.43 3.75 -30.44
N ARG A 9 -19.12 3.96 -30.28
CA ARG A 9 -18.36 3.22 -29.28
C ARG A 9 -18.65 3.63 -27.84
N SER A 10 -18.75 4.94 -27.60
CA SER A 10 -18.99 5.44 -26.26
C SER A 10 -19.28 6.93 -26.32
N ASP A 11 -19.86 7.48 -25.25
CA ASP A 11 -20.12 8.91 -25.23
C ASP A 11 -18.86 9.66 -24.80
N THR A 12 -17.75 8.94 -24.59
CA THR A 12 -16.50 9.58 -24.20
C THR A 12 -15.88 10.32 -25.38
N VAL A 13 -16.24 9.91 -26.59
CA VAL A 13 -15.69 10.49 -27.80
C VAL A 13 -16.26 11.84 -28.21
N THR A 14 -17.18 12.37 -27.41
CA THR A 14 -17.78 13.66 -27.72
C THR A 14 -16.70 14.72 -27.82
N LYS A 15 -16.85 15.62 -28.80
CA LYS A 15 -15.88 16.67 -28.99
C LYS A 15 -16.46 18.00 -28.51
N PRO A 16 -15.61 18.98 -28.22
CA PRO A 16 -16.03 20.31 -27.75
C PRO A 16 -16.89 21.08 -28.74
N THR A 17 -17.93 21.74 -28.21
CA THR A 17 -18.79 22.54 -29.05
C THR A 17 -18.03 23.82 -29.39
N GLU A 18 -18.53 24.58 -30.36
CA GLU A 18 -17.89 25.83 -30.74
C GLU A 18 -17.87 26.75 -29.53
N GLU A 19 -18.93 26.73 -28.75
CA GLU A 19 -19.03 27.57 -27.56
C GLU A 19 -17.87 27.27 -26.61
N ARG A 21 -14.92 25.80 -27.38
CA ARG A 21 -13.64 26.19 -27.96
C ARG A 21 -13.36 27.67 -27.72
N LYS A 22 -14.38 28.51 -27.93
CA LYS A 22 -14.21 29.95 -27.71
C LYS A 22 -13.90 30.21 -26.24
N ALA A 23 -14.69 29.62 -25.35
CA ALA A 23 -14.50 29.82 -23.91
C ALA A 23 -13.11 29.38 -23.43
N ALA A 25 -10.33 29.43 -25.23
CA ALA A 25 -9.37 30.38 -25.76
C ALA A 25 -9.26 31.67 -24.95
N GLN A 26 -10.37 32.11 -24.37
CA GLN A 26 -10.36 33.32 -23.57
C GLN A 26 -10.55 33.06 -22.08
N ALA A 27 -10.30 31.83 -21.66
CA ALA A 27 -10.46 31.47 -20.25
C ALA A 27 -9.50 32.23 -19.32
N GLU A 28 -10.02 32.70 -18.20
CA GLU A 28 -9.20 33.40 -17.23
C GLU A 28 -8.60 32.30 -16.37
N VAL A 29 -7.28 32.31 -16.22
CA VAL A 29 -6.59 31.27 -15.46
C VAL A 29 -5.69 31.76 -14.34
N GLY A 30 -5.19 30.79 -13.57
CA GLY A 30 -4.30 31.06 -12.46
C GLY A 30 -3.77 29.73 -11.96
N ASP A 31 -2.84 29.75 -11.01
CA ASP A 31 -2.28 28.52 -10.49
C ASP A 31 -3.26 27.87 -9.52
N ASP A 32 -3.84 26.74 -9.94
CA ASP A 32 -4.82 26.03 -9.11
C ASP A 32 -4.24 25.50 -7.81
N VAL A 33 -2.95 25.17 -7.80
CA VAL A 33 -2.31 24.67 -6.60
C VAL A 33 -2.46 25.70 -5.49
N TYR A 34 -2.46 26.98 -5.86
CA TYR A 34 -2.62 28.06 -4.89
C TYR A 34 -4.10 28.44 -4.80
N GLY A 35 -4.96 27.69 -5.49
CA GLY A 35 -6.37 27.99 -5.50
C GLY A 35 -6.64 29.32 -6.18
N GLU A 36 -5.78 29.68 -7.12
CA GLU A 36 -5.91 30.96 -7.81
C GLU A 36 -6.46 30.94 -9.23
N ASP A 37 -7.00 29.81 -9.67
CA ASP A 37 -7.56 29.78 -11.02
C ASP A 37 -9.04 30.12 -10.84
N PRO A 38 -9.47 31.28 -11.34
CA PRO A 38 -10.86 31.76 -11.23
C PRO A 38 -11.92 30.88 -11.87
N THR A 39 -11.57 30.28 -13.00
CA THR A 39 -12.51 29.44 -13.73
C THR A 39 -12.73 28.11 -13.03
N ILE A 40 -11.65 27.54 -12.51
CA ILE A 40 -11.75 26.28 -11.79
C ILE A 40 -12.62 26.53 -10.55
N ASN A 41 -12.33 27.61 -9.83
CA ASN A 41 -13.08 27.93 -8.64
C ASN A 41 -14.57 28.08 -8.93
N GLU A 42 -14.90 28.73 -10.05
CA GLU A 42 -16.30 28.91 -10.42
C GLU A 42 -16.95 27.57 -10.78
N LEU A 43 -16.21 26.71 -11.48
CA LEU A 43 -16.76 25.40 -11.85
C LEU A 43 -17.10 24.63 -10.59
N GLU A 44 -16.19 24.64 -9.62
CA GLU A 44 -16.42 23.90 -8.39
C GLU A 44 -17.56 24.53 -7.61
N ARG A 45 -17.67 25.85 -7.68
CA ARG A 45 -18.74 26.56 -6.97
C ARG A 45 -20.08 26.10 -7.57
N LEU A 46 -20.17 26.18 -8.89
CA LEU A 46 -21.38 25.78 -9.61
C LEU A 46 -21.76 24.32 -9.37
N ALA A 47 -20.76 23.43 -9.40
CA ALA A 47 -21.01 22.01 -9.20
C ALA A 47 -21.57 21.74 -7.80
N ALA A 48 -20.95 22.33 -6.79
CA ALA A 48 -21.43 22.16 -5.42
C ALA A 48 -22.87 22.63 -5.34
N GLU A 49 -23.12 23.82 -5.86
CA GLU A 49 -24.47 24.39 -5.86
C GLU A 49 -25.47 23.47 -6.54
N THR A 50 -25.10 22.99 -7.74
CA THR A 50 -25.94 22.11 -8.52
C THR A 50 -26.36 20.83 -7.81
N PHE A 51 -25.45 20.25 -7.03
CA PHE A 51 -25.76 19.02 -6.31
C PHE A 51 -26.12 19.27 -4.85
N GLY A 52 -26.26 20.53 -4.49
CA GLY A 52 -26.60 20.88 -3.12
C GLY A 52 -25.60 20.43 -2.08
N LYS A 53 -24.32 20.49 -2.41
CA LYS A 53 -23.28 20.08 -1.46
C LYS A 53 -22.45 21.28 -1.02
N GLU A 54 -21.68 21.10 0.05
CA GLU A 54 -20.84 22.16 0.59
C GLU A 54 -19.65 22.53 -0.31
N ALA A 55 -19.06 21.53 -0.94
CA ALA A 55 -17.89 21.80 -1.78
C ALA A 55 -17.77 20.84 -2.95
N ALA A 56 -16.82 21.13 -3.83
CA ALA A 56 -16.57 20.33 -5.02
C ALA A 56 -15.10 20.37 -5.37
N LEU A 57 -14.65 19.38 -6.14
CA LEU A 57 -13.26 19.27 -6.54
C LEU A 57 -13.17 18.77 -7.99
N PHE A 58 -12.46 19.51 -8.83
CA PHE A 58 -12.28 19.13 -10.23
C PHE A 58 -11.13 18.14 -10.34
N VAL A 59 -11.35 17.07 -11.12
CA VAL A 59 -10.32 16.05 -11.32
C VAL A 59 -10.17 15.72 -12.81
N PRO A 60 -8.98 15.24 -13.22
CA PRO A 60 -8.66 14.87 -14.61
C PRO A 60 -9.51 13.75 -15.21
N SER A 61 -10.07 12.90 -14.35
CA SER A 61 -10.89 11.79 -14.84
C SER A 61 -11.85 11.27 -13.79
N GLY A 62 -12.86 10.52 -14.23
CA GLY A 62 -13.82 9.95 -13.32
C GLY A 62 -13.16 8.92 -12.43
N THR A 63 -12.20 8.20 -13.00
CA THR A 63 -11.46 7.22 -12.24
C THR A 63 -10.80 7.90 -11.03
N GLY A 65 -11.75 10.64 -9.69
CA GLY A 65 -12.84 11.12 -8.86
C GLY A 65 -13.28 10.04 -7.89
N ASN A 66 -13.38 8.80 -8.40
CA ASN A 66 -13.77 7.67 -7.59
C ASN A 66 -12.68 7.32 -6.56
N GLN A 67 -11.44 7.25 -7.03
CA GLN A 67 -10.33 6.91 -6.14
C GLN A 67 -10.03 7.91 -5.04
N VAL A 68 -10.05 9.21 -5.30
CA VAL A 68 -9.79 10.17 -4.24
C VAL A 68 -10.96 10.10 -3.26
N SER A 69 -12.15 9.77 -3.76
CA SER A 69 -13.32 9.64 -2.89
C SER A 69 -13.12 8.46 -1.94
N ILE A 70 -12.70 7.32 -2.49
CA ILE A 70 -12.47 6.13 -1.68
C ILE A 70 -11.43 6.42 -0.60
N ALA A 72 -10.49 9.33 0.68
CA ALA A 72 -11.00 10.29 1.65
C ALA A 72 -12.04 9.68 2.58
N HIS A 73 -12.70 8.61 2.14
CA HIS A 73 -13.73 7.95 2.92
C HIS A 73 -13.22 6.77 3.74
N THR A 74 -12.04 6.27 3.43
CA THR A 74 -11.54 5.09 4.12
C THR A 74 -10.17 5.15 4.78
N GLN A 75 -9.84 4.05 5.42
CA GLN A 75 -8.54 3.87 6.09
C GLN A 75 -8.05 2.51 5.61
N ARG A 76 -6.73 2.31 5.60
CA ARG A 76 -6.16 1.05 5.14
C ARG A 76 -6.84 -0.15 5.80
N GLY A 77 -7.14 -1.19 5.02
CA GLY A 77 -7.77 -2.38 5.57
C GLY A 77 -9.28 -2.36 5.64
N ASP A 78 -9.90 -1.24 5.31
CA ASP A 78 -11.35 -1.15 5.33
C ASP A 78 -11.92 -1.95 4.17
N GLU A 79 -13.24 -2.11 4.15
CA GLU A 79 -13.91 -2.83 3.08
C GLU A 79 -14.92 -1.90 2.43
N VAL A 80 -15.09 -2.04 1.12
CA VAL A 80 -16.03 -1.21 0.37
C VAL A 80 -17.08 -2.08 -0.31
N ILE A 81 -18.34 -1.88 0.08
CA ILE A 81 -19.43 -2.62 -0.53
C ILE A 81 -19.75 -1.91 -1.83
N LEU A 82 -19.81 -2.68 -2.92
CA LEU A 82 -20.14 -2.11 -4.21
C LEU A 82 -20.82 -3.17 -5.07
N GLU A 83 -21.52 -2.73 -6.11
CA GLU A 83 -22.25 -3.62 -6.99
C GLU A 83 -21.28 -4.51 -7.77
N ALA A 84 -21.59 -5.80 -7.85
CA ALA A 84 -20.74 -6.78 -8.52
C ALA A 84 -20.32 -6.47 -9.96
N ASP A 85 -21.06 -5.60 -10.63
CA ASP A 85 -20.74 -5.25 -12.01
C ASP A 85 -20.46 -3.76 -12.19
N SER A 86 -19.97 -3.12 -11.12
CA SER A 86 -19.68 -1.69 -11.16
C SER A 86 -18.30 -1.36 -11.74
N HIS A 87 -18.20 -0.18 -12.32
CA HIS A 87 -16.97 0.30 -12.95
C HIS A 87 -15.78 0.32 -11.98
N ILE A 88 -16.02 0.74 -10.75
CA ILE A 88 -14.96 0.80 -9.75
C ILE A 88 -14.31 -0.56 -9.52
N PHE A 89 -15.11 -1.61 -9.59
CA PHE A 89 -14.64 -2.96 -9.37
C PHE A 89 -14.05 -3.60 -10.63
N TRP A 90 -14.62 -3.29 -11.79
CA TRP A 90 -14.18 -3.86 -13.06
C TRP A 90 -13.16 -3.11 -13.90
N TYR A 91 -13.33 -1.80 -14.02
CA TYR A 91 -12.48 -1.02 -14.90
C TYR A 91 -11.56 0.04 -14.30
N GLU A 92 -11.21 -0.09 -13.03
CA GLU A 92 -10.34 0.92 -12.44
C GLU A 92 -8.98 0.39 -12.00
N VAL A 93 -8.45 -0.53 -12.81
CA VAL A 93 -7.13 -1.11 -12.63
C VAL A 93 -6.77 -1.58 -11.23
N GLY A 94 -7.76 -1.95 -10.44
CA GLY A 94 -7.50 -2.41 -9.08
C GLY A 94 -6.93 -1.30 -8.21
N ALA A 95 -7.17 -0.06 -8.62
CA ALA A 95 -6.69 1.11 -7.90
C ALA A 95 -7.08 1.14 -6.42
N ALA A 97 -7.32 -1.12 -4.23
CA ALA A 97 -6.45 -1.95 -3.40
C ALA A 97 -5.08 -1.32 -3.24
N VAL A 98 -4.54 -0.80 -4.35
CA VAL A 98 -3.22 -0.19 -4.34
C VAL A 98 -3.19 1.17 -3.66
N LEU A 99 -4.09 2.06 -4.07
CA LEU A 99 -4.14 3.41 -3.52
C LEU A 99 -4.68 3.53 -2.09
N SER A 100 -5.77 2.85 -1.80
CA SER A 100 -6.36 2.94 -0.46
C SER A 100 -6.14 1.73 0.44
N GLY A 101 -5.62 0.64 -0.13
CA GLY A 101 -5.40 -0.54 0.67
C GLY A 101 -6.69 -1.11 1.22
N VAL A 102 -7.77 -0.97 0.44
CA VAL A 102 -9.07 -1.48 0.86
C VAL A 102 -9.51 -2.64 -0.01
N PRO A 104 -12.72 -4.81 -1.89
CA PRO A 104 -14.07 -4.66 -2.41
C PRO A 104 -14.93 -5.80 -1.88
N HIS A 105 -16.21 -5.53 -1.65
CA HIS A 105 -17.12 -6.56 -1.20
C HIS A 105 -18.28 -6.53 -2.16
N PRO A 106 -18.12 -7.21 -3.30
CA PRO A 106 -19.12 -7.30 -4.38
C PRO A 106 -20.46 -7.84 -3.91
N VAL A 107 -21.51 -7.09 -4.26
CA VAL A 107 -22.87 -7.49 -3.93
C VAL A 107 -23.60 -7.51 -5.26
N PRO A 108 -24.20 -8.65 -5.62
CA PRO A 108 -24.89 -8.68 -6.91
C PRO A 108 -26.04 -7.67 -6.92
N GLY A 109 -26.45 -7.29 -8.11
CA GLY A 109 -27.54 -6.34 -8.23
C GLY A 109 -28.35 -6.61 -9.48
N LYS A 110 -29.58 -6.09 -9.49
CA LYS A 110 -30.44 -6.24 -10.65
C LYS A 110 -30.35 -4.89 -11.35
N ASN A 111 -29.64 -4.89 -12.48
CA ASN A 111 -29.43 -3.67 -13.26
C ASN A 111 -28.88 -2.53 -12.41
N GLY A 112 -27.88 -2.83 -11.60
CA GLY A 112 -27.26 -1.81 -10.76
C GLY A 112 -27.86 -1.64 -9.38
N ALA A 113 -29.05 -2.19 -9.17
CA ALA A 113 -29.72 -2.07 -7.87
C ALA A 113 -29.44 -3.26 -6.96
N ASP A 115 -29.97 -5.41 -3.71
CA ASP A 115 -31.09 -5.58 -2.80
C ASP A 115 -30.66 -4.97 -1.47
N PRO A 116 -31.41 -3.99 -0.96
CA PRO A 116 -31.03 -3.38 0.32
C PRO A 116 -30.69 -4.39 1.42
N ASP A 117 -31.43 -5.50 1.44
CA ASP A 117 -31.21 -6.54 2.44
C ASP A 117 -29.84 -7.21 2.27
N ASP A 118 -29.40 -7.37 1.02
CA ASP A 118 -28.11 -7.97 0.77
C ASP A 118 -26.99 -7.01 1.20
N VAL A 119 -27.28 -5.71 1.09
CA VAL A 119 -26.28 -4.71 1.49
C VAL A 119 -26.08 -4.83 3.00
N ARG A 120 -27.18 -4.86 3.74
CA ARG A 120 -27.13 -4.96 5.19
C ARG A 120 -26.39 -6.22 5.65
N LYS A 121 -26.53 -7.30 4.88
CA LYS A 121 -25.87 -8.55 5.22
C LYS A 121 -24.37 -8.54 4.87
N ALA A 122 -23.98 -7.63 3.98
CA ALA A 122 -22.58 -7.53 3.57
C ALA A 122 -21.75 -6.69 4.55
N ILE A 123 -22.42 -5.95 5.41
CA ILE A 123 -21.74 -5.12 6.39
C ILE A 123 -21.08 -6.06 7.39
N ARG A 124 -19.78 -5.86 7.62
CA ARG A 124 -19.03 -6.70 8.53
C ARG A 124 -19.29 -6.42 10.00
N PRO A 125 -19.50 -7.47 10.81
CA PRO A 125 -19.73 -7.21 12.22
C PRO A 125 -18.37 -6.86 12.82
N ARG A 126 -18.37 -6.28 14.01
CA ARG A 126 -17.12 -5.90 14.66
C ARG A 126 -16.43 -7.16 15.19
N ASN A 127 -15.29 -7.48 14.61
CA ASN A 127 -14.53 -8.65 15.02
C ASN A 127 -13.10 -8.49 14.52
N ILE A 128 -12.15 -8.96 15.32
CA ILE A 128 -10.74 -8.84 14.97
C ILE A 128 -10.39 -9.43 13.60
N HIS A 129 -11.12 -10.47 13.17
CA HIS A 129 -10.86 -11.11 11.87
C HIS A 129 -11.34 -10.33 10.65
N PHE A 130 -12.32 -9.44 10.86
CA PHE A 130 -12.94 -8.69 9.77
C PHE A 130 -12.55 -7.22 9.53
N PRO A 131 -12.49 -6.81 8.25
CA PRO A 131 -12.15 -5.43 7.94
C PRO A 131 -13.38 -4.62 8.36
N ARG A 132 -13.24 -3.32 8.48
CA ARG A 132 -14.38 -2.48 8.85
C ARG A 132 -15.05 -1.96 7.59
N THR A 133 -16.35 -2.17 7.47
CA THR A 133 -17.08 -1.67 6.30
C THR A 133 -17.24 -0.17 6.53
N SER A 134 -16.57 0.65 5.73
CA SER A 134 -16.66 2.09 5.91
C SER A 134 -17.26 2.84 4.73
N LEU A 135 -17.55 2.12 3.64
CA LEU A 135 -18.11 2.77 2.46
C LEU A 135 -18.98 1.85 1.62
N ILE A 136 -20.03 2.43 1.05
CA ILE A 136 -20.95 1.71 0.18
C ILE A 136 -21.02 2.57 -1.07
N ALA A 137 -20.76 1.97 -2.22
CA ALA A 137 -20.77 2.69 -3.48
C ALA A 137 -21.92 2.25 -4.38
N ILE A 138 -22.56 3.21 -5.03
CA ILE A 138 -23.68 2.96 -5.92
C ILE A 138 -23.40 3.66 -7.23
N GLU A 139 -23.66 2.98 -8.34
CA GLU A 139 -23.41 3.53 -9.67
C GLU A 139 -24.76 3.84 -10.34
N ASN A 140 -25.02 5.10 -10.69
CA ASN A 140 -26.30 5.38 -11.31
C ASN A 140 -26.26 5.65 -12.80
N THR A 141 -26.97 4.76 -13.46
CA THR A 141 -27.08 4.57 -14.90
C THR A 141 -25.90 3.66 -14.73
N HIS A 142 -26.25 2.39 -14.56
CA HIS A 142 -25.28 1.34 -14.37
C HIS A 142 -24.79 0.99 -15.78
N ASN A 143 -23.50 1.12 -15.98
CA ASN A 143 -22.85 0.86 -17.26
C ASN A 143 -23.00 -0.56 -17.79
N ARG A 144 -22.39 -1.52 -17.11
CA ARG A 144 -22.42 -2.92 -17.53
C ARG A 144 -23.79 -3.54 -17.81
N SER A 145 -24.82 -3.12 -17.08
CA SER A 145 -26.14 -3.67 -17.29
C SER A 145 -26.82 -3.06 -18.52
N GLY A 146 -26.13 -2.14 -19.18
CA GLY A 146 -26.68 -1.52 -20.37
C GLY A 146 -27.22 -0.11 -20.14
N GLY A 147 -26.57 0.64 -19.26
CA GLY A 147 -27.01 2.00 -18.98
C GLY A 147 -28.36 2.07 -18.31
N ARG A 148 -28.57 1.25 -17.29
CA ARG A 148 -29.84 1.23 -16.57
C ARG A 148 -29.91 2.26 -15.44
N VAL A 149 -31.13 2.64 -15.08
CA VAL A 149 -31.34 3.61 -14.02
C VAL A 149 -31.67 2.94 -12.69
N VAL A 150 -30.89 3.26 -11.67
CA VAL A 150 -31.12 2.70 -10.34
C VAL A 150 -32.23 3.52 -9.69
N PRO A 151 -33.34 2.86 -9.30
CA PRO A 151 -34.47 3.54 -8.66
C PRO A 151 -34.07 4.39 -7.47
N LEU A 152 -34.67 5.57 -7.36
CA LEU A 152 -34.37 6.47 -6.26
C LEU A 152 -34.65 5.81 -4.91
N GLU A 153 -35.69 4.97 -4.86
CA GLU A 153 -36.07 4.28 -3.63
C GLU A 153 -34.95 3.34 -3.16
N ASN A 154 -34.25 2.73 -4.11
CA ASN A 154 -33.17 1.81 -3.79
C ASN A 154 -32.05 2.57 -3.10
N ILE A 155 -31.72 3.74 -3.64
CA ILE A 155 -30.67 4.58 -3.08
C ILE A 155 -31.12 5.13 -1.73
N LYS A 156 -32.41 5.46 -1.63
CA LYS A 156 -32.96 5.98 -0.38
C LYS A 156 -32.85 4.94 0.72
N GLU A 157 -33.20 3.70 0.43
CA GLU A 157 -33.14 2.64 1.43
C GLU A 157 -31.71 2.29 1.83
N ILE A 158 -30.79 2.32 0.87
CA ILE A 158 -29.40 2.00 1.19
C ILE A 158 -28.81 3.10 2.07
N CYS A 159 -29.21 4.35 1.81
CA CYS A 159 -28.74 5.48 2.60
C CYS A 159 -29.13 5.30 4.08
N THR A 160 -30.37 4.87 4.30
CA THR A 160 -30.89 4.65 5.64
C THR A 160 -30.03 3.62 6.37
N ILE A 161 -29.72 2.53 5.68
CA ILE A 161 -28.91 1.47 6.25
C ILE A 161 -27.53 2.00 6.60
N ALA A 162 -26.97 2.81 5.70
CA ALA A 162 -25.65 3.39 5.91
C ALA A 162 -25.63 4.29 7.15
N LYS A 163 -26.62 5.16 7.26
CA LYS A 163 -26.72 6.09 8.39
C LYS A 163 -26.81 5.34 9.72
N GLU A 164 -27.60 4.28 9.75
CA GLU A 164 -27.77 3.48 10.95
C GLU A 164 -26.47 2.80 11.38
N HIS A 165 -25.55 2.64 10.43
CA HIS A 165 -24.29 1.98 10.72
C HIS A 165 -23.08 2.93 10.70
N GLY A 166 -23.33 4.20 10.43
CA GLY A 166 -22.26 5.17 10.38
C GLY A 166 -21.31 4.90 9.23
N ILE A 167 -21.87 4.42 8.12
CA ILE A 167 -21.08 4.12 6.93
C ILE A 167 -21.30 5.20 5.87
N ASN A 168 -20.23 5.59 5.18
CA ASN A 168 -20.32 6.61 4.16
C ASN A 168 -20.91 6.04 2.87
N VAL A 169 -21.51 6.91 2.07
CA VAL A 169 -22.11 6.50 0.81
C VAL A 169 -21.57 7.33 -0.33
N HIS A 170 -21.08 6.66 -1.36
CA HIS A 170 -20.56 7.34 -2.53
C HIS A 170 -21.35 6.92 -3.75
N ILE A 171 -21.75 7.88 -4.55
CA ILE A 171 -22.49 7.57 -5.77
C ILE A 171 -21.56 7.80 -6.93
N ASP A 172 -21.31 6.75 -7.70
CA ASP A 172 -20.49 6.88 -8.89
C ASP A 172 -21.51 7.38 -9.91
N GLY A 173 -21.60 8.69 -10.06
CA GLY A 173 -22.55 9.26 -10.99
C GLY A 173 -21.95 9.77 -12.27
N ALA A 174 -21.03 9.00 -12.83
CA ALA A 174 -20.38 9.36 -14.08
C ALA A 174 -21.44 9.78 -15.11
N ARG A 175 -22.59 9.12 -15.07
CA ARG A 175 -23.69 9.44 -15.98
C ARG A 175 -24.96 9.72 -15.17
N ILE A 176 -24.81 10.41 -14.05
CA ILE A 176 -25.95 10.72 -13.19
C ILE A 176 -26.98 11.63 -13.88
N PHE A 177 -26.53 12.46 -14.80
CA PHE A 177 -27.47 13.34 -15.50
C PHE A 177 -28.34 12.53 -16.46
N ASN A 178 -27.78 11.48 -17.04
CA ASN A 178 -28.57 10.64 -17.93
C ASN A 178 -29.65 9.98 -17.08
N ALA A 179 -29.28 9.58 -15.87
CA ALA A 179 -30.22 8.94 -14.95
C ALA A 179 -31.35 9.92 -14.62
N SER A 180 -30.98 11.16 -14.33
CA SER A 180 -31.93 12.20 -13.98
C SER A 180 -32.88 12.49 -15.14
N ILE A 181 -32.35 12.57 -16.36
CA ILE A 181 -33.18 12.85 -17.53
C ILE A 181 -34.20 11.73 -17.74
N ALA A 182 -33.78 10.49 -17.57
CA ALA A 182 -34.66 9.35 -17.78
C ALA A 182 -35.72 9.17 -16.68
N SER A 183 -35.33 9.36 -15.43
CA SER A 183 -36.24 9.17 -14.31
C SER A 183 -37.06 10.39 -13.93
N GLY A 184 -36.51 11.58 -14.14
CA GLY A 184 -37.22 12.79 -13.75
C GLY A 184 -36.79 13.19 -12.34
N VAL A 185 -35.89 12.41 -11.76
CA VAL A 185 -35.39 12.68 -10.42
C VAL A 185 -34.23 13.69 -10.52
N PRO A 186 -34.37 14.86 -9.87
CA PRO A 186 -33.32 15.88 -9.90
C PRO A 186 -32.03 15.35 -9.27
N VAL A 187 -30.88 15.77 -9.80
CA VAL A 187 -29.62 15.29 -9.24
C VAL A 187 -29.44 15.64 -7.78
N LYS A 188 -30.02 16.76 -7.33
CA LYS A 188 -29.90 17.12 -5.92
C LYS A 188 -30.60 16.08 -5.07
N GLU A 189 -31.68 15.51 -5.60
CA GLU A 189 -32.42 14.49 -4.87
C GLU A 189 -31.56 13.24 -4.70
N TYR A 190 -30.88 12.84 -5.76
CA TYR A 190 -30.01 11.66 -5.68
C TYR A 190 -28.89 11.97 -4.67
N ALA A 191 -28.27 13.13 -4.84
CA ALA A 191 -27.17 13.59 -4.00
C ALA A 191 -27.49 13.63 -2.52
N GLY A 192 -28.69 14.09 -2.19
CA GLY A 192 -29.09 14.17 -0.79
C GLY A 192 -28.96 12.87 -0.03
N TYR A 193 -29.00 11.74 -0.74
CA TYR A 193 -28.88 10.43 -0.09
C TYR A 193 -27.46 9.88 -0.13
N ALA A 194 -26.48 10.75 -0.36
CA ALA A 194 -25.10 10.31 -0.42
C ALA A 194 -24.17 11.31 0.23
N ASP A 195 -23.02 10.82 0.69
CA ASP A 195 -22.02 11.69 1.30
C ASP A 195 -21.21 12.38 0.20
N SER A 196 -20.96 11.68 -0.89
CA SER A 196 -20.21 12.24 -2.01
C SER A 196 -20.72 11.70 -3.33
N VAL A 197 -20.52 12.47 -4.40
CA VAL A 197 -20.94 12.07 -5.73
C VAL A 197 -19.89 12.48 -6.75
N PHE A 199 -19.21 12.88 -10.82
CA PHE A 199 -19.96 12.93 -12.07
C PHE A 199 -19.00 13.37 -13.16
N CYS A 200 -19.17 12.84 -14.36
CA CYS A 200 -18.27 13.18 -15.47
C CYS A 200 -18.75 14.34 -16.31
N LEU A 201 -17.79 15.13 -16.78
CA LEU A 201 -18.08 16.27 -17.64
C LEU A 201 -17.68 15.87 -19.06
N SER A 202 -16.75 14.94 -19.14
CA SER A 202 -16.17 14.47 -20.40
C SER A 202 -16.94 13.41 -21.20
N GLY A 204 -21.29 12.39 -21.90
CA GLY A 204 -22.41 13.01 -22.57
C GLY A 204 -22.47 14.53 -22.51
N LEU A 205 -21.86 15.13 -21.50
CA LEU A 205 -21.87 16.59 -21.37
C LEU A 205 -20.88 17.28 -22.31
N CYS A 206 -20.11 16.48 -23.03
CA CYS A 206 -19.17 16.98 -24.04
C CYS A 206 -17.91 17.76 -23.70
N ALA A 207 -17.50 17.79 -22.44
CA ALA A 207 -16.27 18.49 -22.09
C ALA A 207 -15.12 17.61 -22.58
N PRO A 208 -13.97 18.21 -22.93
CA PRO A 208 -12.84 17.39 -23.41
C PRO A 208 -12.10 16.63 -22.30
N VAL A 209 -12.11 17.17 -21.09
CA VAL A 209 -11.41 16.54 -19.98
C VAL A 209 -12.03 16.79 -18.61
N GLY A 210 -12.05 15.76 -17.77
CA GLY A 210 -12.53 15.96 -16.42
C GLY A 210 -13.87 15.50 -15.88
N SER A 211 -13.89 15.40 -14.56
CA SER A 211 -15.05 15.02 -13.79
C SER A 211 -15.00 15.89 -12.55
N VAL A 212 -16.00 15.77 -11.70
CA VAL A 212 -16.05 16.56 -10.48
C VAL A 212 -16.58 15.73 -9.33
N VAL A 213 -16.03 15.96 -8.14
CA VAL A 213 -16.48 15.25 -6.94
C VAL A 213 -17.12 16.31 -6.04
N VAL A 214 -18.29 16.01 -5.50
CA VAL A 214 -18.97 16.94 -4.62
C VAL A 214 -19.23 16.29 -3.26
N GLY A 215 -19.22 17.09 -2.20
CA GLY A 215 -19.46 16.56 -0.87
C GLY A 215 -19.27 17.64 0.19
N ASP A 216 -19.14 17.21 1.44
CA ASP A 216 -18.93 18.16 2.54
C ASP A 216 -17.54 18.78 2.42
N ARG A 217 -17.32 19.88 3.14
CA ARG A 217 -16.03 20.56 3.10
C ARG A 217 -14.85 19.73 3.58
N ASP A 218 -14.99 19.05 4.72
CA ASP A 218 -13.89 18.23 5.23
C ASP A 218 -13.53 17.09 4.29
N PHE A 219 -14.57 16.46 3.74
CA PHE A 219 -14.37 15.36 2.80
C PHE A 219 -13.60 15.87 1.58
N ILE A 220 -14.05 16.98 1.01
CA ILE A 220 -13.41 17.56 -0.16
C ILE A 220 -11.97 17.98 0.13
N GLU A 221 -11.72 18.46 1.35
CA GLU A 221 -10.36 18.86 1.70
C GLU A 221 -9.46 17.63 1.67
N ARG A 222 -9.95 16.51 2.20
CA ARG A 222 -9.17 15.28 2.20
C ARG A 222 -8.97 14.80 0.77
N ALA A 223 -10.04 14.88 -0.03
CA ALA A 223 -9.98 14.45 -1.42
C ALA A 223 -9.00 15.31 -2.23
N ARG A 224 -8.93 16.60 -1.90
CA ARG A 224 -8.02 17.51 -2.61
C ARG A 224 -6.56 17.12 -2.35
N LYS A 225 -6.27 16.69 -1.12
CA LYS A 225 -4.91 16.28 -0.78
C LYS A 225 -4.63 14.97 -1.51
N ALA A 226 -5.63 14.09 -1.55
CA ALA A 226 -5.47 12.82 -2.25
C ALA A 226 -5.21 13.10 -3.73
N ARG A 227 -5.88 14.11 -4.27
CA ARG A 227 -5.69 14.49 -5.67
C ARG A 227 -4.25 14.95 -5.91
N LYS A 228 -3.69 15.68 -4.95
CA LYS A 228 -2.32 16.16 -5.08
C LYS A 228 -1.39 14.96 -5.13
N LEU A 230 -2.02 11.86 -5.98
CA LEU A 230 -2.21 11.07 -7.19
C LEU A 230 -1.68 11.72 -8.47
N GLY A 231 -1.45 13.02 -8.40
CA GLY A 231 -0.95 13.75 -9.56
C GLY A 231 -2.02 14.52 -10.29
N GLY A 232 -3.13 14.80 -9.62
CA GLY A 232 -4.22 15.55 -10.26
C GLY A 232 -4.18 17.04 -9.97
N GLY A 233 -3.13 17.49 -9.26
CA GLY A 233 -3.01 18.91 -8.94
C GLY A 233 -2.36 19.67 -10.08
N ARG A 235 -1.99 23.14 -12.88
CA ARG A 235 -1.76 24.57 -12.74
C ARG A 235 -2.92 25.38 -13.32
N GLN A 236 -2.73 26.00 -14.49
CA GLN A 236 -3.79 26.80 -15.11
C GLN A 236 -4.88 25.94 -15.75
N ALA A 237 -5.48 25.06 -14.96
CA ALA A 237 -6.53 24.18 -15.43
C ALA A 237 -7.83 24.91 -15.78
N GLY A 238 -7.81 26.23 -15.68
CA GLY A 238 -8.99 27.01 -15.99
C GLY A 238 -9.41 26.84 -17.45
N VAL A 239 -8.45 26.53 -18.32
CA VAL A 239 -8.76 26.34 -19.72
C VAL A 239 -9.75 25.18 -19.86
N LEU A 240 -9.53 24.11 -19.08
CA LEU A 240 -10.42 22.96 -19.13
C LEU A 240 -11.73 23.29 -18.40
N ALA A 241 -11.62 24.00 -17.28
CA ALA A 241 -12.78 24.36 -16.49
C ALA A 241 -13.77 25.24 -17.27
N ALA A 242 -13.27 26.00 -18.23
CA ALA A 242 -14.15 26.86 -19.03
C ALA A 242 -15.12 26.00 -19.85
N ALA A 243 -14.62 24.89 -20.39
CA ALA A 243 -15.48 23.99 -21.17
C ALA A 243 -16.37 23.24 -20.20
N GLY A 244 -15.83 22.94 -19.02
CA GLY A 244 -16.59 22.22 -18.02
C GLY A 244 -17.82 22.98 -17.54
N ILE A 245 -17.70 24.30 -17.41
CA ILE A 245 -18.82 25.13 -16.98
C ILE A 245 -19.95 25.02 -18.01
N ILE A 246 -19.60 25.14 -19.28
CA ILE A 246 -20.59 25.05 -20.35
C ILE A 246 -21.23 23.66 -20.36
N ALA A 247 -20.42 22.63 -20.12
CA ALA A 247 -20.92 21.27 -20.09
C ALA A 247 -21.94 21.08 -18.97
N LEU A 248 -21.61 21.58 -17.78
CA LEU A 248 -22.50 21.46 -16.63
C LEU A 248 -23.77 22.29 -16.76
N THR A 249 -23.61 23.55 -17.13
CA THR A 249 -24.73 24.48 -17.23
C THR A 249 -25.60 24.49 -18.49
N LYS A 250 -25.08 24.00 -19.62
CA LYS A 250 -25.88 24.06 -20.85
C LYS A 250 -26.01 22.77 -21.67
N VAL A 252 -26.93 19.65 -20.35
CA VAL A 252 -27.73 18.63 -19.68
C VAL A 252 -29.05 18.29 -20.37
N ASP A 253 -29.86 19.31 -20.66
CA ASP A 253 -31.15 19.08 -21.29
C ASP A 253 -31.11 18.26 -22.56
N ARG A 254 -30.15 18.56 -23.45
CA ARG A 254 -30.08 17.83 -24.70
C ARG A 254 -29.80 16.33 -24.54
N LEU A 255 -29.45 15.89 -23.35
CA LEU A 255 -29.19 14.47 -23.13
C LEU A 255 -30.42 13.65 -23.54
N LYS A 256 -31.59 14.28 -23.50
CA LYS A 256 -32.83 13.64 -23.88
C LYS A 256 -32.74 13.18 -25.34
N GLU A 257 -32.02 13.95 -26.17
CA GLU A 257 -31.87 13.61 -27.57
C GLU A 257 -31.09 12.31 -27.77
N ASP A 258 -30.07 12.10 -26.94
CA ASP A 258 -29.28 10.87 -27.05
C ASP A 258 -30.15 9.68 -26.68
N HIS A 259 -30.99 9.87 -25.68
CA HIS A 259 -31.91 8.83 -25.23
C HIS A 259 -32.89 8.49 -26.35
N GLU A 260 -33.46 9.51 -26.98
CA GLU A 260 -34.40 9.29 -28.08
C GLU A 260 -33.73 8.59 -29.26
N ASN A 261 -32.53 9.04 -29.61
CA ASN A 261 -31.78 8.46 -30.72
C ASN A 261 -31.45 6.99 -30.44
N ALA A 262 -31.14 6.67 -29.19
CA ALA A 262 -30.81 5.30 -28.81
C ALA A 262 -32.04 4.41 -28.98
N ARG A 263 -33.19 4.87 -28.49
CA ARG A 263 -34.40 4.08 -28.61
C ARG A 263 -34.77 3.88 -30.08
N PHE A 264 -34.75 4.96 -30.86
CA PHE A 264 -35.06 4.89 -32.28
C PHE A 264 -34.13 3.88 -32.96
N LEU A 265 -32.85 3.97 -32.66
CA LEU A 265 -31.86 3.06 -33.21
C LEU A 265 -32.19 1.60 -32.87
N ALA A 266 -32.57 1.35 -31.62
CA ALA A 266 -32.90 0.01 -31.19
C ALA A 266 -34.13 -0.55 -31.89
N LEU A 267 -35.19 0.26 -31.92
CA LEU A 267 -36.43 -0.15 -32.57
C LEU A 267 -36.19 -0.54 -34.03
N LYS A 268 -35.44 0.28 -34.75
CA LYS A 268 -35.16 0.00 -36.16
C LYS A 268 -34.25 -1.20 -36.35
N LEU A 269 -33.25 -1.37 -35.47
CA LEU A 269 -32.34 -2.51 -35.57
C LEU A 269 -33.14 -3.80 -35.39
N LYS A 270 -34.11 -3.78 -34.49
CA LYS A 270 -34.93 -4.95 -34.26
C LYS A 270 -35.76 -5.23 -35.52
N GLU A 271 -36.32 -4.17 -36.11
CA GLU A 271 -37.12 -4.30 -37.33
C GLU A 271 -36.32 -4.98 -38.44
N ILE A 272 -35.04 -4.60 -38.54
CA ILE A 272 -34.16 -5.18 -39.55
C ILE A 272 -33.95 -6.68 -39.31
N GLY A 273 -33.92 -7.07 -38.05
CA GLY A 273 -33.73 -8.48 -37.73
C GLY A 273 -32.59 -8.73 -36.75
N TYR A 274 -31.96 -7.65 -36.28
CA TYR A 274 -30.88 -7.77 -35.32
C TYR A 274 -31.42 -8.13 -33.95
N SER A 275 -30.62 -8.87 -33.19
CA SER A 275 -31.02 -9.30 -31.86
C SER A 275 -30.82 -8.17 -30.83
N VAL A 276 -31.83 -7.31 -30.71
CA VAL A 276 -31.80 -6.20 -29.77
C VAL A 276 -33.13 -6.11 -29.04
N ASN A 277 -33.10 -5.62 -27.80
CA ASN A 277 -34.30 -5.49 -27.00
C ASN A 277 -34.57 -4.01 -26.73
N PRO A 278 -35.38 -3.37 -27.59
CA PRO A 278 -35.68 -1.95 -27.41
C PRO A 278 -36.23 -1.63 -26.03
N GLU A 279 -36.92 -2.59 -25.42
CA GLU A 279 -37.49 -2.38 -24.09
C GLU A 279 -36.42 -2.17 -23.02
N ASP A 280 -35.20 -2.64 -23.28
CA ASP A 280 -34.10 -2.49 -22.33
C ASP A 280 -33.35 -1.18 -22.48
N VAL A 281 -33.63 -0.45 -23.54
CA VAL A 281 -32.97 0.82 -23.80
C VAL A 281 -33.59 1.96 -22.98
N LYS A 282 -32.98 2.25 -21.84
CA LYS A 282 -33.47 3.29 -20.93
C LYS A 282 -32.76 4.63 -21.08
N THR A 283 -31.46 4.58 -21.38
CA THR A 283 -30.71 5.82 -21.57
C THR A 283 -30.06 5.86 -22.95
N ASN A 284 -28.74 6.06 -23.02
CA ASN A 284 -28.07 6.17 -24.31
C ASN A 284 -27.31 4.93 -24.77
N VAL A 286 -27.40 0.79 -26.27
CA VAL A 286 -28.13 -0.30 -26.90
C VAL A 286 -27.22 -1.51 -27.02
N ILE A 287 -27.67 -2.64 -26.47
CA ILE A 287 -26.89 -3.88 -26.52
C ILE A 287 -27.35 -4.72 -27.69
N LEU A 288 -26.40 -5.08 -28.56
CA LEU A 288 -26.70 -5.88 -29.74
C LEU A 288 -26.05 -7.26 -29.68
N ARG A 289 -26.86 -8.32 -29.73
CA ARG A 289 -26.33 -9.68 -29.69
C ARG A 289 -26.01 -10.11 -31.11
N THR A 290 -25.04 -11.00 -31.27
CA THR A 290 -24.64 -11.47 -32.60
C THR A 290 -24.91 -12.94 -32.88
N ASP A 291 -25.56 -13.63 -31.94
CA ASP A 291 -25.84 -15.05 -32.06
C ASP A 291 -26.44 -15.51 -33.39
N ASN A 292 -27.30 -14.69 -33.98
CA ASN A 292 -27.91 -15.05 -35.25
C ASN A 292 -27.09 -14.66 -36.48
N LEU A 293 -25.94 -14.02 -36.25
CA LEU A 293 -25.09 -13.59 -37.37
C LEU A 293 -24.01 -14.63 -37.70
N LYS A 294 -23.54 -14.60 -38.95
CA LYS A 294 -22.52 -15.54 -39.44
C LYS A 294 -21.13 -15.34 -38.85
N VAL A 295 -20.90 -14.18 -38.23
CA VAL A 295 -19.62 -13.90 -37.58
C VAL A 295 -19.96 -13.39 -36.19
N ASN A 296 -19.05 -13.55 -35.25
CA ASN A 296 -19.25 -13.11 -33.87
C ASN A 296 -19.10 -11.58 -33.76
N ALA A 297 -19.19 -11.07 -32.54
CA ALA A 297 -19.10 -9.62 -32.28
C ALA A 297 -17.82 -8.98 -32.80
N HIS A 298 -16.70 -9.66 -32.66
CA HIS A 298 -15.43 -9.12 -33.12
C HIS A 298 -15.38 -9.06 -34.64
N GLY A 299 -15.93 -10.08 -35.27
CA GLY A 299 -15.93 -10.09 -36.72
C GLY A 299 -16.91 -9.08 -37.26
N PHE A 300 -18.02 -8.88 -36.55
CA PHE A 300 -19.03 -7.94 -37.00
C PHE A 300 -18.54 -6.51 -36.82
N ILE A 301 -17.81 -6.27 -35.74
CA ILE A 301 -17.25 -4.94 -35.46
C ILE A 301 -16.34 -4.51 -36.62
N GLU A 302 -15.61 -5.46 -37.19
CA GLU A 302 -14.72 -5.14 -38.32
C GLU A 302 -15.53 -4.83 -39.58
N ALA A 303 -16.63 -5.55 -39.78
CA ALA A 303 -17.48 -5.32 -40.95
C ALA A 303 -18.05 -3.92 -40.81
N LEU A 304 -18.50 -3.59 -39.60
CA LEU A 304 -19.06 -2.27 -39.34
C LEU A 304 -18.04 -1.17 -39.63
N ARG A 305 -16.82 -1.33 -39.10
CA ARG A 305 -15.79 -0.33 -39.33
C ARG A 305 -15.56 -0.13 -40.82
N ASN A 306 -15.49 -1.22 -41.57
CA ASN A 306 -15.28 -1.13 -43.01
C ASN A 306 -16.37 -0.31 -43.68
N SER A 307 -17.59 -0.35 -43.14
CA SER A 307 -18.69 0.41 -43.72
C SER A 307 -18.87 1.81 -43.13
N GLY A 308 -18.03 2.18 -42.18
CA GLY A 308 -18.13 3.51 -41.61
C GLY A 308 -18.73 3.65 -40.22
N VAL A 309 -18.95 2.54 -39.52
CA VAL A 309 -19.52 2.59 -38.19
C VAL A 309 -18.56 2.01 -37.15
N LEU A 310 -18.35 2.75 -36.06
CA LEU A 310 -17.46 2.30 -34.99
C LEU A 310 -18.27 1.88 -33.78
N ALA A 311 -17.94 0.72 -33.24
CA ALA A 311 -18.62 0.18 -32.06
C ALA A 311 -17.65 -0.76 -31.35
N ASN A 312 -17.93 -1.08 -30.10
CA ASN A 312 -17.06 -1.99 -29.35
C ASN A 312 -17.80 -3.28 -29.04
N ALA A 313 -17.04 -4.38 -28.98
CA ALA A 313 -17.61 -5.67 -28.64
C ALA A 313 -17.35 -5.75 -27.14
N VAL A 314 -18.33 -6.18 -26.35
CA VAL A 314 -18.12 -6.28 -24.92
C VAL A 314 -17.98 -7.74 -24.50
N SER A 315 -18.17 -8.63 -25.48
CA SER A 315 -18.04 -10.07 -25.28
C SER A 315 -18.02 -10.66 -26.69
N ASP A 316 -17.78 -11.97 -26.77
CA ASP A 316 -17.73 -12.62 -28.07
C ASP A 316 -19.07 -12.57 -28.81
N THR A 317 -20.15 -12.35 -28.07
CA THR A 317 -21.47 -12.31 -28.68
C THR A 317 -22.26 -11.01 -28.47
N GLU A 318 -21.62 -9.99 -27.91
CA GLU A 318 -22.31 -8.73 -27.67
C GLU A 318 -21.53 -7.49 -28.13
N ILE A 319 -22.28 -6.53 -28.65
CA ILE A 319 -21.73 -5.27 -29.12
C ILE A 319 -22.52 -4.17 -28.42
N ARG A 320 -21.83 -3.13 -27.98
CA ARG A 320 -22.50 -2.02 -27.31
C ARG A 320 -22.50 -0.80 -28.23
N LEU A 321 -23.65 -0.18 -28.39
CA LEU A 321 -23.79 1.00 -29.23
C LEU A 321 -24.15 2.14 -28.30
N VAL A 322 -23.41 3.23 -28.36
CA VAL A 322 -23.67 4.37 -27.48
C VAL A 322 -23.90 5.67 -28.25
N THR A 323 -25.01 6.35 -27.95
CA THR A 323 -25.33 7.62 -28.62
C THR A 323 -24.85 8.80 -27.80
N HIS A 324 -24.66 9.93 -28.46
CA HIS A 324 -24.19 11.13 -27.81
C HIS A 324 -24.31 12.31 -28.76
N LYS A 325 -23.89 13.47 -28.28
CA LYS A 325 -23.97 14.70 -29.06
C LYS A 325 -23.44 14.59 -30.48
N ASP A 326 -22.33 13.88 -30.66
CA ASP A 326 -21.78 13.77 -32.00
C ASP A 326 -22.34 12.66 -32.88
N VAL A 327 -23.53 12.20 -32.51
CA VAL A 327 -24.26 11.20 -33.28
C VAL A 327 -25.64 11.81 -33.47
N SER A 328 -25.86 12.47 -34.61
CA SER A 328 -27.16 13.11 -34.88
C SER A 328 -28.18 12.10 -35.39
N ARG A 329 -29.43 12.54 -35.53
CA ARG A 329 -30.47 11.65 -36.04
C ARG A 329 -30.08 11.22 -37.45
N ASN A 330 -29.50 12.15 -38.22
CA ASN A 330 -29.06 11.83 -39.58
C ASN A 330 -28.02 10.72 -39.53
N ASP A 331 -27.10 10.82 -38.58
CA ASP A 331 -26.07 9.80 -38.44
C ASP A 331 -26.71 8.47 -38.07
N ILE A 332 -27.75 8.51 -37.24
CA ILE A 332 -28.47 7.31 -36.84
C ILE A 332 -29.13 6.68 -38.06
N GLU A 333 -29.74 7.52 -38.88
CA GLU A 333 -30.41 7.04 -40.08
C GLU A 333 -29.40 6.47 -41.06
N GLU A 334 -28.23 7.11 -41.17
CA GLU A 334 -27.20 6.60 -42.07
C GLU A 334 -26.68 5.26 -41.55
N ALA A 335 -26.47 5.18 -40.24
CA ALA A 335 -25.98 3.96 -39.62
C ALA A 335 -26.97 2.82 -39.88
N LEU A 336 -28.26 3.11 -39.75
CA LEU A 336 -29.28 2.09 -39.98
C LEU A 336 -29.21 1.54 -41.41
N ASN A 337 -28.99 2.40 -42.40
CA ASN A 337 -28.90 1.93 -43.78
C ASN A 337 -27.71 0.99 -43.90
N ILE A 338 -26.64 1.27 -43.16
CA ILE A 338 -25.46 0.40 -43.19
C ILE A 338 -25.78 -0.93 -42.51
N PHE A 339 -26.44 -0.88 -41.36
CA PHE A 339 -26.82 -2.09 -40.64
C PHE A 339 -27.73 -2.95 -41.52
N GLU A 340 -28.62 -2.29 -42.26
CA GLU A 340 -29.52 -3.01 -43.15
C GLU A 340 -28.73 -3.78 -44.20
N LYS A 341 -27.78 -3.12 -44.84
CA LYS A 341 -26.98 -3.80 -45.86
C LYS A 341 -26.13 -4.92 -45.29
N LEU A 342 -25.64 -4.74 -44.06
CA LEU A 342 -24.82 -5.76 -43.43
C LEU A 342 -25.64 -6.96 -43.00
N PHE A 343 -26.91 -6.75 -42.65
CA PHE A 343 -27.76 -7.85 -42.24
C PHE A 343 -27.96 -8.80 -43.42
N ARG A 344 -28.09 -8.23 -44.62
CA ARG A 344 -28.27 -9.04 -45.82
C ARG A 344 -27.03 -9.91 -46.02
N LYS A 345 -25.88 -9.40 -45.61
CA LYS A 345 -24.63 -10.14 -45.77
C LYS A 345 -24.32 -11.13 -44.66
N PHE A 346 -24.59 -10.76 -43.42
CA PHE A 346 -24.24 -11.64 -42.30
C PHE A 346 -25.35 -12.38 -41.56
N SER A 347 -26.59 -12.23 -41.97
CA SER A 347 -27.68 -12.95 -41.30
C SER A 347 -27.57 -14.45 -41.64
N ILE B 6 32.77 -19.00 19.63
CA ILE B 6 32.45 -17.95 20.58
C ILE B 6 31.62 -16.96 19.76
N ASP B 7 30.33 -16.88 20.08
CA ASP B 7 29.38 -16.05 19.32
C ASP B 7 29.20 -14.64 19.87
N LEU B 8 29.82 -13.67 19.21
CA LEU B 8 29.70 -12.27 19.60
C LEU B 8 28.90 -11.50 18.55
N ARG B 9 28.18 -12.23 17.69
CA ARG B 9 27.37 -11.62 16.65
C ARG B 9 26.21 -10.77 17.16
N SER B 10 25.47 -11.29 18.14
CA SER B 10 24.33 -10.57 18.65
C SER B 10 23.80 -11.25 19.91
N ASP B 11 22.98 -10.53 20.67
CA ASP B 11 22.40 -11.09 21.88
C ASP B 11 21.14 -11.89 21.52
N THR B 12 20.82 -11.93 20.23
CA THR B 12 19.64 -12.68 19.78
C THR B 12 19.87 -14.19 19.86
N VAL B 13 21.14 -14.59 19.83
CA VAL B 13 21.49 -16.01 19.87
C VAL B 13 21.35 -16.67 21.23
N THR B 14 20.96 -15.88 22.24
CA THR B 14 20.79 -16.43 23.57
C THR B 14 19.81 -17.61 23.57
N LYS B 15 20.16 -18.66 24.29
CA LYS B 15 19.32 -19.84 24.38
C LYS B 15 18.61 -19.92 25.72
N PRO B 16 17.50 -20.64 25.78
CA PRO B 16 16.69 -20.80 27.00
C PRO B 16 17.46 -21.37 28.17
N THR B 17 17.17 -20.87 29.36
CA THR B 17 17.79 -21.37 30.58
C THR B 17 17.00 -22.62 30.95
N GLU B 18 17.53 -23.45 31.85
CA GLU B 18 16.82 -24.66 32.25
C GLU B 18 15.47 -24.30 32.86
N GLU B 19 15.45 -23.23 33.64
CA GLU B 19 14.23 -22.77 34.28
C GLU B 19 13.18 -22.50 33.19
N ARG B 21 13.06 -23.76 30.02
CA ARG B 21 12.63 -24.99 29.37
C ARG B 21 11.55 -25.68 30.20
N LYS B 22 11.73 -25.77 31.52
CA LYS B 22 10.74 -26.40 32.39
C LYS B 22 9.42 -25.63 32.38
N ALA B 23 9.50 -24.30 32.41
CA ALA B 23 8.31 -23.47 32.42
C ALA B 23 7.50 -23.66 31.13
N ALA B 25 7.43 -26.33 29.22
CA ALA B 25 6.85 -27.66 29.24
C ALA B 25 5.62 -27.74 30.12
N GLN B 26 5.60 -26.96 31.20
CA GLN B 26 4.50 -26.94 32.16
C GLN B 26 3.55 -25.76 31.95
N ALA B 27 3.74 -25.03 30.84
CA ALA B 27 2.92 -23.86 30.56
C ALA B 27 1.41 -24.11 30.47
N GLU B 28 0.64 -23.28 31.18
CA GLU B 28 -0.82 -23.35 31.16
C GLU B 28 -1.19 -22.50 29.93
N VAL B 29 -1.85 -23.10 28.96
CA VAL B 29 -2.20 -22.39 27.73
C VAL B 29 -3.68 -22.33 27.40
N GLY B 30 -4.00 -21.54 26.38
CA GLY B 30 -5.36 -21.39 25.92
C GLY B 30 -5.27 -20.83 24.52
N ASP B 31 -6.40 -20.56 23.87
CA ASP B 31 -6.38 -20.01 22.52
C ASP B 31 -6.27 -18.49 22.62
N ASP B 32 -5.12 -17.95 22.26
CA ASP B 32 -4.92 -16.50 22.34
C ASP B 32 -5.88 -15.67 21.48
N VAL B 33 -6.32 -16.22 20.34
CA VAL B 33 -7.22 -15.45 19.49
C VAL B 33 -8.49 -15.10 20.27
N TYR B 34 -8.86 -15.93 21.24
CA TYR B 34 -10.04 -15.66 22.07
C TYR B 34 -9.61 -14.99 23.36
N GLY B 35 -8.34 -14.63 23.46
CA GLY B 35 -7.80 -13.99 24.65
C GLY B 35 -7.88 -14.93 25.84
N GLU B 36 -7.75 -16.23 25.58
CA GLU B 36 -7.85 -17.23 26.64
C GLU B 36 -6.57 -17.92 27.10
N ASP B 37 -5.41 -17.43 26.69
CA ASP B 37 -4.17 -18.04 27.15
C ASP B 37 -3.74 -17.32 28.43
N PRO B 38 -3.84 -18.02 29.57
CA PRO B 38 -3.49 -17.49 30.90
C PRO B 38 -2.08 -16.94 31.02
N THR B 39 -1.12 -17.62 30.40
CA THR B 39 0.27 -17.21 30.48
C THR B 39 0.55 -16.00 29.62
N ILE B 40 -0.07 -15.93 28.44
CA ILE B 40 0.09 -14.77 27.58
C ILE B 40 -0.56 -13.59 28.31
N ASN B 41 -1.74 -13.83 28.89
CA ASN B 41 -2.45 -12.77 29.58
C ASN B 41 -1.65 -12.20 30.76
N GLU B 42 -0.99 -13.07 31.53
CA GLU B 42 -0.19 -12.64 32.66
C GLU B 42 1.07 -11.91 32.18
N LEU B 43 1.67 -12.38 31.09
CA LEU B 43 2.87 -11.72 30.56
C LEU B 43 2.51 -10.29 30.16
N GLU B 44 1.39 -10.13 29.47
CA GLU B 44 0.97 -8.80 29.05
C GLU B 44 0.61 -7.93 30.26
N ARG B 45 -0.06 -8.50 31.25
CA ARG B 45 -0.41 -7.73 32.45
C ARG B 45 0.86 -7.26 33.13
N LEU B 46 1.81 -8.19 33.27
CA LEU B 46 3.09 -7.90 33.90
C LEU B 46 3.88 -6.85 33.10
N ALA B 47 3.90 -6.99 31.78
CA ALA B 47 4.62 -6.04 30.92
C ALA B 47 4.04 -4.64 31.08
N ALA B 48 2.70 -4.54 31.00
CA ALA B 48 2.01 -3.27 31.15
C ALA B 48 2.35 -2.62 32.49
N GLU B 49 2.20 -3.40 33.56
CA GLU B 49 2.48 -2.93 34.92
C GLU B 49 3.92 -2.44 35.06
N THR B 50 4.85 -3.25 34.56
CA THR B 50 6.26 -2.92 34.62
C THR B 50 6.58 -1.60 33.95
N PHE B 51 5.90 -1.32 32.83
CA PHE B 51 6.15 -0.08 32.09
C PHE B 51 5.21 1.07 32.46
N GLY B 52 4.34 0.84 33.44
CA GLY B 52 3.42 1.88 33.86
C GLY B 52 2.40 2.23 32.81
N LYS B 53 1.97 1.24 32.04
CA LYS B 53 0.97 1.47 31.00
C LYS B 53 -0.27 0.63 31.31
N GLU B 54 -1.38 0.93 30.67
CA GLU B 54 -2.60 0.19 30.93
C GLU B 54 -2.78 -1.09 30.13
N ALA B 55 -2.01 -1.25 29.05
CA ALA B 55 -2.16 -2.45 28.23
C ALA B 55 -0.88 -2.88 27.53
N ALA B 56 -0.85 -4.14 27.10
CA ALA B 56 0.32 -4.70 26.44
C ALA B 56 -0.08 -5.75 25.42
N LEU B 57 0.82 -6.02 24.49
CA LEU B 57 0.56 -6.99 23.43
C LEU B 57 1.83 -7.77 23.11
N PHE B 58 1.73 -9.10 23.18
CA PHE B 58 2.87 -9.98 22.87
C PHE B 58 2.91 -10.17 21.35
N VAL B 59 4.12 -10.16 20.79
CA VAL B 59 4.29 -10.34 19.34
C VAL B 59 5.46 -11.28 19.07
N PRO B 60 5.45 -11.96 17.91
CA PRO B 60 6.51 -12.91 17.51
C PRO B 60 7.90 -12.33 17.32
N SER B 61 7.99 -11.01 17.15
CA SER B 61 9.29 -10.39 16.94
C SER B 61 9.25 -8.89 17.21
N GLY B 62 10.43 -8.30 17.42
CA GLY B 62 10.51 -6.88 17.66
C GLY B 62 10.10 -6.12 16.41
N THR B 63 10.41 -6.68 15.25
CA THR B 63 10.04 -6.05 13.99
C THR B 63 8.52 -5.86 13.95
N GLY B 65 6.55 -5.80 16.43
CA GLY B 65 6.20 -4.90 17.51
C GLY B 65 6.25 -3.45 17.03
N ASN B 66 7.32 -3.12 16.30
CA ASN B 66 7.50 -1.77 15.77
C ASN B 66 6.45 -1.48 14.70
N GLN B 67 6.29 -2.42 13.77
CA GLN B 67 5.33 -2.23 12.68
C GLN B 67 3.87 -2.16 13.09
N VAL B 68 3.44 -2.97 14.05
CA VAL B 68 2.03 -2.85 14.46
C VAL B 68 1.85 -1.52 15.17
N SER B 69 2.91 -1.06 15.84
CA SER B 69 2.87 0.22 16.55
C SER B 69 2.75 1.34 15.53
N ILE B 70 3.55 1.27 14.46
CA ILE B 70 3.50 2.29 13.42
C ILE B 70 2.10 2.31 12.80
N ALA B 72 -0.74 1.36 14.09
CA ALA B 72 -1.71 1.86 15.06
C ALA B 72 -1.59 3.36 15.37
N HIS B 73 -0.46 3.96 15.03
CA HIS B 73 -0.24 5.38 15.29
C HIS B 73 -0.44 6.25 14.04
N THR B 74 -0.44 5.63 12.86
CA THR B 74 -0.52 6.40 11.63
C THR B 74 -1.63 6.09 10.64
N GLN B 75 -1.71 6.92 9.61
CA GLN B 75 -2.67 6.79 8.54
C GLN B 75 -1.86 6.83 7.26
N ARG B 76 -2.37 6.24 6.19
CA ARG B 76 -1.66 6.22 4.92
C ARG B 76 -1.19 7.62 4.52
N GLY B 77 0.05 7.72 4.06
CA GLY B 77 0.58 9.01 3.64
C GLY B 77 1.22 9.83 4.75
N ASP B 78 1.17 9.33 5.97
CA ASP B 78 1.77 10.05 7.10
C ASP B 78 3.29 9.95 7.02
N GLU B 79 3.97 10.74 7.84
CA GLU B 79 5.42 10.72 7.90
C GLU B 79 5.82 10.36 9.33
N VAL B 80 6.92 9.62 9.46
CA VAL B 80 7.42 9.21 10.77
C VAL B 80 8.84 9.71 10.98
N ILE B 81 9.03 10.55 11.99
CA ILE B 81 10.36 11.07 12.28
C ILE B 81 11.11 9.98 13.04
N LEU B 82 12.34 9.71 12.63
CA LEU B 82 13.17 8.71 13.31
C LEU B 82 14.65 9.00 13.10
N GLU B 83 15.47 8.49 14.02
CA GLU B 83 16.91 8.69 13.96
C GLU B 83 17.49 8.09 12.68
N ALA B 84 18.39 8.83 12.05
CA ALA B 84 19.01 8.43 10.77
C ALA B 84 19.58 7.02 10.69
N ASP B 85 20.09 6.52 11.82
CA ASP B 85 20.67 5.18 11.85
C ASP B 85 19.85 4.17 12.65
N SER B 86 18.55 4.39 12.76
CA SER B 86 17.70 3.49 13.53
C SER B 86 17.31 2.20 12.81
N HIS B 87 17.06 1.16 13.62
CA HIS B 87 16.69 -0.16 13.12
C HIS B 87 15.45 -0.14 12.23
N ILE B 88 14.44 0.63 12.63
CA ILE B 88 13.20 0.71 11.85
C ILE B 88 13.45 1.16 10.40
N PHE B 89 14.41 2.06 10.24
CA PHE B 89 14.75 2.60 8.93
C PHE B 89 15.68 1.68 8.14
N TRP B 90 16.69 1.12 8.81
CA TRP B 90 17.66 0.27 8.14
C TRP B 90 17.45 -1.24 8.10
N TYR B 91 16.91 -1.80 9.16
CA TYR B 91 16.77 -3.24 9.24
C TYR B 91 15.39 -3.89 9.25
N GLU B 92 14.35 -3.16 8.86
CA GLU B 92 13.02 -3.76 8.87
C GLU B 92 12.35 -3.91 7.52
N VAL B 93 13.15 -4.34 6.54
CA VAL B 93 12.70 -4.63 5.18
C VAL B 93 11.80 -3.60 4.50
N GLY B 94 11.91 -2.35 4.92
CA GLY B 94 11.08 -1.31 4.31
C GLY B 94 9.61 -1.54 4.60
N ALA B 95 9.34 -2.30 5.65
CA ALA B 95 7.98 -2.62 6.06
C ALA B 95 7.06 -1.42 6.31
N ALA B 97 6.77 1.32 4.75
CA ALA B 97 6.20 1.84 3.51
C ALA B 97 5.13 0.89 2.98
N VAL B 98 5.40 -0.41 3.05
CA VAL B 98 4.47 -1.40 2.56
C VAL B 98 3.25 -1.63 3.43
N LEU B 99 3.45 -1.82 4.72
CA LEU B 99 2.34 -2.09 5.63
C LEU B 99 1.49 -0.89 6.02
N SER B 100 2.13 0.24 6.30
CA SER B 100 1.40 1.45 6.72
C SER B 100 1.34 2.57 5.66
N GLY B 101 2.07 2.39 4.57
CA GLY B 101 2.07 3.42 3.54
C GLY B 101 2.57 4.76 4.06
N VAL B 102 3.59 4.72 4.93
CA VAL B 102 4.13 5.95 5.48
C VAL B 102 5.56 6.23 5.07
N PRO B 104 9.42 7.73 5.92
CA PRO B 104 10.34 7.91 7.05
C PRO B 104 10.94 9.29 6.87
N HIS B 105 11.14 10.03 7.96
CA HIS B 105 11.74 11.35 7.90
C HIS B 105 12.97 11.28 8.81
N PRO B 106 14.12 10.90 8.25
CA PRO B 106 15.40 10.75 8.96
C PRO B 106 15.95 12.04 9.56
N VAL B 107 16.37 11.95 10.83
CA VAL B 107 16.96 13.08 11.52
C VAL B 107 18.26 12.58 12.11
N PRO B 108 19.35 13.29 11.84
CA PRO B 108 20.67 12.91 12.35
C PRO B 108 20.60 12.87 13.86
N GLY B 109 21.44 12.05 14.47
CA GLY B 109 21.44 11.97 15.92
C GLY B 109 22.85 11.73 16.43
N LYS B 110 23.09 12.11 17.67
CA LYS B 110 24.39 11.88 18.28
C LYS B 110 24.20 10.72 19.23
N ASN B 111 24.68 9.56 18.82
CA ASN B 111 24.57 8.33 19.61
C ASN B 111 23.12 8.05 19.97
N GLY B 112 22.24 8.16 18.98
CA GLY B 112 20.83 7.89 19.19
C GLY B 112 20.01 9.08 19.66
N ALA B 113 20.68 10.13 20.12
CA ALA B 113 19.98 11.32 20.59
C ALA B 113 19.80 12.40 19.52
N ASP B 115 18.79 15.91 18.24
CA ASP B 115 18.68 17.19 18.93
C ASP B 115 17.22 17.60 18.86
N PRO B 116 16.63 17.94 20.01
CA PRO B 116 15.22 18.35 20.07
C PRO B 116 14.86 19.43 19.04
N ASP B 117 15.77 20.38 18.84
CA ASP B 117 15.50 21.44 17.88
C ASP B 117 15.38 20.87 16.46
N ASP B 118 16.22 19.89 16.12
CA ASP B 118 16.14 19.28 14.80
C ASP B 118 14.79 18.57 14.64
N VAL B 119 14.35 17.91 15.71
CA VAL B 119 13.07 17.22 15.68
C VAL B 119 11.97 18.24 15.39
N ARG B 120 12.02 19.35 16.12
CA ARG B 120 11.04 20.41 15.96
C ARG B 120 10.95 20.89 14.51
N LYS B 121 12.10 21.05 13.86
CA LYS B 121 12.15 21.52 12.47
C LYS B 121 11.73 20.46 11.46
N ALA B 122 11.84 19.19 11.84
CA ALA B 122 11.48 18.09 10.96
C ALA B 122 9.98 17.92 10.86
N ILE B 123 9.24 18.49 11.80
CA ILE B 123 7.79 18.37 11.78
C ILE B 123 7.28 19.14 10.56
N ARG B 124 6.47 18.48 9.74
CA ARG B 124 5.94 19.08 8.54
C ARG B 124 4.88 20.14 8.74
N PRO B 125 5.01 21.28 8.05
CA PRO B 125 4.00 22.34 8.19
C PRO B 125 2.72 21.84 7.53
N ARG B 126 1.58 22.42 7.91
CA ARG B 126 0.32 22.03 7.29
C ARG B 126 0.31 22.60 5.88
N ASN B 127 0.50 21.73 4.89
CA ASN B 127 0.53 22.16 3.50
C ASN B 127 0.14 20.97 2.62
N ILE B 128 -0.55 21.24 1.53
CA ILE B 128 -1.00 20.17 0.64
C ILE B 128 0.12 19.31 0.07
N HIS B 129 1.32 19.88 -0.11
CA HIS B 129 2.46 19.13 -0.65
C HIS B 129 3.09 18.17 0.36
N PHE B 130 2.83 18.39 1.64
CA PHE B 130 3.46 17.60 2.70
C PHE B 130 2.64 16.56 3.45
N PRO B 131 3.26 15.41 3.76
CA PRO B 131 2.57 14.35 4.49
C PRO B 131 2.45 14.87 5.93
N ARG B 132 1.54 14.31 6.71
CA ARG B 132 1.38 14.75 8.09
C ARG B 132 2.34 14.00 9.02
N THR B 133 3.12 14.73 9.80
CA THR B 133 4.02 14.11 10.75
C THR B 133 3.14 13.66 11.92
N SER B 134 2.95 12.36 12.06
CA SER B 134 2.08 11.87 13.13
C SER B 134 2.81 10.99 14.13
N LEU B 135 4.08 10.71 13.88
CA LEU B 135 4.82 9.85 14.78
C LEU B 135 6.32 10.14 14.83
N ILE B 136 6.88 10.07 16.03
CA ILE B 136 8.31 10.26 16.24
C ILE B 136 8.78 9.02 16.97
N ALA B 137 9.79 8.35 16.43
CA ALA B 137 10.32 7.13 17.05
C ALA B 137 11.71 7.40 17.62
N ILE B 138 11.96 6.82 18.79
CA ILE B 138 13.23 6.94 19.49
C ILE B 138 13.70 5.54 19.84
N GLU B 139 14.97 5.24 19.57
CA GLU B 139 15.52 3.91 19.84
C GLU B 139 16.41 3.97 21.08
N ASN B 140 16.03 3.31 22.19
CA ASN B 140 16.91 3.39 23.34
C ASN B 140 17.81 2.20 23.64
N THR B 141 19.06 2.57 23.46
CA THR B 141 20.35 1.91 23.47
C THR B 141 20.18 1.83 21.97
N HIS B 142 20.80 2.81 21.33
CA HIS B 142 20.79 2.93 19.91
C HIS B 142 21.80 1.88 19.48
N ASN B 143 21.34 0.93 18.66
CA ASN B 143 22.19 -0.15 18.19
C ASN B 143 23.40 0.28 17.37
N ARG B 144 23.14 0.89 16.21
CA ARG B 144 24.20 1.31 15.30
C ARG B 144 25.34 2.15 15.88
N SER B 145 25.08 2.93 16.92
CA SER B 145 26.14 3.76 17.51
C SER B 145 26.93 3.00 18.58
N GLY B 146 26.62 1.71 18.76
CA GLY B 146 27.33 0.92 19.75
C GLY B 146 26.56 0.64 21.03
N GLY B 147 25.25 0.51 20.93
CA GLY B 147 24.43 0.25 22.11
C GLY B 147 24.48 1.43 23.08
N ARG B 148 24.40 2.63 22.52
CA ARG B 148 24.44 3.85 23.31
C ARG B 148 23.13 4.15 24.01
N VAL B 149 23.23 4.74 25.20
CA VAL B 149 22.04 5.08 25.99
C VAL B 149 21.55 6.50 25.69
N VAL B 150 20.29 6.61 25.28
CA VAL B 150 19.70 7.91 25.01
C VAL B 150 19.30 8.52 26.36
N PRO B 151 19.80 9.73 26.68
CA PRO B 151 19.49 10.41 27.95
C PRO B 151 18.00 10.62 28.17
N LEU B 152 17.56 10.48 29.42
CA LEU B 152 16.16 10.68 29.75
C LEU B 152 15.71 12.10 29.38
N GLU B 153 16.61 13.05 29.56
CA GLU B 153 16.30 14.45 29.25
C GLU B 153 16.01 14.65 27.76
N ASN B 154 16.65 13.86 26.91
CA ASN B 154 16.44 13.96 25.47
C ASN B 154 15.01 13.50 25.14
N ILE B 155 14.62 12.35 25.72
CA ILE B 155 13.29 11.79 25.51
C ILE B 155 12.24 12.72 26.11
N LYS B 156 12.57 13.34 27.25
CA LYS B 156 11.64 14.25 27.91
C LYS B 156 11.36 15.49 27.07
N GLU B 157 12.39 16.06 26.46
CA GLU B 157 12.17 17.26 25.66
C GLU B 157 11.41 16.95 24.36
N ILE B 158 11.69 15.80 23.77
CA ILE B 158 11.02 15.39 22.55
C ILE B 158 9.53 15.15 22.84
N CYS B 159 9.25 14.61 24.02
CA CYS B 159 7.86 14.36 24.42
C CYS B 159 7.11 15.69 24.51
N THR B 160 7.76 16.72 25.06
CA THR B 160 7.12 18.03 25.18
C THR B 160 6.79 18.57 23.78
N ILE B 161 7.73 18.41 22.85
CA ILE B 161 7.51 18.87 21.49
C ILE B 161 6.35 18.10 20.87
N ALA B 162 6.37 16.79 21.02
CA ALA B 162 5.31 15.96 20.47
C ALA B 162 3.93 16.37 20.98
N LYS B 163 3.80 16.54 22.29
CA LYS B 163 2.51 16.91 22.91
C LYS B 163 1.95 18.21 22.36
N GLU B 164 2.84 19.18 22.24
CA GLU B 164 2.60 20.53 21.72
C GLU B 164 1.97 20.42 20.31
N HIS B 165 2.44 19.45 19.51
CA HIS B 165 1.96 19.23 18.14
C HIS B 165 0.92 18.12 17.97
N GLY B 166 0.56 17.45 19.06
CA GLY B 166 -0.41 16.37 18.97
C GLY B 166 0.15 15.18 18.19
N ILE B 167 1.45 14.96 18.32
CA ILE B 167 2.14 13.86 17.64
C ILE B 167 2.45 12.72 18.61
N ASN B 168 2.30 11.49 18.14
CA ASN B 168 2.57 10.30 18.97
C ASN B 168 4.06 10.00 19.08
N VAL B 169 4.46 9.42 20.21
CA VAL B 169 5.84 9.06 20.44
C VAL B 169 5.96 7.58 20.74
N HIS B 170 6.78 6.88 19.95
CA HIS B 170 7.00 5.46 20.13
C HIS B 170 8.48 5.23 20.42
N ILE B 171 8.76 4.41 21.42
CA ILE B 171 10.15 4.11 21.75
C ILE B 171 10.49 2.69 21.33
N ASP B 172 11.51 2.55 20.50
CA ASP B 172 11.94 1.23 20.10
C ASP B 172 12.87 0.86 21.25
N GLY B 173 12.31 0.17 22.24
CA GLY B 173 13.10 -0.23 23.39
C GLY B 173 13.51 -1.69 23.34
N ALA B 174 13.91 -2.15 22.16
CA ALA B 174 14.34 -3.54 22.01
C ALA B 174 15.30 -3.89 23.14
N ARG B 175 16.19 -2.96 23.47
CA ARG B 175 17.17 -3.17 24.53
C ARG B 175 17.04 -2.09 25.60
N ILE B 176 15.81 -1.76 25.92
CA ILE B 176 15.55 -0.71 26.90
C ILE B 176 15.94 -1.12 28.31
N PHE B 177 15.98 -2.41 28.59
CA PHE B 177 16.39 -2.86 29.92
C PHE B 177 17.90 -2.72 30.07
N ASN B 178 18.64 -2.80 28.96
CA ASN B 178 20.09 -2.60 29.03
C ASN B 178 20.32 -1.13 29.36
N ALA B 179 19.49 -0.27 28.75
CA ALA B 179 19.56 1.16 28.96
C ALA B 179 19.28 1.51 30.42
N SER B 180 18.26 0.86 30.97
CA SER B 180 17.85 1.08 32.35
C SER B 180 18.90 0.64 33.37
N ILE B 181 19.54 -0.50 33.13
CA ILE B 181 20.55 -1.00 34.03
C ILE B 181 21.79 -0.09 34.02
N ALA B 182 22.14 0.42 32.83
CA ALA B 182 23.29 1.30 32.71
C ALA B 182 23.02 2.70 33.26
N SER B 183 21.82 3.22 33.02
CA SER B 183 21.49 4.58 33.44
C SER B 183 20.88 4.74 34.83
N GLY B 184 20.20 3.71 35.32
CA GLY B 184 19.56 3.83 36.61
C GLY B 184 18.16 4.38 36.48
N VAL B 185 17.73 4.59 35.24
CA VAL B 185 16.40 5.10 34.93
C VAL B 185 15.45 3.91 34.73
N PRO B 186 14.39 3.81 35.54
CA PRO B 186 13.42 2.70 35.44
C PRO B 186 12.74 2.74 34.07
N VAL B 187 12.41 1.58 33.51
CA VAL B 187 11.77 1.56 32.21
C VAL B 187 10.44 2.31 32.23
N LYS B 188 9.75 2.29 33.38
CA LYS B 188 8.50 3.02 33.46
C LYS B 188 8.72 4.54 33.35
N GLU B 189 9.92 5.02 33.71
CA GLU B 189 10.17 6.46 33.58
C GLU B 189 10.39 6.86 32.12
N TYR B 190 11.13 6.05 31.36
CA TYR B 190 11.34 6.33 29.94
C TYR B 190 9.97 6.30 29.25
N ALA B 191 9.19 5.26 29.54
CA ALA B 191 7.87 5.06 28.94
C ALA B 191 6.86 6.12 29.35
N GLY B 192 7.10 6.77 30.49
CA GLY B 192 6.19 7.81 30.94
C GLY B 192 6.20 8.96 29.96
N TYR B 193 7.27 9.07 29.18
CA TYR B 193 7.41 10.13 28.20
C TYR B 193 7.18 9.67 26.77
N ALA B 194 6.45 8.58 26.62
CA ALA B 194 6.14 8.03 25.30
C ALA B 194 4.71 7.53 25.32
N ASP B 195 4.13 7.33 24.14
CA ASP B 195 2.78 6.83 24.05
C ASP B 195 2.83 5.30 23.99
N SER B 196 3.88 4.77 23.39
CA SER B 196 4.05 3.33 23.30
C SER B 196 5.53 2.94 23.38
N VAL B 197 5.78 1.69 23.74
CA VAL B 197 7.15 1.20 23.81
C VAL B 197 7.17 -0.27 23.37
N PHE B 199 9.62 -3.66 23.51
CA PHE B 199 10.83 -4.18 24.11
C PHE B 199 10.93 -5.66 23.74
N CYS B 200 12.15 -6.14 23.60
CA CYS B 200 12.35 -7.55 23.23
C CYS B 200 12.60 -8.43 24.43
N LEU B 201 12.14 -9.67 24.33
CA LEU B 201 12.33 -10.66 25.38
C LEU B 201 13.37 -11.66 24.88
N SER B 202 13.51 -11.72 23.56
CA SER B 202 14.41 -12.66 22.89
C SER B 202 15.87 -12.25 22.69
N GLY B 204 18.90 -9.94 25.12
CA GLY B 204 19.63 -10.09 26.37
C GLY B 204 18.84 -10.79 27.46
N LEU B 205 17.51 -10.70 27.42
CA LEU B 205 16.68 -11.34 28.43
C LEU B 205 16.58 -12.86 28.26
N CYS B 206 17.08 -13.37 27.15
CA CYS B 206 17.15 -14.81 26.87
C CYS B 206 15.91 -15.63 26.51
N ALA B 207 14.79 -14.99 26.20
CA ALA B 207 13.62 -15.74 25.79
C ALA B 207 13.89 -16.26 24.38
N PRO B 208 13.31 -17.41 24.02
CA PRO B 208 13.53 -17.97 22.68
C PRO B 208 12.80 -17.23 21.56
N VAL B 209 11.65 -16.65 21.88
CA VAL B 209 10.86 -15.95 20.88
C VAL B 209 10.02 -14.80 21.43
N GLY B 210 9.98 -13.71 20.68
CA GLY B 210 9.10 -12.61 21.07
C GLY B 210 9.53 -11.31 21.70
N SER B 211 8.60 -10.37 21.60
CA SER B 211 8.75 -9.02 22.14
C SER B 211 7.36 -8.63 22.62
N VAL B 212 7.27 -7.43 23.21
CA VAL B 212 5.98 -6.96 23.72
C VAL B 212 5.82 -5.46 23.49
N VAL B 213 4.60 -5.05 23.15
CA VAL B 213 4.32 -3.64 22.94
C VAL B 213 3.42 -3.20 24.10
N VAL B 214 3.74 -2.05 24.68
CA VAL B 214 2.95 -1.51 25.79
C VAL B 214 2.41 -0.14 25.40
N GLY B 215 1.25 0.23 25.93
CA GLY B 215 0.66 1.51 25.60
C GLY B 215 -0.75 1.65 26.13
N ASP B 216 -1.50 2.61 25.61
CA ASP B 216 -2.88 2.81 26.07
C ASP B 216 -3.80 1.73 25.53
N ARG B 217 -4.93 1.52 26.21
CA ARG B 217 -5.90 0.50 25.84
C ARG B 217 -6.32 0.55 24.37
N ASP B 218 -6.74 1.72 23.90
CA ASP B 218 -7.19 1.87 22.52
C ASP B 218 -6.08 1.55 21.52
N PHE B 219 -4.91 2.12 21.75
CA PHE B 219 -3.75 1.91 20.90
C PHE B 219 -3.45 0.41 20.78
N ILE B 220 -3.44 -0.27 21.93
CA ILE B 220 -3.16 -1.70 21.95
C ILE B 220 -4.25 -2.48 21.21
N GLU B 221 -5.49 -2.03 21.30
CA GLU B 221 -6.56 -2.70 20.60
C GLU B 221 -6.28 -2.61 19.10
N ARG B 222 -5.87 -1.44 18.62
CA ARG B 222 -5.56 -1.28 17.20
C ARG B 222 -4.34 -2.12 16.83
N ALA B 223 -3.33 -2.13 17.70
CA ALA B 223 -2.13 -2.91 17.44
C ALA B 223 -2.45 -4.40 17.42
N ARG B 224 -3.42 -4.83 18.22
CA ARG B 224 -3.79 -6.24 18.27
C ARG B 224 -4.44 -6.63 16.94
N LYS B 225 -5.26 -5.74 16.39
CA LYS B 225 -5.91 -6.01 15.11
C LYS B 225 -4.86 -6.01 14.00
N ALA B 226 -3.87 -5.12 14.11
CA ALA B 226 -2.78 -5.06 13.12
C ALA B 226 -2.01 -6.38 13.18
N ARG B 227 -1.78 -6.86 14.40
CA ARG B 227 -1.06 -8.13 14.59
C ARG B 227 -1.83 -9.25 13.90
N LYS B 228 -3.16 -9.24 14.04
CA LYS B 228 -3.98 -10.27 13.42
C LYS B 228 -3.79 -10.22 11.91
N LEU B 230 -1.17 -8.98 10.17
CA LEU B 230 0.19 -9.35 9.79
C LEU B 230 0.49 -10.84 9.95
N GLY B 231 -0.33 -11.54 10.74
CA GLY B 231 -0.12 -12.96 10.93
C GLY B 231 0.47 -13.32 12.28
N GLY B 232 0.42 -12.39 13.22
CA GLY B 232 0.96 -12.63 14.54
C GLY B 232 -0.06 -13.17 15.53
N GLY B 233 -1.30 -13.36 15.08
CA GLY B 233 -2.33 -13.90 15.95
C GLY B 233 -2.16 -15.40 16.11
N ARG B 235 -2.08 -19.22 18.52
CA ARG B 235 -3.01 -19.95 19.37
C ARG B 235 -2.50 -20.14 20.78
N GLN B 236 -1.94 -21.32 21.09
CA GLN B 236 -1.44 -21.57 22.44
C GLN B 236 -0.04 -20.99 22.64
N ALA B 237 0.10 -19.69 22.42
CA ALA B 237 1.39 -19.00 22.55
C ALA B 237 1.89 -18.95 23.99
N GLY B 238 1.09 -19.46 24.92
CA GLY B 238 1.49 -19.47 26.31
C GLY B 238 2.79 -20.23 26.51
N VAL B 239 3.09 -21.15 25.61
CA VAL B 239 4.33 -21.90 25.73
C VAL B 239 5.49 -20.92 25.61
N LEU B 240 5.35 -19.93 24.74
CA LEU B 240 6.39 -18.92 24.55
C LEU B 240 6.36 -17.88 25.68
N ALA B 241 5.14 -17.50 26.10
CA ALA B 241 5.00 -16.51 27.17
C ALA B 241 5.58 -17.00 28.50
N ALA B 242 5.54 -18.31 28.73
CA ALA B 242 6.09 -18.85 29.98
C ALA B 242 7.56 -18.47 30.10
N ALA B 243 8.30 -18.55 29.00
CA ALA B 243 9.72 -18.19 29.03
C ALA B 243 9.81 -16.67 29.08
N GLY B 244 8.81 -16.02 28.49
CA GLY B 244 8.80 -14.56 28.48
C GLY B 244 8.68 -13.98 29.87
N ILE B 245 7.83 -14.58 30.70
CA ILE B 245 7.65 -14.11 32.07
C ILE B 245 8.96 -14.22 32.84
N ILE B 246 9.68 -15.32 32.66
CA ILE B 246 10.96 -15.51 33.35
C ILE B 246 11.97 -14.47 32.86
N ALA B 247 11.97 -14.20 31.56
CA ALA B 247 12.87 -13.24 30.98
C ALA B 247 12.67 -11.86 31.60
N LEU B 248 11.40 -11.45 31.66
CA LEU B 248 11.04 -10.15 32.22
C LEU B 248 11.28 -9.98 33.73
N THR B 249 10.97 -11.02 34.51
CA THR B 249 11.11 -10.94 35.96
C THR B 249 12.37 -11.49 36.59
N LYS B 250 13.16 -12.27 35.86
CA LYS B 250 14.35 -12.84 36.47
C LYS B 250 15.65 -12.64 35.69
N VAL B 252 16.59 -9.59 34.08
CA VAL B 252 16.98 -8.18 33.95
C VAL B 252 18.25 -7.81 34.72
N ASP B 253 18.30 -8.18 35.99
CA ASP B 253 19.45 -7.83 36.82
C ASP B 253 20.79 -8.28 36.26
N ARG B 254 20.90 -9.54 35.85
CA ARG B 254 22.15 -10.07 35.33
C ARG B 254 22.66 -9.38 34.06
N LEU B 255 21.87 -8.47 33.49
CA LEU B 255 22.33 -7.77 32.29
C LEU B 255 23.62 -7.02 32.60
N LYS B 256 23.80 -6.67 33.86
CA LYS B 256 25.00 -5.95 34.31
C LYS B 256 26.23 -6.81 34.04
N GLU B 257 26.05 -8.12 34.05
CA GLU B 257 27.14 -9.04 33.78
C GLU B 257 27.58 -8.90 32.34
N ASP B 258 26.62 -8.73 31.43
CA ASP B 258 26.94 -8.56 30.01
C ASP B 258 27.70 -7.25 29.80
N HIS B 259 27.29 -6.22 30.52
CA HIS B 259 27.91 -4.90 30.43
C HIS B 259 29.34 -4.98 30.95
N GLU B 260 29.53 -5.74 32.02
CA GLU B 260 30.84 -5.91 32.61
C GLU B 260 31.76 -6.64 31.63
N ASN B 261 31.23 -7.66 30.97
CA ASN B 261 32.02 -8.41 30.00
C ASN B 261 32.36 -7.59 28.77
N ALA B 262 31.43 -6.73 28.36
CA ALA B 262 31.66 -5.88 27.20
C ALA B 262 32.78 -4.90 27.52
N ARG B 263 32.72 -4.29 28.71
CA ARG B 263 33.74 -3.34 29.13
C ARG B 263 35.12 -4.01 29.22
N PHE B 264 35.16 -5.18 29.85
CA PHE B 264 36.39 -5.92 30.00
C PHE B 264 36.95 -6.25 28.61
N LEU B 265 36.08 -6.66 27.71
CA LEU B 265 36.47 -6.98 26.34
C LEU B 265 37.09 -5.74 25.67
N ALA B 266 36.43 -4.60 25.81
CA ALA B 266 36.90 -3.36 25.20
C ALA B 266 38.26 -2.93 25.76
N LEU B 267 38.42 -2.98 27.07
CA LEU B 267 39.67 -2.60 27.71
C LEU B 267 40.85 -3.48 27.25
N LYS B 268 40.62 -4.78 27.14
CA LYS B 268 41.69 -5.67 26.73
C LYS B 268 42.02 -5.54 25.25
N LEU B 269 41.00 -5.32 24.43
CA LEU B 269 41.21 -5.13 23.00
C LEU B 269 42.06 -3.89 22.79
N LYS B 270 41.79 -2.85 23.58
CA LYS B 270 42.53 -1.60 23.50
C LYS B 270 43.98 -1.87 23.92
N GLU B 271 44.12 -2.60 25.02
CA GLU B 271 45.43 -2.95 25.55
C GLU B 271 46.25 -3.67 24.49
N ILE B 272 45.60 -4.54 23.72
CA ILE B 272 46.30 -5.28 22.67
C ILE B 272 46.75 -4.32 21.56
N GLY B 273 45.95 -3.29 21.32
CA GLY B 273 46.31 -2.33 20.30
C GLY B 273 45.20 -2.06 19.29
N TYR B 274 44.09 -2.78 19.44
CA TYR B 274 42.97 -2.58 18.51
C TYR B 274 42.35 -1.20 18.67
N SER B 275 41.69 -0.76 17.61
CA SER B 275 41.04 0.54 17.61
C SER B 275 39.64 0.42 18.22
N VAL B 276 39.56 0.54 19.54
CA VAL B 276 38.29 0.48 20.27
C VAL B 276 38.27 1.59 21.29
N ASN B 277 37.09 2.00 21.72
CA ASN B 277 36.96 3.07 22.69
C ASN B 277 36.17 2.61 23.91
N PRO B 278 36.88 2.11 24.92
CA PRO B 278 36.26 1.62 26.16
C PRO B 278 35.36 2.66 26.81
N GLU B 279 35.68 3.94 26.62
CA GLU B 279 34.88 5.02 27.19
C GLU B 279 33.49 5.08 26.57
N ASP B 280 33.34 4.51 25.36
CA ASP B 280 32.05 4.52 24.68
C ASP B 280 31.20 3.31 25.03
N VAL B 281 31.81 2.29 25.64
CA VAL B 281 31.11 1.06 25.99
C VAL B 281 30.36 1.17 27.31
N LYS B 282 29.04 1.37 27.23
CA LYS B 282 28.21 1.49 28.42
C LYS B 282 27.22 0.33 28.59
N THR B 283 26.95 -0.40 27.52
CA THR B 283 26.05 -1.56 27.64
C THR B 283 26.74 -2.83 27.16
N ASN B 284 26.04 -3.63 26.35
CA ASN B 284 26.61 -4.90 25.87
C ASN B 284 27.19 -4.90 24.47
N VAL B 286 30.44 -3.49 21.71
CA VAL B 286 31.74 -2.92 21.47
C VAL B 286 31.95 -2.76 19.98
N ILE B 287 32.28 -1.55 19.56
CA ILE B 287 32.54 -1.28 18.16
C ILE B 287 34.05 -1.30 17.95
N LEU B 288 34.51 -2.15 17.05
CA LEU B 288 35.93 -2.24 16.76
C LEU B 288 36.17 -1.75 15.33
N ARG B 289 37.15 -0.88 15.17
CA ARG B 289 37.50 -0.32 13.86
C ARG B 289 38.72 -1.06 13.30
N THR B 290 38.75 -1.27 11.99
CA THR B 290 39.86 -1.98 11.34
C THR B 290 40.89 -1.04 10.71
N ASP B 291 40.79 0.24 11.06
CA ASP B 291 41.68 1.30 10.57
C ASP B 291 43.17 0.99 10.59
N ASN B 292 43.66 0.40 11.68
CA ASN B 292 45.08 0.09 11.80
C ASN B 292 45.43 -1.34 11.44
N LEU B 293 44.56 -2.00 10.68
CA LEU B 293 44.79 -3.39 10.28
C LEU B 293 44.95 -3.52 8.77
N LYS B 294 45.82 -4.44 8.34
CA LYS B 294 46.06 -4.66 6.92
C LYS B 294 44.92 -5.41 6.25
N VAL B 295 43.70 -5.20 6.74
CA VAL B 295 42.53 -5.86 6.17
C VAL B 295 41.26 -5.07 6.53
N ASN B 296 40.21 -5.22 5.73
CA ASN B 296 38.96 -4.52 6.02
C ASN B 296 38.11 -5.32 6.99
N ALA B 297 36.98 -4.75 7.39
CA ALA B 297 36.07 -5.39 8.33
C ALA B 297 35.61 -6.78 7.87
N HIS B 298 35.26 -6.91 6.60
CA HIS B 298 34.80 -8.17 6.05
C HIS B 298 35.89 -9.25 6.11
N GLY B 299 37.10 -8.87 5.72
CA GLY B 299 38.20 -9.81 5.74
C GLY B 299 38.55 -10.23 7.16
N PHE B 300 38.36 -9.30 8.09
CA PHE B 300 38.67 -9.58 9.49
C PHE B 300 37.64 -10.55 10.07
N ILE B 301 36.38 -10.31 9.76
CA ILE B 301 35.31 -11.18 10.24
C ILE B 301 35.57 -12.61 9.77
N GLU B 302 36.10 -12.74 8.56
CA GLU B 302 36.43 -14.04 8.00
C GLU B 302 37.55 -14.69 8.81
N ALA B 303 38.57 -13.89 9.13
CA ALA B 303 39.71 -14.38 9.91
C ALA B 303 39.23 -14.83 11.30
N LEU B 304 38.38 -14.03 11.92
CA LEU B 304 37.84 -14.36 13.24
C LEU B 304 37.07 -15.67 13.20
N ARG B 305 36.28 -15.87 12.14
CA ARG B 305 35.50 -17.08 11.99
C ARG B 305 36.39 -18.31 11.87
N ASN B 306 37.42 -18.21 11.03
CA ASN B 306 38.32 -19.34 10.84
C ASN B 306 39.05 -19.67 12.14
N SER B 307 39.08 -18.71 13.06
CA SER B 307 39.74 -18.94 14.35
C SER B 307 38.76 -19.27 15.49
N GLY B 308 37.47 -19.30 15.18
CA GLY B 308 36.49 -19.66 16.19
C GLY B 308 35.68 -18.54 16.85
N VAL B 309 35.77 -17.33 16.30
CA VAL B 309 35.02 -16.21 16.85
C VAL B 309 34.07 -15.64 15.81
N LEU B 310 32.79 -15.53 16.20
CA LEU B 310 31.78 -15.01 15.30
C LEU B 310 31.40 -13.57 15.65
N ALA B 311 31.36 -12.72 14.63
CA ALA B 311 30.99 -11.31 14.82
C ALA B 311 30.46 -10.79 13.49
N ASN B 312 29.81 -9.63 13.52
CA ASN B 312 29.29 -9.04 12.29
C ASN B 312 29.96 -7.72 11.95
N ALA B 313 30.16 -7.51 10.66
CA ALA B 313 30.74 -6.27 10.18
C ALA B 313 29.54 -5.36 9.98
N VAL B 314 29.64 -4.12 10.41
CA VAL B 314 28.52 -3.19 10.23
C VAL B 314 28.86 -2.13 9.17
N SER B 315 30.09 -2.19 8.67
CA SER B 315 30.56 -1.29 7.63
C SER B 315 31.86 -1.89 7.10
N ASP B 316 32.51 -1.20 6.16
CA ASP B 316 33.75 -1.73 5.61
C ASP B 316 34.94 -1.56 6.54
N THR B 317 34.78 -0.80 7.61
CA THR B 317 35.86 -0.59 8.56
C THR B 317 35.44 -0.78 10.01
N GLU B 318 34.23 -1.28 10.23
CA GLU B 318 33.74 -1.48 11.59
C GLU B 318 33.05 -2.81 11.82
N ILE B 319 33.35 -3.43 12.96
CA ILE B 319 32.72 -4.69 13.33
C ILE B 319 32.08 -4.49 14.70
N ARG B 320 30.93 -5.12 14.89
CA ARG B 320 30.20 -5.02 16.16
C ARG B 320 30.39 -6.30 16.98
N LEU B 321 30.70 -6.15 18.26
CA LEU B 321 30.87 -7.29 19.15
C LEU B 321 29.75 -7.14 20.18
N VAL B 322 28.99 -8.21 20.42
CA VAL B 322 27.89 -8.14 21.38
C VAL B 322 27.98 -9.23 22.44
N THR B 323 27.87 -8.84 23.70
CA THR B 323 27.93 -9.83 24.78
C THR B 323 26.52 -10.15 25.24
N HIS B 324 26.38 -11.30 25.87
CA HIS B 324 25.09 -11.78 26.35
C HIS B 324 25.30 -13.00 27.25
N LYS B 325 24.20 -13.55 27.75
CA LYS B 325 24.26 -14.71 28.63
C LYS B 325 25.09 -15.88 28.11
N ASP B 326 25.09 -16.11 26.80
CA ASP B 326 25.85 -17.24 26.28
C ASP B 326 27.29 -17.01 25.85
N VAL B 327 27.88 -15.92 26.34
CA VAL B 327 29.28 -15.61 26.12
C VAL B 327 29.77 -15.22 27.52
N SER B 328 30.32 -16.19 28.22
CA SER B 328 30.83 -15.98 29.58
C SER B 328 32.20 -15.31 29.60
N ARG B 329 32.69 -15.00 30.80
CA ARG B 329 34.01 -14.38 30.94
C ARG B 329 35.05 -15.32 30.34
N ASN B 330 34.88 -16.62 30.56
CA ASN B 330 35.82 -17.59 30.01
C ASN B 330 35.90 -17.44 28.49
N ASP B 331 34.73 -17.31 27.86
CA ASP B 331 34.67 -17.16 26.40
C ASP B 331 35.35 -15.86 25.97
N ILE B 332 35.13 -14.81 26.75
CA ILE B 332 35.74 -13.52 26.44
C ILE B 332 37.25 -13.67 26.53
N GLU B 333 37.72 -14.32 27.58
CA GLU B 333 39.15 -14.53 27.76
C GLU B 333 39.71 -15.33 26.59
N GLU B 334 39.00 -16.38 26.18
CA GLU B 334 39.46 -17.20 25.08
C GLU B 334 39.45 -16.37 23.78
N ALA B 335 38.40 -15.57 23.59
CA ALA B 335 38.31 -14.75 22.40
C ALA B 335 39.50 -13.79 22.35
N LEU B 336 39.84 -13.20 23.50
CA LEU B 336 40.97 -12.27 23.56
C LEU B 336 42.28 -12.91 23.13
N ASN B 337 42.49 -14.17 23.45
CA ASN B 337 43.72 -14.84 23.04
C ASN B 337 43.78 -14.88 21.52
N ILE B 338 42.62 -15.13 20.91
CA ILE B 338 42.53 -15.18 19.46
C ILE B 338 42.76 -13.79 18.88
N PHE B 339 42.11 -12.78 19.47
CA PHE B 339 42.29 -11.41 19.01
C PHE B 339 43.76 -11.02 19.06
N GLU B 340 44.44 -11.42 20.12
CA GLU B 340 45.85 -11.13 20.28
C GLU B 340 46.67 -11.74 19.14
N LYS B 341 46.37 -12.99 18.80
CA LYS B 341 47.07 -13.67 17.72
C LYS B 341 46.82 -12.98 16.39
N LEU B 342 45.57 -12.61 16.15
CA LEU B 342 45.21 -11.94 14.91
C LEU B 342 45.79 -10.55 14.77
N PHE B 343 45.96 -9.86 15.90
CA PHE B 343 46.52 -8.51 15.84
C PHE B 343 47.96 -8.55 15.35
N ARG B 344 48.72 -9.57 15.78
CA ARG B 344 50.10 -9.72 15.37
C ARG B 344 50.14 -9.94 13.86
N LYS B 345 49.15 -10.68 13.36
CA LYS B 345 49.06 -10.99 11.95
C LYS B 345 48.58 -9.85 11.06
N PHE B 346 47.68 -9.01 11.57
CA PHE B 346 47.13 -7.94 10.76
C PHE B 346 47.56 -6.50 11.05
N SER B 347 48.29 -6.30 12.14
CA SER B 347 48.74 -4.95 12.48
C SER B 347 49.85 -4.49 11.54
N ILE C 6 -17.44 -27.94 27.10
CA ILE C 6 -17.20 -28.78 25.94
C ILE C 6 -16.97 -27.81 24.79
N ASP C 7 -15.71 -27.64 24.42
CA ASP C 7 -15.32 -26.71 23.38
C ASP C 7 -15.43 -27.23 21.96
N LEU C 8 -16.48 -26.77 21.27
CA LEU C 8 -16.74 -27.14 19.88
C LEU C 8 -16.55 -25.91 18.98
N ARG C 9 -15.89 -24.88 19.50
CA ARG C 9 -15.68 -23.67 18.72
C ARG C 9 -14.79 -23.85 17.51
N SER C 10 -13.69 -24.58 17.68
CA SER C 10 -12.76 -24.82 16.58
C SER C 10 -11.73 -25.85 17.00
N ASP C 11 -10.98 -26.39 16.03
CA ASP C 11 -9.94 -27.36 16.34
C ASP C 11 -8.66 -26.61 16.73
N THR C 12 -8.70 -25.28 16.71
CA THR C 12 -7.54 -24.49 17.08
C THR C 12 -7.30 -24.55 18.57
N VAL C 13 -8.35 -24.87 19.33
CA VAL C 13 -8.23 -24.92 20.79
C VAL C 13 -7.48 -26.14 21.29
N THR C 14 -7.07 -27.02 20.38
CA THR C 14 -6.34 -28.22 20.76
C THR C 14 -5.12 -27.84 21.59
N LYS C 15 -4.88 -28.61 22.66
CA LYS C 15 -3.73 -28.36 23.55
C LYS C 15 -2.63 -29.39 23.32
N PRO C 16 -1.38 -29.02 23.64
CA PRO C 16 -0.21 -29.89 23.48
C PRO C 16 -0.31 -31.22 24.18
N THR C 17 0.15 -32.28 23.51
CA THR C 17 0.15 -33.60 24.12
C THR C 17 1.36 -33.66 25.05
N GLU C 18 1.41 -34.69 25.90
CA GLU C 18 2.53 -34.84 26.83
C GLU C 18 3.81 -34.98 26.03
N GLU C 19 3.76 -35.76 24.96
CA GLU C 19 4.92 -35.97 24.09
C GLU C 19 5.44 -34.61 23.60
N ARG C 21 4.94 -31.48 24.92
CA ARG C 21 5.48 -30.65 26.00
C ARG C 21 6.92 -31.04 26.33
N LYS C 22 7.19 -32.33 26.33
CA LYS C 22 8.53 -32.81 26.61
C LYS C 22 9.48 -32.43 25.48
N ALA C 23 9.05 -32.62 24.24
CA ALA C 23 9.87 -32.29 23.08
C ALA C 23 10.23 -30.81 23.02
N ALA C 25 10.43 -28.75 25.62
CA ALA C 25 11.35 -28.49 26.72
C ALA C 25 12.80 -28.87 26.39
N GLN C 26 12.99 -29.95 25.66
CA GLN C 26 14.33 -30.40 25.30
C GLN C 26 14.72 -30.08 23.86
N ALA C 27 13.96 -29.21 23.22
CA ALA C 27 14.24 -28.85 21.83
C ALA C 27 15.62 -28.24 21.60
N GLU C 28 16.32 -28.73 20.57
CA GLU C 28 17.63 -28.19 20.22
C GLU C 28 17.30 -26.97 19.37
N VAL C 29 17.85 -25.81 19.74
CA VAL C 29 17.53 -24.60 19.01
C VAL C 29 18.71 -23.78 18.49
N GLY C 30 18.38 -22.71 17.78
CA GLY C 30 19.38 -21.82 17.23
C GLY C 30 18.67 -20.56 16.73
N ASP C 31 19.41 -19.63 16.13
CA ASP C 31 18.82 -18.40 15.64
C ASP C 31 18.27 -18.60 14.22
N ASP C 32 16.96 -18.69 14.09
CA ASP C 32 16.33 -18.91 12.80
C ASP C 32 16.62 -17.80 11.78
N VAL C 33 16.84 -16.58 12.25
CA VAL C 33 17.14 -15.50 11.32
C VAL C 33 18.41 -15.85 10.55
N TYR C 34 19.32 -16.59 11.18
CA TYR C 34 20.57 -17.01 10.55
C TYR C 34 20.39 -18.39 9.94
N GLY C 35 19.17 -18.90 10.02
CA GLY C 35 18.87 -20.22 9.49
C GLY C 35 19.61 -21.28 10.29
N GLU C 36 19.91 -20.96 11.55
CA GLU C 36 20.63 -21.88 12.41
C GLU C 36 19.81 -22.69 13.40
N ASP C 37 18.48 -22.65 13.33
CA ASP C 37 17.72 -23.46 14.27
C ASP C 37 17.51 -24.81 13.61
N PRO C 38 18.18 -25.85 14.14
CA PRO C 38 18.10 -27.22 13.60
C PRO C 38 16.72 -27.87 13.65
N THR C 39 15.94 -27.56 14.68
CA THR C 39 14.62 -28.15 14.78
C THR C 39 13.70 -27.54 13.72
N ILE C 40 13.81 -26.23 13.50
CA ILE C 40 13.01 -25.57 12.48
C ILE C 40 13.41 -26.15 11.13
N ASN C 41 14.71 -26.23 10.89
CA ASN C 41 15.24 -26.77 9.65
C ASN C 41 14.73 -28.19 9.37
N GLU C 42 14.67 -29.01 10.41
CA GLU C 42 14.17 -30.37 10.24
C GLU C 42 12.68 -30.36 9.93
N LEU C 43 11.93 -29.49 10.63
CA LEU C 43 10.49 -29.41 10.39
C LEU C 43 10.21 -29.03 8.95
N GLU C 44 10.95 -28.05 8.44
CA GLU C 44 10.77 -27.60 7.08
C GLU C 44 11.20 -28.66 6.06
N ARG C 45 12.29 -29.36 6.35
CA ARG C 45 12.76 -30.41 5.44
C ARG C 45 11.68 -31.48 5.35
N LEU C 46 11.14 -31.86 6.50
CA LEU C 46 10.11 -32.87 6.58
C LEU C 46 8.83 -32.43 5.87
N ALA C 47 8.46 -31.16 6.05
CA ALA C 47 7.26 -30.62 5.42
C ALA C 47 7.38 -30.64 3.89
N ALA C 48 8.51 -30.19 3.38
CA ALA C 48 8.76 -30.17 1.95
C ALA C 48 8.71 -31.60 1.41
N GLU C 49 9.35 -32.52 2.13
CA GLU C 49 9.40 -33.93 1.76
C GLU C 49 8.00 -34.54 1.73
N THR C 50 7.23 -34.29 2.77
CA THR C 50 5.88 -34.84 2.87
C THR C 50 4.96 -34.38 1.74
N PHE C 51 5.12 -33.13 1.30
CA PHE C 51 4.28 -32.59 0.23
C PHE C 51 4.93 -32.66 -1.15
N GLY C 52 6.07 -33.33 -1.25
CA GLY C 52 6.76 -33.45 -2.52
C GLY C 52 7.18 -32.12 -3.12
N LYS C 53 7.57 -31.17 -2.27
CA LYS C 53 8.02 -29.86 -2.74
C LYS C 53 9.50 -29.63 -2.47
N GLU C 54 10.07 -28.63 -3.12
CA GLU C 54 11.49 -28.33 -2.98
C GLU C 54 11.86 -27.65 -1.67
N ALA C 55 10.98 -26.82 -1.13
CA ALA C 55 11.30 -26.11 0.11
C ALA C 55 10.06 -25.84 0.96
N ALA C 56 10.29 -25.41 2.20
CA ALA C 56 9.20 -25.13 3.13
C ALA C 56 9.56 -23.96 4.07
N LEU C 57 8.54 -23.30 4.60
CA LEU C 57 8.72 -22.15 5.49
C LEU C 57 7.74 -22.16 6.66
N PHE C 58 8.30 -22.18 7.87
CA PHE C 58 7.49 -22.17 9.08
C PHE C 58 7.03 -20.75 9.36
N VAL C 59 5.75 -20.59 9.71
CA VAL C 59 5.19 -19.29 10.01
C VAL C 59 4.38 -19.38 11.30
N PRO C 60 4.22 -18.26 12.02
CA PRO C 60 3.48 -18.14 13.28
C PRO C 60 1.98 -18.44 13.18
N SER C 61 1.43 -18.39 11.97
CA SER C 61 0.01 -18.62 11.79
C SER C 61 -0.34 -18.96 10.35
N GLY C 62 -1.54 -19.50 10.16
CA GLY C 62 -2.00 -19.83 8.83
C GLY C 62 -2.27 -18.57 8.05
N THR C 63 -2.70 -17.53 8.75
CA THR C 63 -2.98 -16.26 8.10
C THR C 63 -1.69 -15.72 7.48
N GLY C 65 0.74 -17.54 6.67
CA GLY C 65 1.05 -18.51 5.64
C GLY C 65 0.42 -18.12 4.32
N ASN C 66 -0.87 -17.78 4.37
CA ASN C 66 -1.59 -17.37 3.17
C ASN C 66 -1.07 -16.05 2.62
N GLN C 67 -0.86 -15.09 3.52
CA GLN C 67 -0.41 -13.77 3.08
C GLN C 67 1.00 -13.67 2.52
N VAL C 68 1.96 -14.43 3.06
CA VAL C 68 3.30 -14.38 2.49
C VAL C 68 3.24 -15.08 1.13
N SER C 69 2.35 -16.06 0.99
CA SER C 69 2.21 -16.76 -0.28
C SER C 69 1.67 -15.79 -1.33
N ILE C 70 0.66 -15.02 -0.95
CA ILE C 70 0.07 -14.05 -1.87
C ILE C 70 1.13 -13.02 -2.27
N ALA C 72 4.33 -13.36 -2.33
CA ALA C 72 5.35 -14.01 -3.16
C ALA C 72 4.87 -14.38 -4.57
N HIS C 73 3.56 -14.51 -4.76
CA HIS C 73 3.00 -14.86 -6.05
C HIS C 73 2.55 -13.66 -6.88
N THR C 74 2.41 -12.50 -6.24
CA THR C 74 1.88 -11.33 -6.94
C THR C 74 2.67 -10.02 -6.90
N GLN C 75 2.18 -9.07 -7.68
CA GLN C 75 2.74 -7.72 -7.75
C GLN C 75 1.60 -6.75 -7.45
N ARG C 76 1.93 -5.53 -7.06
CA ARG C 76 0.91 -4.54 -6.72
C ARG C 76 -0.07 -4.35 -7.88
N GLY C 77 -1.36 -4.33 -7.54
CA GLY C 77 -2.38 -4.15 -8.56
C GLY C 77 -2.87 -5.44 -9.18
N ASP C 78 -2.28 -6.58 -8.82
CA ASP C 78 -2.74 -7.84 -9.38
C ASP C 78 -4.09 -8.21 -8.82
N GLU C 79 -4.71 -9.21 -9.45
CA GLU C 79 -6.00 -9.71 -9.05
C GLU C 79 -5.81 -11.16 -8.64
N VAL C 80 -6.52 -11.58 -7.60
CA VAL C 80 -6.43 -12.94 -7.10
C VAL C 80 -7.80 -13.61 -7.13
N ILE C 81 -7.92 -14.66 -7.94
CA ILE C 81 -9.18 -15.39 -8.02
C ILE C 81 -9.25 -16.31 -6.80
N LEU C 82 -10.38 -16.24 -6.09
CA LEU C 82 -10.58 -17.08 -4.92
C LEU C 82 -12.06 -17.37 -4.73
N GLU C 83 -12.37 -18.41 -3.97
CA GLU C 83 -13.75 -18.81 -3.73
C GLU C 83 -14.48 -17.77 -2.89
N ALA C 84 -15.72 -17.48 -3.27
CA ALA C 84 -16.54 -16.45 -2.62
C ALA C 84 -16.65 -16.52 -1.10
N ASP C 85 -16.57 -17.71 -0.52
CA ASP C 85 -16.65 -17.85 0.94
C ASP C 85 -15.36 -18.36 1.56
N SER C 86 -14.24 -18.11 0.90
CA SER C 86 -12.96 -18.57 1.42
C SER C 86 -12.44 -17.73 2.58
N HIS C 87 -11.64 -18.37 3.44
CA HIS C 87 -11.07 -17.73 4.61
C HIS C 87 -10.21 -16.50 4.29
N ILE C 88 -9.43 -16.57 3.22
CA ILE C 88 -8.57 -15.46 2.83
C ILE C 88 -9.37 -14.17 2.58
N PHE C 89 -10.60 -14.32 2.11
CA PHE C 89 -11.45 -13.16 1.84
C PHE C 89 -12.25 -12.71 3.05
N TRP C 90 -12.81 -13.65 3.78
CA TRP C 90 -13.65 -13.33 4.92
C TRP C 90 -12.99 -13.16 6.28
N TYR C 91 -12.02 -14.01 6.61
CA TYR C 91 -11.39 -13.97 7.92
C TYR C 91 -9.94 -13.52 8.04
N GLU C 92 -9.41 -12.89 7.02
CA GLU C 92 -8.02 -12.44 7.11
C GLU C 92 -7.82 -10.94 7.08
N VAL C 93 -8.75 -10.26 7.76
CA VAL C 93 -8.75 -8.81 7.96
C VAL C 93 -8.33 -7.93 6.77
N GLY C 94 -8.72 -8.33 5.57
CA GLY C 94 -8.40 -7.57 4.37
C GLY C 94 -6.91 -7.44 4.11
N ALA C 95 -6.13 -8.31 4.75
CA ALA C 95 -4.68 -8.31 4.61
C ALA C 95 -4.15 -8.25 3.18
N ALA C 97 -5.22 -6.80 0.55
CA ALA C 97 -5.28 -5.45 -0.02
C ALA C 97 -4.19 -4.56 0.57
N VAL C 98 -4.01 -4.63 1.88
CA VAL C 98 -3.00 -3.82 2.56
C VAL C 98 -1.57 -4.28 2.31
N LEU C 99 -1.32 -5.56 2.56
CA LEU C 99 0.01 -6.13 2.40
C LEU C 99 0.50 -6.28 0.96
N SER C 100 -0.35 -6.77 0.07
CA SER C 100 0.06 -6.97 -1.31
C SER C 100 -0.52 -5.98 -2.30
N GLY C 101 -1.48 -5.18 -1.84
CA GLY C 101 -2.10 -4.22 -2.73
C GLY C 101 -2.76 -4.93 -3.89
N VAL C 102 -3.40 -6.07 -3.63
CA VAL C 102 -4.09 -6.82 -4.67
C VAL C 102 -5.60 -6.84 -4.48
N PRO C 104 -9.21 -8.93 -4.75
CA PRO C 104 -9.70 -10.30 -4.74
C PRO C 104 -10.78 -10.37 -5.83
N HIS C 105 -10.89 -11.51 -6.51
CA HIS C 105 -11.91 -11.67 -7.54
C HIS C 105 -12.71 -12.90 -7.16
N PRO C 106 -13.69 -12.73 -6.27
CA PRO C 106 -14.56 -13.80 -5.77
C PRO C 106 -15.26 -14.56 -6.89
N VAL C 107 -15.28 -15.88 -6.75
CA VAL C 107 -15.95 -16.74 -7.71
C VAL C 107 -16.80 -17.71 -6.91
N PRO C 108 -18.09 -17.83 -7.27
CA PRO C 108 -19.00 -18.73 -6.55
C PRO C 108 -18.48 -20.17 -6.60
N GLY C 109 -18.74 -20.94 -5.55
CA GLY C 109 -18.31 -22.32 -5.53
C GLY C 109 -19.34 -23.21 -4.86
N LYS C 110 -19.31 -24.49 -5.20
CA LYS C 110 -20.23 -25.46 -4.59
C LYS C 110 -19.44 -26.17 -3.51
N ASN C 111 -19.62 -25.73 -2.27
CA ASN C 111 -18.91 -26.30 -1.14
C ASN C 111 -17.40 -26.20 -1.33
N GLY C 112 -16.95 -25.06 -1.85
CA GLY C 112 -15.52 -24.85 -2.04
C GLY C 112 -15.02 -25.13 -3.44
N ALA C 113 -15.83 -25.80 -4.25
CA ALA C 113 -15.42 -26.13 -5.60
C ALA C 113 -15.94 -25.10 -6.59
N ASP C 115 -16.54 -23.75 -10.21
CA ASP C 115 -16.71 -24.38 -11.52
C ASP C 115 -15.50 -23.95 -12.34
N PRO C 116 -14.78 -24.90 -12.94
CA PRO C 116 -13.61 -24.57 -13.76
C PRO C 116 -13.89 -23.53 -14.83
N ASP C 117 -15.06 -23.61 -15.47
CA ASP C 117 -15.42 -22.65 -16.52
C ASP C 117 -15.60 -21.25 -15.96
N ASP C 118 -16.04 -21.15 -14.70
CA ASP C 118 -16.21 -19.83 -14.09
C ASP C 118 -14.84 -19.24 -13.77
N VAL C 119 -13.89 -20.10 -13.42
CA VAL C 119 -12.55 -19.65 -13.12
C VAL C 119 -11.91 -19.11 -14.40
N ARG C 120 -12.09 -19.86 -15.49
CA ARG C 120 -11.54 -19.46 -16.78
C ARG C 120 -12.10 -18.09 -17.17
N LYS C 121 -13.40 -17.88 -16.92
CA LYS C 121 -14.05 -16.61 -17.26
C LYS C 121 -13.68 -15.47 -16.34
N ALA C 122 -13.11 -15.78 -15.18
CA ALA C 122 -12.74 -14.75 -14.22
C ALA C 122 -11.35 -14.19 -14.56
N ILE C 123 -10.61 -14.92 -15.38
CA ILE C 123 -9.28 -14.47 -15.76
C ILE C 123 -9.38 -13.20 -16.60
N ARG C 124 -8.70 -12.15 -16.17
CA ARG C 124 -8.73 -10.88 -16.86
C ARG C 124 -7.96 -10.86 -18.18
N PRO C 125 -8.57 -10.31 -19.23
CA PRO C 125 -7.92 -10.23 -20.55
C PRO C 125 -6.90 -9.10 -20.42
N ARG C 126 -5.94 -9.03 -21.33
CA ARG C 126 -4.93 -7.98 -21.27
C ARG C 126 -5.52 -6.66 -21.75
N ASN C 127 -5.82 -5.77 -20.81
CA ASN C 127 -6.39 -4.47 -21.15
C ASN C 127 -5.97 -3.46 -20.09
N ILE C 128 -5.68 -2.22 -20.52
CA ILE C 128 -5.21 -1.19 -19.59
C ILE C 128 -6.15 -0.96 -18.40
N HIS C 129 -7.44 -1.25 -18.56
CA HIS C 129 -8.41 -1.07 -17.49
C HIS C 129 -8.37 -2.18 -16.45
N PHE C 130 -7.81 -3.34 -16.81
CA PHE C 130 -7.81 -4.48 -15.89
C PHE C 130 -6.52 -4.88 -15.19
N PRO C 131 -6.66 -5.37 -13.96
CA PRO C 131 -5.48 -5.81 -13.20
C PRO C 131 -5.09 -7.12 -13.88
N ARG C 132 -3.92 -7.64 -13.56
CA ARG C 132 -3.51 -8.89 -14.15
C ARG C 132 -3.83 -10.01 -13.15
N THR C 133 -4.50 -11.07 -13.63
CA THR C 133 -4.83 -12.21 -12.77
C THR C 133 -3.52 -13.01 -12.64
N SER C 134 -2.93 -12.99 -11.46
CA SER C 134 -1.67 -13.70 -11.27
C SER C 134 -1.77 -14.86 -10.30
N LEU C 135 -2.93 -15.03 -9.68
CA LEU C 135 -3.07 -16.11 -8.71
C LEU C 135 -4.49 -16.62 -8.54
N ILE C 136 -4.61 -17.93 -8.37
CA ILE C 136 -5.89 -18.60 -8.12
C ILE C 136 -5.70 -19.35 -6.81
N ALA C 137 -6.62 -19.17 -5.87
CA ALA C 137 -6.51 -19.84 -4.58
C ALA C 137 -7.67 -20.79 -4.37
N ILE C 138 -7.35 -21.97 -3.84
CA ILE C 138 -8.33 -23.02 -3.55
C ILE C 138 -8.14 -23.45 -2.11
N GLU C 139 -9.24 -23.54 -1.38
CA GLU C 139 -9.21 -23.92 0.03
C GLU C 139 -9.64 -25.39 0.16
N ASN C 140 -8.74 -26.28 0.55
CA ASN C 140 -9.15 -27.68 0.66
C ASN C 140 -9.52 -28.17 2.06
N THR C 141 -10.82 -28.38 2.13
CA THR C 141 -11.75 -28.73 3.19
C THR C 141 -12.00 -27.25 3.32
N HIS C 142 -13.11 -26.87 2.74
CA HIS C 142 -13.56 -25.52 2.72
C HIS C 142 -14.23 -25.37 4.07
N ASN C 143 -13.76 -24.39 4.84
CA ASN C 143 -14.27 -24.14 6.18
C ASN C 143 -15.74 -23.76 6.20
N ARG C 144 -16.05 -22.56 5.69
CA ARG C 144 -17.42 -22.05 5.70
C ARG C 144 -18.53 -23.04 5.36
N SER C 145 -18.35 -23.83 4.30
CA SER C 145 -19.38 -24.79 3.88
C SER C 145 -19.50 -26.01 4.80
N GLY C 146 -18.69 -26.06 5.84
CA GLY C 146 -18.75 -27.19 6.77
C GLY C 146 -17.61 -28.17 6.64
N GLY C 147 -16.40 -27.67 6.40
CA GLY C 147 -15.24 -28.53 6.26
C GLY C 147 -15.44 -29.55 5.16
N ARG C 148 -15.89 -29.08 3.99
CA ARG C 148 -16.15 -29.94 2.85
C ARG C 148 -14.89 -30.25 2.05
N VAL C 149 -14.84 -31.44 1.47
CA VAL C 149 -13.69 -31.86 0.66
C VAL C 149 -13.85 -31.41 -0.78
N VAL C 150 -12.89 -30.65 -1.28
CA VAL C 150 -12.94 -30.22 -2.67
C VAL C 150 -12.38 -31.38 -3.51
N PRO C 151 -13.15 -31.83 -4.50
CA PRO C 151 -12.74 -32.94 -5.38
C PRO C 151 -11.39 -32.72 -6.05
N LEU C 152 -10.57 -33.77 -6.08
CA LEU C 152 -9.26 -33.68 -6.71
C LEU C 152 -9.40 -33.30 -8.18
N GLU C 153 -10.47 -33.80 -8.81
CA GLU C 153 -10.72 -33.51 -10.21
C GLU C 153 -10.88 -32.00 -10.43
N ASN C 154 -11.59 -31.36 -9.51
CA ASN C 154 -11.80 -29.91 -9.58
C ASN C 154 -10.45 -29.21 -9.54
N ILE C 155 -9.60 -29.63 -8.62
CA ILE C 155 -8.28 -29.04 -8.47
C ILE C 155 -7.42 -29.26 -9.71
N LYS C 156 -7.44 -30.48 -10.26
CA LYS C 156 -6.65 -30.78 -11.45
C LYS C 156 -7.04 -29.84 -12.60
N GLU C 157 -8.34 -29.73 -12.86
CA GLU C 157 -8.81 -28.87 -13.93
C GLU C 157 -8.37 -27.42 -13.79
N ILE C 158 -8.57 -26.86 -12.59
CA ILE C 158 -8.18 -25.48 -12.35
C ILE C 158 -6.69 -25.35 -12.57
N CYS C 159 -5.94 -26.38 -12.19
CA CYS C 159 -4.49 -26.38 -12.37
C CYS C 159 -4.19 -26.31 -13.86
N THR C 160 -4.93 -27.09 -14.65
CA THR C 160 -4.73 -27.12 -16.09
C THR C 160 -4.99 -25.73 -16.69
N ILE C 161 -6.03 -25.07 -16.20
CA ILE C 161 -6.38 -23.74 -16.65
C ILE C 161 -5.27 -22.75 -16.29
N ALA C 162 -4.79 -22.84 -15.06
CA ALA C 162 -3.73 -21.97 -14.57
C ALA C 162 -2.47 -22.08 -15.42
N LYS C 163 -2.11 -23.31 -15.79
CA LYS C 163 -0.93 -23.55 -16.61
C LYS C 163 -1.06 -22.85 -17.96
N GLU C 164 -2.22 -23.00 -18.59
CA GLU C 164 -2.49 -22.39 -19.89
C GLU C 164 -2.21 -20.91 -19.89
N HIS C 165 -2.65 -20.23 -18.84
CA HIS C 165 -2.48 -18.78 -18.71
C HIS C 165 -1.28 -18.32 -17.92
N GLY C 166 -0.47 -19.28 -17.46
CA GLY C 166 0.71 -18.92 -16.70
C GLY C 166 0.37 -18.27 -15.38
N ILE C 167 -0.69 -18.76 -14.73
CA ILE C 167 -1.14 -18.24 -13.46
C ILE C 167 -0.73 -19.17 -12.32
N ASN C 168 -0.35 -18.59 -11.19
CA ASN C 168 0.05 -19.37 -10.03
C ASN C 168 -1.18 -19.94 -9.33
N VAL C 169 -0.99 -21.06 -8.65
CA VAL C 169 -2.08 -21.70 -7.91
C VAL C 169 -1.60 -21.95 -6.49
N HIS C 170 -2.39 -21.49 -5.53
CA HIS C 170 -2.09 -21.67 -4.11
C HIS C 170 -3.25 -22.42 -3.46
N ILE C 171 -2.92 -23.42 -2.66
CA ILE C 171 -3.95 -24.17 -1.96
C ILE C 171 -3.88 -23.82 -0.49
N ASP C 172 -4.98 -23.29 0.04
CA ASP C 172 -5.04 -22.98 1.46
C ASP C 172 -5.37 -24.35 2.06
N GLY C 173 -4.34 -25.08 2.44
CA GLY C 173 -4.54 -26.40 3.01
C GLY C 173 -4.54 -26.43 4.53
N ALA C 174 -5.10 -25.40 5.16
CA ALA C 174 -5.15 -25.35 6.62
C ALA C 174 -5.56 -26.71 7.15
N ARG C 175 -6.54 -27.33 6.50
CA ARG C 175 -7.01 -28.65 6.92
C ARG C 175 -6.86 -29.65 5.76
N ILE C 176 -5.74 -29.59 5.06
CA ILE C 176 -5.51 -30.50 3.93
C ILE C 176 -5.43 -31.97 4.37
N PHE C 177 -4.95 -32.21 5.59
CA PHE C 177 -4.85 -33.58 6.07
C PHE C 177 -6.23 -34.16 6.37
N ASN C 178 -7.16 -33.34 6.85
CA ASN C 178 -8.51 -33.82 7.12
C ASN C 178 -9.11 -34.24 5.77
N ALA C 179 -8.84 -33.44 4.74
CA ALA C 179 -9.34 -33.74 3.40
C ALA C 179 -8.75 -35.05 2.89
N SER C 180 -7.46 -35.24 3.12
CA SER C 180 -6.75 -36.44 2.70
C SER C 180 -7.31 -37.68 3.42
N ILE C 181 -7.45 -37.59 4.73
CA ILE C 181 -7.99 -38.70 5.51
C ILE C 181 -9.38 -39.11 5.01
N ALA C 182 -10.22 -38.13 4.68
CA ALA C 182 -11.57 -38.43 4.21
C ALA C 182 -11.65 -38.86 2.75
N SER C 183 -10.81 -38.28 1.89
CA SER C 183 -10.85 -38.60 0.45
C SER C 183 -9.97 -39.77 0.04
N GLY C 184 -8.91 -40.01 0.79
CA GLY C 184 -8.01 -41.10 0.45
C GLY C 184 -6.94 -40.59 -0.50
N VAL C 185 -6.94 -39.28 -0.75
CA VAL C 185 -5.98 -38.67 -1.64
C VAL C 185 -4.76 -38.19 -0.84
N PRO C 186 -3.56 -38.70 -1.18
CA PRO C 186 -2.34 -38.31 -0.49
C PRO C 186 -2.12 -36.81 -0.60
N VAL C 187 -1.62 -36.17 0.45
CA VAL C 187 -1.40 -34.73 0.37
C VAL C 187 -0.39 -34.37 -0.72
N LYS C 188 0.49 -35.31 -1.05
CA LYS C 188 1.48 -35.05 -2.08
C LYS C 188 0.82 -34.94 -3.46
N GLU C 189 -0.27 -35.67 -3.63
CA GLU C 189 -0.99 -35.65 -4.90
C GLU C 189 -1.75 -34.34 -5.04
N TYR C 190 -2.34 -33.86 -3.94
CA TYR C 190 -3.05 -32.59 -3.96
C TYR C 190 -2.04 -31.50 -4.33
N ALA C 191 -0.92 -31.52 -3.63
CA ALA C 191 0.15 -30.53 -3.82
C ALA C 191 0.72 -30.48 -5.23
N GLY C 192 0.73 -31.61 -5.92
CA GLY C 192 1.27 -31.64 -7.28
C GLY C 192 0.53 -30.75 -8.25
N TYR C 193 -0.71 -30.41 -7.93
CA TYR C 193 -1.52 -29.56 -8.79
C TYR C 193 -1.53 -28.10 -8.38
N ALA C 194 -0.60 -27.72 -7.51
CA ALA C 194 -0.51 -26.34 -7.04
C ALA C 194 0.94 -25.89 -6.98
N ASP C 195 1.15 -24.58 -7.00
CA ASP C 195 2.49 -24.03 -6.93
C ASP C 195 2.93 -23.89 -5.48
N SER C 196 1.96 -23.69 -4.60
CA SER C 196 2.25 -23.54 -3.19
C SER C 196 1.08 -24.04 -2.35
N VAL C 197 1.39 -24.53 -1.16
CA VAL C 197 0.38 -25.00 -0.24
C VAL C 197 0.73 -24.55 1.18
N PHE C 199 -0.34 -25.30 5.12
CA PHE C 199 -1.09 -26.22 5.96
C PHE C 199 -0.79 -25.90 7.43
N CYS C 200 -1.79 -26.08 8.29
CA CYS C 200 -1.63 -25.77 9.69
C CYS C 200 -1.22 -26.94 10.56
N LEU C 201 -0.44 -26.63 11.59
CA LEU C 201 0.02 -27.62 12.54
C LEU C 201 -0.76 -27.39 13.84
N SER C 202 -1.30 -26.18 13.97
CA SER C 202 -2.04 -25.73 15.16
C SER C 202 -3.52 -26.02 15.27
N GLY C 204 -6.19 -29.35 13.85
CA GLY C 204 -6.38 -30.77 14.13
C GLY C 204 -5.13 -31.53 14.56
N LEU C 205 -3.96 -31.10 14.09
CA LEU C 205 -2.70 -31.77 14.42
C LEU C 205 -2.19 -31.45 15.83
N CYS C 206 -2.89 -30.56 16.51
CA CYS C 206 -2.60 -30.20 17.90
C CYS C 206 -1.34 -29.44 18.31
N ALA C 207 -0.59 -28.88 17.37
CA ALA C 207 0.59 -28.11 17.76
C ALA C 207 0.04 -26.82 18.39
N PRO C 208 0.80 -26.19 19.31
CA PRO C 208 0.30 -24.96 19.92
C PRO C 208 0.41 -23.72 19.01
N VAL C 209 1.39 -23.74 18.12
CA VAL C 209 1.60 -22.59 17.23
C VAL C 209 2.17 -22.92 15.86
N GLY C 210 1.66 -22.25 14.84
CA GLY C 210 2.23 -22.42 13.53
C GLY C 210 1.62 -23.23 12.42
N SER C 211 2.06 -22.85 11.23
CA SER C 211 1.66 -23.46 9.98
C SER C 211 2.93 -23.48 9.14
N VAL C 212 2.84 -24.12 7.98
CA VAL C 212 4.00 -24.21 7.10
C VAL C 212 3.55 -23.98 5.67
N VAL C 213 4.41 -23.34 4.88
CA VAL C 213 4.12 -23.10 3.48
C VAL C 213 5.17 -23.92 2.71
N VAL C 214 4.74 -24.63 1.67
CA VAL C 214 5.65 -25.44 0.87
C VAL C 214 5.56 -25.02 -0.59
N GLY C 215 6.66 -25.13 -1.31
CA GLY C 215 6.68 -24.75 -2.72
C GLY C 215 8.07 -24.79 -3.33
N ASP C 216 8.26 -24.11 -4.45
CA ASP C 216 9.57 -24.10 -5.10
C ASP C 216 10.57 -23.28 -4.29
N ARG C 217 11.85 -23.60 -4.42
CA ARG C 217 12.91 -22.91 -3.68
C ARG C 217 12.90 -21.38 -3.83
N ASP C 218 12.69 -20.89 -5.04
CA ASP C 218 12.70 -19.45 -5.27
C ASP C 218 11.45 -18.80 -4.67
N PHE C 219 10.32 -19.47 -4.78
CA PHE C 219 9.08 -18.95 -4.21
C PHE C 219 9.22 -18.85 -2.69
N ILE C 220 9.77 -19.90 -2.08
CA ILE C 220 9.93 -19.92 -0.63
C ILE C 220 10.91 -18.85 -0.18
N GLU C 221 11.90 -18.56 -1.02
CA GLU C 221 12.87 -17.53 -0.69
C GLU C 221 12.14 -16.19 -0.62
N ARG C 222 11.26 -15.94 -1.59
CA ARG C 222 10.49 -14.69 -1.59
C ARG C 222 9.54 -14.66 -0.40
N ALA C 223 8.95 -15.81 -0.08
CA ALA C 223 8.02 -15.90 1.04
C ALA C 223 8.74 -15.65 2.37
N ARG C 224 9.96 -16.15 2.47
CA ARG C 224 10.77 -15.99 3.68
C ARG C 224 11.06 -14.51 3.93
N LYS C 225 11.39 -13.78 2.87
CA LYS C 225 11.67 -12.35 3.00
C LYS C 225 10.38 -11.62 3.38
N ALA C 226 9.26 -12.06 2.83
CA ALA C 226 7.98 -11.46 3.15
C ALA C 226 7.73 -11.73 4.64
N ARG C 227 8.10 -12.93 5.09
CA ARG C 227 7.91 -13.28 6.49
C ARG C 227 8.70 -12.32 7.38
N LYS C 228 9.92 -11.96 6.96
CA LYS C 228 10.73 -11.03 7.73
C LYS C 228 10.07 -9.67 7.83
N LEU C 230 6.85 -8.97 7.53
CA LEU C 230 5.62 -9.03 8.30
C LEU C 230 5.89 -9.20 9.80
N GLY C 231 7.11 -9.60 10.14
CA GLY C 231 7.45 -9.78 11.54
C GLY C 231 7.37 -11.22 12.01
N GLY C 232 7.47 -12.15 11.06
CA GLY C 232 7.42 -13.56 11.40
C GLY C 232 8.80 -14.18 11.53
N GLY C 233 9.84 -13.35 11.44
CA GLY C 233 11.21 -13.85 11.56
C GLY C 233 11.60 -13.95 13.02
N ARG C 235 13.44 -16.06 16.52
CA ARG C 235 14.78 -16.52 16.84
C ARG C 235 14.81 -18.03 17.10
N GLN C 236 14.83 -18.45 18.36
CA GLN C 236 14.89 -19.88 18.69
C GLN C 236 13.52 -20.55 18.58
N ALA C 237 12.91 -20.46 17.39
CA ALA C 237 11.60 -21.04 17.14
C ALA C 237 11.59 -22.56 17.15
N GLY C 238 12.74 -23.18 17.35
CA GLY C 238 12.82 -24.62 17.39
C GLY C 238 11.92 -25.18 18.49
N VAL C 239 11.67 -24.36 19.50
CA VAL C 239 10.82 -24.77 20.62
C VAL C 239 9.43 -25.12 20.09
N LEU C 240 8.95 -24.32 19.14
CA LEU C 240 7.64 -24.56 18.54
C LEU C 240 7.72 -25.65 17.48
N ALA C 241 8.83 -25.69 16.76
CA ALA C 241 9.02 -26.69 15.71
C ALA C 241 9.05 -28.11 16.24
N ALA C 242 9.51 -28.27 17.47
CA ALA C 242 9.57 -29.60 18.09
C ALA C 242 8.16 -30.18 18.14
N ALA C 243 7.20 -29.38 18.56
CA ALA C 243 5.81 -29.82 18.64
C ALA C 243 5.25 -29.94 17.22
N GLY C 244 5.78 -29.15 16.31
CA GLY C 244 5.33 -29.20 14.94
C GLY C 244 5.72 -30.49 14.24
N ILE C 245 6.91 -30.99 14.54
CA ILE C 245 7.38 -32.23 13.93
C ILE C 245 6.49 -33.39 14.38
N ILE C 246 6.13 -33.40 15.66
CA ILE C 246 5.28 -34.45 16.21
C ILE C 246 3.88 -34.35 15.60
N ALA C 247 3.39 -33.12 15.47
CA ALA C 247 2.07 -32.89 14.90
C ALA C 247 2.01 -33.45 13.49
N LEU C 248 3.01 -33.13 12.69
CA LEU C 248 3.08 -33.58 11.31
C LEU C 248 3.30 -35.08 11.16
N THR C 249 4.13 -35.67 12.00
CA THR C 249 4.45 -37.08 11.89
C THR C 249 3.66 -38.07 12.74
N LYS C 250 3.03 -37.60 13.81
CA LYS C 250 2.30 -38.52 14.68
C LYS C 250 0.82 -38.25 14.89
N VAL C 252 -1.57 -37.19 12.36
CA VAL C 252 -2.42 -37.23 11.18
C VAL C 252 -3.46 -38.36 11.19
N ASP C 253 -3.01 -39.57 11.50
CA ASP C 253 -3.91 -40.72 11.50
C ASP C 253 -5.15 -40.58 12.39
N ARG C 254 -4.96 -40.12 13.62
CA ARG C 254 -6.07 -39.98 14.54
C ARG C 254 -7.12 -38.95 14.15
N LEU C 255 -6.94 -38.28 13.01
CA LEU C 255 -7.92 -37.30 12.57
C LEU C 255 -9.23 -38.02 12.25
N LYS C 256 -9.12 -39.30 11.90
CA LYS C 256 -10.29 -40.11 11.58
C LYS C 256 -11.24 -40.11 12.78
N GLU C 257 -10.67 -40.09 13.97
CA GLU C 257 -11.44 -40.07 15.22
C GLU C 257 -12.30 -38.82 15.32
N ASP C 258 -11.76 -37.67 14.90
CA ASP C 258 -12.51 -36.43 14.95
C ASP C 258 -13.64 -36.49 13.95
N HIS C 259 -13.37 -37.10 12.78
CA HIS C 259 -14.39 -37.24 11.75
C HIS C 259 -15.53 -38.13 12.26
N GLU C 260 -15.18 -39.24 12.89
CA GLU C 260 -16.19 -40.15 13.44
C GLU C 260 -17.04 -39.41 14.46
N ASN C 261 -16.38 -38.66 15.34
CA ASN C 261 -17.08 -37.90 16.37
C ASN C 261 -18.00 -36.85 15.74
N ALA C 262 -17.52 -36.18 14.71
CA ALA C 262 -18.31 -35.15 14.03
C ALA C 262 -19.56 -35.76 13.40
N ARG C 263 -19.39 -36.89 12.72
CA ARG C 263 -20.51 -37.58 12.07
C ARG C 263 -21.53 -38.05 13.10
N PHE C 264 -21.04 -38.62 14.20
CA PHE C 264 -21.91 -39.10 15.27
C PHE C 264 -22.70 -37.92 15.87
N LEU C 265 -22.01 -36.81 16.09
CA LEU C 265 -22.64 -35.62 16.64
C LEU C 265 -23.78 -35.18 15.72
N ALA C 266 -23.49 -35.10 14.42
CA ALA C 266 -24.48 -34.70 13.44
C ALA C 266 -25.67 -35.64 13.40
N LEU C 267 -25.41 -36.95 13.34
CA LEU C 267 -26.48 -37.95 13.30
C LEU C 267 -27.45 -37.81 14.48
N LYS C 268 -26.90 -37.67 15.68
CA LYS C 268 -27.73 -37.53 16.88
C LYS C 268 -28.47 -36.19 16.94
N LEU C 269 -27.85 -35.13 16.44
CA LEU C 269 -28.50 -33.83 16.44
C LEU C 269 -29.71 -33.86 15.50
N LYS C 270 -29.58 -34.59 14.40
CA LYS C 270 -30.66 -34.71 13.43
C LYS C 270 -31.82 -35.48 14.07
N GLU C 271 -31.49 -36.53 14.82
CA GLU C 271 -32.50 -37.34 15.49
C GLU C 271 -33.25 -36.52 16.54
N ILE C 272 -32.56 -35.56 17.13
CA ILE C 272 -33.17 -34.70 18.14
C ILE C 272 -34.18 -33.78 17.46
N GLY C 273 -33.86 -33.37 16.23
CA GLY C 273 -34.75 -32.49 15.48
C GLY C 273 -34.08 -31.25 14.91
N TYR C 274 -32.80 -31.05 15.22
CA TYR C 274 -32.06 -29.88 14.73
C TYR C 274 -31.88 -29.91 13.22
N SER C 275 -31.67 -28.72 12.65
CA SER C 275 -31.46 -28.60 11.20
C SER C 275 -30.01 -28.79 10.85
N VAL C 276 -29.62 -30.04 10.65
CA VAL C 276 -28.26 -30.40 10.27
C VAL C 276 -28.36 -31.40 9.12
N ASN C 277 -27.26 -31.61 8.41
CA ASN C 277 -27.24 -32.54 7.30
C ASN C 277 -26.10 -33.54 7.52
N PRO C 278 -26.37 -34.60 8.30
CA PRO C 278 -25.38 -35.63 8.61
C PRO C 278 -24.69 -36.18 7.37
N GLU C 279 -25.39 -36.19 6.24
CA GLU C 279 -24.82 -36.70 5.00
C GLU C 279 -23.75 -35.78 4.42
N ASP C 280 -23.73 -34.52 4.86
CA ASP C 280 -22.74 -33.57 4.38
C ASP C 280 -21.50 -33.51 5.27
N VAL C 281 -21.54 -34.24 6.38
CA VAL C 281 -20.42 -34.25 7.32
C VAL C 281 -19.39 -35.34 6.99
N LYS C 282 -18.29 -34.94 6.37
CA LYS C 282 -17.24 -35.89 6.00
C LYS C 282 -15.93 -35.68 6.75
N THR C 283 -15.73 -34.50 7.34
CA THR C 283 -14.52 -34.28 8.14
C THR C 283 -14.90 -33.94 9.58
N ASN C 284 -14.26 -32.94 10.17
CA ASN C 284 -14.54 -32.62 11.57
C ASN C 284 -15.47 -31.43 11.85
N VAL C 286 -19.60 -29.57 11.56
CA VAL C 286 -21.04 -29.72 11.45
C VAL C 286 -21.68 -28.33 11.41
N ILE C 287 -22.41 -28.03 10.34
CA ILE C 287 -23.09 -26.75 10.25
C ILE C 287 -24.51 -26.96 10.77
N LEU C 288 -24.92 -26.12 11.71
CA LEU C 288 -26.24 -26.22 12.32
C LEU C 288 -27.04 -24.94 12.06
N ARG C 289 -28.20 -25.10 11.41
CA ARG C 289 -29.06 -23.96 11.09
C ARG C 289 -30.08 -23.72 12.20
N THR C 290 -30.39 -22.45 12.44
CA THR C 290 -31.33 -22.11 13.51
C THR C 290 -32.71 -21.66 13.04
N ASP C 291 -32.97 -21.83 11.74
CA ASP C 291 -34.25 -21.42 11.16
C ASP C 291 -35.46 -22.07 11.83
N ASN C 292 -35.29 -23.24 12.43
CA ASN C 292 -36.42 -23.91 13.07
C ASN C 292 -36.44 -23.72 14.59
N LEU C 293 -35.63 -22.80 15.10
CA LEU C 293 -35.57 -22.54 16.53
C LEU C 293 -36.20 -21.21 16.92
N LYS C 294 -36.50 -21.05 18.20
CA LYS C 294 -37.13 -19.83 18.73
C LYS C 294 -36.17 -18.63 18.79
N VAL C 295 -34.87 -18.89 18.70
CA VAL C 295 -33.87 -17.82 18.73
C VAL C 295 -32.92 -18.01 17.55
N ASN C 296 -32.17 -16.98 17.20
CA ASN C 296 -31.23 -17.11 16.07
C ASN C 296 -29.93 -17.73 16.56
N ALA C 297 -28.93 -17.77 15.70
CA ALA C 297 -27.64 -18.36 16.05
C ALA C 297 -26.98 -17.70 17.26
N HIS C 298 -27.01 -16.38 17.31
CA HIS C 298 -26.39 -15.65 18.41
C HIS C 298 -27.10 -15.95 19.72
N GLY C 299 -28.42 -16.07 19.67
CA GLY C 299 -29.18 -16.37 20.86
C GLY C 299 -28.95 -17.81 21.31
N PHE C 300 -28.85 -18.72 20.35
CA PHE C 300 -28.64 -20.12 20.69
C PHE C 300 -27.23 -20.35 21.21
N ILE C 301 -26.26 -19.61 20.68
CA ILE C 301 -24.87 -19.73 21.11
C ILE C 301 -24.74 -19.38 22.61
N GLU C 302 -25.46 -18.34 23.04
CA GLU C 302 -25.41 -17.93 24.44
C GLU C 302 -26.04 -19.00 25.33
N ALA C 303 -27.13 -19.59 24.86
CA ALA C 303 -27.81 -20.62 25.62
C ALA C 303 -26.87 -21.83 25.77
N LEU C 304 -26.22 -22.19 24.67
CA LEU C 304 -25.29 -23.30 24.71
C LEU C 304 -24.15 -23.03 25.69
N ARG C 305 -23.64 -21.80 25.68
CA ARG C 305 -22.57 -21.41 26.58
C ARG C 305 -23.00 -21.56 28.04
N ASN C 306 -24.19 -21.07 28.36
CA ASN C 306 -24.68 -21.19 29.74
C ASN C 306 -24.85 -22.63 30.18
N SER C 307 -24.96 -23.55 29.22
CA SER C 307 -25.13 -24.96 29.53
C SER C 307 -23.83 -25.77 29.46
N GLY C 308 -22.72 -25.10 29.15
CA GLY C 308 -21.44 -25.81 29.08
C GLY C 308 -20.93 -26.16 27.69
N VAL C 309 -21.57 -25.65 26.65
CA VAL C 309 -21.13 -25.94 25.30
C VAL C 309 -20.74 -24.67 24.55
N LEU C 310 -19.51 -24.64 24.05
CA LEU C 310 -19.00 -23.49 23.33
C LEU C 310 -18.97 -23.75 21.83
N ALA C 311 -19.46 -22.79 21.07
CA ALA C 311 -19.48 -22.87 19.61
C ALA C 311 -19.55 -21.45 19.08
N ASN C 312 -19.29 -21.25 17.80
CA ASN C 312 -19.38 -19.91 17.22
C ASN C 312 -20.49 -19.85 16.20
N ALA C 313 -21.03 -18.65 16.02
CA ALA C 313 -22.06 -18.42 15.01
C ALA C 313 -21.26 -18.00 13.79
N VAL C 314 -21.66 -18.46 12.60
CA VAL C 314 -20.96 -18.08 11.38
C VAL C 314 -21.84 -17.17 10.52
N SER C 315 -23.03 -16.89 11.04
CA SER C 315 -24.02 -16.01 10.40
C SER C 315 -25.13 -15.86 11.42
N ASP C 316 -26.16 -15.09 11.07
CA ASP C 316 -27.28 -14.90 11.98
C ASP C 316 -28.13 -16.16 12.12
N THR C 317 -27.98 -17.09 11.18
CA THR C 317 -28.76 -18.33 11.18
C THR C 317 -27.93 -19.62 11.14
N GLU C 318 -26.61 -19.52 11.30
CA GLU C 318 -25.78 -20.72 11.25
C GLU C 318 -24.72 -20.79 12.33
N ILE C 319 -24.59 -21.99 12.90
CA ILE C 319 -23.62 -22.26 13.94
C ILE C 319 -22.68 -23.34 13.40
N ARG C 320 -21.40 -23.21 13.73
CA ARG C 320 -20.40 -24.17 13.29
C ARG C 320 -19.91 -24.96 14.50
N LEU C 321 -19.91 -26.29 14.40
CA LEU C 321 -19.44 -27.14 15.47
C LEU C 321 -18.23 -27.87 14.91
N VAL C 322 -17.14 -27.89 15.68
CA VAL C 322 -15.92 -28.53 15.22
C VAL C 322 -15.40 -29.50 16.27
N THR C 323 -15.01 -30.70 15.83
CA THR C 323 -14.47 -31.70 16.74
C THR C 323 -12.96 -31.71 16.60
N HIS C 324 -12.29 -32.23 17.62
CA HIS C 324 -10.84 -32.29 17.64
C HIS C 324 -10.38 -33.22 18.76
N LYS C 325 -9.06 -33.38 18.88
CA LYS C 325 -8.48 -34.26 19.89
C LYS C 325 -8.95 -34.01 21.33
N ASP C 326 -9.27 -32.77 21.67
CA ASP C 326 -9.69 -32.48 23.04
C ASP C 326 -11.20 -32.61 23.28
N VAL C 327 -11.88 -33.29 22.37
CA VAL C 327 -13.31 -33.54 22.49
C VAL C 327 -13.46 -35.04 22.29
N SER C 328 -13.67 -35.76 23.39
CA SER C 328 -13.82 -37.21 23.34
C SER C 328 -15.24 -37.62 23.00
N ARG C 329 -15.43 -38.91 22.70
CA ARG C 329 -16.77 -39.39 22.38
C ARG C 329 -17.67 -39.15 23.59
N ASN C 330 -17.10 -39.23 24.78
CA ASN C 330 -17.85 -38.99 26.01
C ASN C 330 -18.30 -37.52 26.04
N ASP C 331 -17.41 -36.62 25.66
CA ASP C 331 -17.76 -35.20 25.64
C ASP C 331 -18.92 -34.98 24.66
N ILE C 332 -18.88 -35.68 23.53
CA ILE C 332 -19.95 -35.56 22.54
C ILE C 332 -21.29 -36.05 23.11
N GLU C 333 -21.25 -37.12 23.89
CA GLU C 333 -22.45 -37.66 24.49
C GLU C 333 -23.04 -36.65 25.46
N GLU C 334 -22.17 -36.06 26.28
CA GLU C 334 -22.60 -35.07 27.25
C GLU C 334 -23.20 -33.87 26.52
N ALA C 335 -22.55 -33.46 25.45
CA ALA C 335 -23.03 -32.33 24.65
C ALA C 335 -24.42 -32.63 24.09
N LEU C 336 -24.59 -33.85 23.59
CA LEU C 336 -25.86 -34.27 23.02
C LEU C 336 -26.99 -34.22 24.05
N ASN C 337 -26.68 -34.51 25.31
CA ASN C 337 -27.69 -34.47 26.35
C ASN C 337 -28.08 -33.01 26.56
N ILE C 338 -27.12 -32.12 26.40
CA ILE C 338 -27.35 -30.69 26.55
C ILE C 338 -28.17 -30.17 25.37
N PHE C 339 -27.82 -30.60 24.16
CA PHE C 339 -28.54 -30.19 22.97
C PHE C 339 -29.98 -30.70 23.04
N GLU C 340 -30.14 -31.91 23.57
CA GLU C 340 -31.46 -32.51 23.71
C GLU C 340 -32.34 -31.60 24.57
N LYS C 341 -31.82 -31.23 25.74
CA LYS C 341 -32.53 -30.35 26.65
C LYS C 341 -32.83 -28.98 26.03
N LEU C 342 -31.87 -28.42 25.30
CA LEU C 342 -32.08 -27.11 24.69
C LEU C 342 -33.09 -27.16 23.54
N PHE C 343 -33.24 -28.33 22.91
CA PHE C 343 -34.21 -28.44 21.83
C PHE C 343 -35.62 -28.28 22.42
N ARG C 344 -35.83 -28.87 23.60
CA ARG C 344 -37.11 -28.76 24.27
C ARG C 344 -37.45 -27.29 24.55
N LYS C 345 -36.43 -26.52 24.89
CA LYS C 345 -36.62 -25.10 25.22
C LYS C 345 -36.72 -24.16 24.03
N PHE C 346 -36.00 -24.45 22.96
CA PHE C 346 -35.99 -23.55 21.80
C PHE C 346 -36.61 -24.02 20.49
N SER C 347 -37.06 -25.27 20.41
CA SER C 347 -37.68 -25.75 19.18
C SER C 347 -39.06 -25.12 19.05
N ILE D 6 4.21 41.55 -8.48
CA ILE D 6 5.39 41.02 -9.13
C ILE D 6 5.50 39.62 -8.53
N ASP D 7 5.11 38.61 -9.32
CA ASP D 7 5.08 37.22 -8.85
C ASP D 7 6.36 36.44 -9.03
N LEU D 8 7.15 36.36 -7.96
CA LEU D 8 8.42 35.61 -7.97
C LEU D 8 8.30 34.32 -7.17
N ARG D 9 7.07 33.88 -6.91
CA ARG D 9 6.86 32.66 -6.14
C ARG D 9 7.33 31.40 -6.86
N SER D 10 7.06 31.30 -8.15
CA SER D 10 7.45 30.13 -8.92
C SER D 10 7.23 30.35 -10.40
N ASP D 11 7.81 29.49 -11.23
CA ASP D 11 7.61 29.60 -12.67
C ASP D 11 6.32 28.88 -13.07
N THR D 12 5.67 28.23 -12.10
CA THR D 12 4.43 27.52 -12.38
C THR D 12 3.29 28.47 -12.72
N VAL D 13 3.43 29.73 -12.29
CA VAL D 13 2.38 30.72 -12.52
C VAL D 13 2.31 31.27 -13.94
N THR D 14 3.23 30.84 -14.81
CA THR D 14 3.22 31.33 -16.19
C THR D 14 1.86 31.10 -16.86
N LYS D 15 1.41 32.09 -17.61
CA LYS D 15 0.13 32.01 -18.32
C LYS D 15 0.33 31.72 -19.80
N PRO D 16 -0.69 31.18 -20.46
CA PRO D 16 -0.62 30.85 -21.89
C PRO D 16 -0.38 32.06 -22.75
N THR D 17 0.40 31.87 -23.81
CA THR D 17 0.67 32.96 -24.75
C THR D 17 -0.52 32.99 -25.70
N GLU D 18 -0.61 34.05 -26.48
CA GLU D 18 -1.70 34.21 -27.45
C GLU D 18 -1.72 32.98 -28.36
N GLU D 19 -0.54 32.62 -28.88
CA GLU D 19 -0.38 31.48 -29.76
C GLU D 19 -0.93 30.18 -29.15
N ARG D 21 -3.28 29.90 -26.59
CA ARG D 21 -4.73 29.98 -26.41
C ARG D 21 -5.45 29.58 -27.67
N LYS D 22 -4.90 30.11 -28.77
CA LYS D 22 -5.44 29.87 -30.09
C LYS D 22 -5.33 28.36 -30.48
N ALA D 23 -4.16 27.79 -30.25
CA ALA D 23 -3.88 26.41 -30.59
C ALA D 23 -4.72 25.45 -29.75
N ALA D 25 -7.76 26.19 -28.32
CA ALA D 25 -9.14 26.38 -28.73
C ALA D 25 -9.44 25.74 -30.05
N GLN D 26 -8.42 25.59 -30.88
CA GLN D 26 -8.65 24.99 -32.21
C GLN D 26 -7.95 23.64 -32.34
N ALA D 27 -7.64 23.00 -31.22
CA ALA D 27 -6.95 21.71 -31.24
C ALA D 27 -7.74 20.56 -31.86
N GLU D 28 -7.05 19.74 -32.64
CA GLU D 28 -7.62 18.56 -33.27
C GLU D 28 -7.55 17.53 -32.15
N VAL D 29 -8.69 16.95 -31.77
CA VAL D 29 -8.69 16.02 -30.65
C VAL D 29 -9.29 14.64 -30.91
N GLY D 30 -9.09 13.76 -29.94
CA GLY D 30 -9.62 12.41 -30.03
C GLY D 30 -9.65 11.83 -28.63
N ASP D 31 -10.10 10.59 -28.49
CA ASP D 31 -10.14 9.98 -27.16
C ASP D 31 -8.78 9.34 -26.88
N ASP D 32 -8.00 9.96 -25.99
CA ASP D 32 -6.68 9.43 -25.65
C ASP D 32 -6.73 8.02 -25.06
N VAL D 33 -7.83 7.66 -24.40
CA VAL D 33 -7.91 6.31 -23.85
C VAL D 33 -7.76 5.31 -25.00
N TYR D 34 -8.16 5.71 -26.20
CA TYR D 34 -8.04 4.85 -27.38
C TYR D 34 -6.76 5.18 -28.14
N GLY D 35 -5.97 6.11 -27.61
CA GLY D 35 -4.74 6.51 -28.26
C GLY D 35 -5.07 7.19 -29.58
N GLU D 36 -6.22 7.84 -29.62
CA GLU D 36 -6.67 8.51 -30.83
C GLU D 36 -6.59 10.02 -30.88
N ASP D 37 -6.04 10.65 -29.86
CA ASP D 37 -5.92 12.11 -29.89
C ASP D 37 -4.66 12.42 -30.69
N PRO D 38 -4.82 13.02 -31.88
CA PRO D 38 -3.72 13.37 -32.78
C PRO D 38 -2.70 14.35 -32.22
N THR D 39 -3.16 15.29 -31.40
CA THR D 39 -2.28 16.29 -30.83
C THR D 39 -1.44 15.69 -29.72
N ILE D 40 -2.07 14.89 -28.87
CA ILE D 40 -1.34 14.22 -27.81
C ILE D 40 -0.28 13.32 -28.44
N ASN D 41 -0.68 12.56 -29.47
CA ASN D 41 0.24 11.65 -30.13
C ASN D 41 1.43 12.38 -30.73
N GLU D 42 1.20 13.55 -31.31
CA GLU D 42 2.29 14.35 -31.89
C GLU D 42 3.18 14.90 -30.78
N LEU D 43 2.58 15.30 -29.66
CA LEU D 43 3.35 15.83 -28.53
C LEU D 43 4.28 14.75 -27.99
N GLU D 44 3.75 13.55 -27.81
CA GLU D 44 4.55 12.44 -27.30
C GLU D 44 5.64 12.04 -28.30
N ARG D 45 5.33 12.05 -29.59
CA ARG D 45 6.32 11.70 -30.62
C ARG D 45 7.45 12.73 -30.57
N LEU D 46 7.06 14.01 -30.52
CA LEU D 46 8.01 15.11 -30.46
C LEU D 46 8.89 15.04 -29.20
N ALA D 47 8.28 14.72 -28.07
CA ALA D 47 9.01 14.62 -26.81
C ALA D 47 10.03 13.50 -26.83
N ALA D 48 9.61 12.32 -27.28
CA ALA D 48 10.51 11.17 -27.36
C ALA D 48 11.71 11.54 -28.24
N GLU D 49 11.42 12.13 -29.39
CA GLU D 49 12.45 12.55 -30.34
C GLU D 49 13.44 13.54 -29.73
N THR D 50 12.92 14.55 -29.05
CA THR D 50 13.75 15.57 -28.42
C THR D 50 14.72 14.98 -27.39
N PHE D 51 14.29 13.95 -26.68
CA PHE D 51 15.13 13.32 -25.66
C PHE D 51 15.86 12.07 -26.13
N GLY D 52 15.75 11.77 -27.42
CA GLY D 52 16.42 10.59 -27.96
C GLY D 52 15.92 9.29 -27.35
N LYS D 53 14.61 9.21 -27.10
CA LYS D 53 14.01 8.01 -26.53
C LYS D 53 12.98 7.42 -27.49
N GLU D 54 12.59 6.18 -27.23
CA GLU D 54 11.63 5.45 -28.07
C GLU D 54 10.17 5.86 -27.89
N ALA D 55 9.78 6.20 -26.67
CA ALA D 55 8.39 6.57 -26.39
C ALA D 55 8.24 7.65 -25.34
N ALA D 56 7.03 8.20 -25.22
CA ALA D 56 6.74 9.26 -24.26
C ALA D 56 5.31 9.16 -23.79
N LEU D 57 5.04 9.73 -22.62
CA LEU D 57 3.69 9.69 -22.03
C LEU D 57 3.32 11.03 -21.42
N PHE D 58 2.22 11.60 -21.89
CA PHE D 58 1.74 12.87 -21.36
C PHE D 58 1.03 12.62 -20.04
N VAL D 59 1.27 13.48 -19.05
CA VAL D 59 0.63 13.35 -17.74
C VAL D 59 0.16 14.73 -17.28
N PRO D 60 -0.89 14.78 -16.45
CA PRO D 60 -1.43 16.05 -15.96
C PRO D 60 -0.55 16.87 -15.02
N SER D 61 0.52 16.27 -14.49
CA SER D 61 1.41 16.99 -13.57
C SER D 61 2.74 16.28 -13.47
N GLY D 62 3.75 17.03 -13.01
CA GLY D 62 5.07 16.47 -12.85
C GLY D 62 5.06 15.44 -11.76
N THR D 63 4.20 15.66 -10.76
CA THR D 63 4.10 14.73 -9.65
C THR D 63 3.68 13.36 -10.19
N GLY D 65 4.08 12.36 -13.18
CA GLY D 65 5.14 11.90 -14.06
C GLY D 65 6.13 11.10 -13.22
N ASN D 66 6.55 11.68 -12.11
CA ASN D 66 7.49 11.01 -11.21
C ASN D 66 6.90 9.73 -10.62
N GLN D 67 5.68 9.82 -10.11
CA GLN D 67 5.08 8.65 -9.48
C GLN D 67 4.80 7.46 -10.40
N VAL D 68 4.37 7.69 -11.64
CA VAL D 68 4.15 6.55 -12.53
C VAL D 68 5.51 5.95 -12.88
N SER D 69 6.54 6.77 -12.96
CA SER D 69 7.88 6.27 -13.27
C SER D 69 8.35 5.37 -12.12
N ILE D 70 8.16 5.84 -10.88
CA ILE D 70 8.56 5.06 -9.72
C ILE D 70 7.79 3.75 -9.69
N ALA D 72 6.44 2.09 -12.27
CA ALA D 72 6.91 1.24 -13.36
C ALA D 72 8.32 0.70 -13.13
N HIS D 73 9.13 1.39 -12.33
CA HIS D 73 10.50 0.96 -12.05
C HIS D 73 10.66 0.08 -10.83
N THR D 74 9.65 0.00 -9.97
CA THR D 74 9.80 -0.75 -8.73
C THR D 74 8.73 -1.79 -8.37
N GLN D 75 9.03 -2.53 -7.30
CA GLN D 75 8.11 -3.52 -6.76
C GLN D 75 7.93 -3.16 -5.28
N ARG D 76 6.82 -3.59 -4.70
CA ARG D 76 6.56 -3.28 -3.30
C ARG D 76 7.76 -3.63 -2.45
N GLY D 77 8.06 -2.78 -1.47
CA GLY D 77 9.19 -3.05 -0.59
C GLY D 77 10.57 -2.64 -1.08
N ASP D 78 10.66 -2.08 -2.27
CA ASP D 78 11.97 -1.67 -2.79
C ASP D 78 12.38 -0.33 -2.20
N GLU D 79 13.64 0.03 -2.40
CA GLU D 79 14.16 1.31 -1.92
C GLU D 79 14.55 2.13 -3.13
N VAL D 80 14.31 3.44 -3.03
CA VAL D 80 14.66 4.36 -4.10
C VAL D 80 15.68 5.35 -3.56
N ILE D 81 16.87 5.35 -4.15
CA ILE D 81 17.92 6.27 -3.75
C ILE D 81 17.59 7.60 -4.43
N LEU D 82 17.55 8.67 -3.63
CA LEU D 82 17.28 10.00 -4.16
C LEU D 82 18.03 11.03 -3.32
N GLU D 83 18.08 12.27 -3.80
CA GLU D 83 18.80 13.32 -3.10
C GLU D 83 18.03 13.76 -1.86
N ALA D 84 18.73 13.96 -0.76
CA ALA D 84 18.12 14.33 0.51
C ALA D 84 17.15 15.51 0.46
N ASP D 85 17.36 16.46 -0.45
CA ASP D 85 16.45 17.60 -0.55
C ASP D 85 15.66 17.61 -1.85
N SER D 86 15.46 16.44 -2.45
CA SER D 86 14.73 16.36 -3.71
C SER D 86 13.21 16.50 -3.59
N HIS D 87 12.60 16.95 -4.67
CA HIS D 87 11.16 17.17 -4.74
C HIS D 87 10.35 15.91 -4.45
N ILE D 88 10.79 14.78 -5.01
CA ILE D 88 10.09 13.52 -4.81
C ILE D 88 10.01 13.16 -3.33
N PHE D 89 11.05 13.50 -2.58
CA PHE D 89 11.11 13.20 -1.15
C PHE D 89 10.31 14.16 -0.27
N TRP D 90 10.40 15.46 -0.55
CA TRP D 90 9.74 16.48 0.26
C TRP D 90 8.40 17.04 -0.18
N TYR D 91 8.19 17.20 -1.48
CA TYR D 91 6.96 17.82 -1.97
C TYR D 91 5.94 16.96 -2.69
N GLU D 92 6.06 15.65 -2.60
CA GLU D 92 5.10 14.81 -3.30
C GLU D 92 4.19 13.98 -2.42
N VAL D 93 3.70 14.63 -1.37
CA VAL D 93 2.75 14.06 -0.41
C VAL D 93 3.01 12.62 0.03
N GLY D 94 4.27 12.20 0.01
CA GLY D 94 4.59 10.84 0.42
C GLY D 94 3.99 9.79 -0.50
N ALA D 95 3.66 10.20 -1.72
CA ALA D 95 3.06 9.30 -2.70
C ALA D 95 3.86 8.03 -3.01
N ALA D 97 5.39 6.11 -1.08
CA ALA D 97 5.10 5.10 -0.09
C ALA D 97 3.69 4.52 -0.26
N VAL D 98 2.71 5.39 -0.42
CA VAL D 98 1.33 4.97 -0.58
C VAL D 98 1.06 4.25 -1.90
N LEU D 99 1.54 4.84 -2.99
CA LEU D 99 1.32 4.29 -4.33
C LEU D 99 2.19 3.09 -4.71
N SER D 100 3.48 3.16 -4.46
CA SER D 100 4.38 2.06 -4.81
C SER D 100 4.82 1.22 -3.64
N GLY D 101 4.59 1.70 -2.42
CA GLY D 101 5.01 0.97 -1.25
C GLY D 101 6.53 0.85 -1.17
N VAL D 102 7.23 1.89 -1.63
CA VAL D 102 8.67 1.88 -1.59
C VAL D 102 9.25 2.85 -0.57
N PRO D 104 12.26 5.59 0.63
CA PRO D 104 13.21 6.51 0.03
C PRO D 104 14.53 6.32 0.76
N HIS D 105 15.64 6.36 0.03
CA HIS D 105 16.96 6.23 0.64
C HIS D 105 17.71 7.53 0.37
N PRO D 106 17.53 8.53 1.25
CA PRO D 106 18.15 9.85 1.13
C PRO D 106 19.68 9.86 1.16
N VAL D 107 20.26 10.50 0.14
CA VAL D 107 21.70 10.63 0.04
C VAL D 107 21.98 12.12 -0.10
N PRO D 108 22.77 12.68 0.84
CA PRO D 108 23.05 14.12 0.74
C PRO D 108 23.79 14.44 -0.56
N GLY D 109 23.54 15.64 -1.08
CA GLY D 109 24.19 16.03 -2.31
C GLY D 109 24.75 17.43 -2.20
N LYS D 110 25.70 17.75 -3.07
CA LYS D 110 26.29 19.08 -3.08
C LYS D 110 25.67 19.74 -4.30
N ASN D 111 24.69 20.61 -4.05
CA ASN D 111 23.99 21.32 -5.12
C ASN D 111 23.23 20.35 -6.02
N GLY D 112 22.59 19.35 -5.42
CA GLY D 112 21.83 18.38 -6.19
C GLY D 112 22.67 17.24 -6.72
N ALA D 113 23.98 17.40 -6.66
CA ALA D 113 24.88 16.36 -7.14
C ALA D 113 25.29 15.42 -6.03
N ASP D 115 27.22 12.42 -4.50
CA ASP D 115 28.52 11.89 -4.85
C ASP D 115 28.35 10.45 -5.32
N PRO D 116 28.88 10.12 -6.51
CA PRO D 116 28.76 8.76 -7.04
C PRO D 116 29.11 7.67 -6.03
N ASP D 117 30.17 7.87 -5.25
CA ASP D 117 30.55 6.87 -4.26
C ASP D 117 29.53 6.77 -3.14
N ASP D 118 28.84 7.87 -2.84
CA ASP D 118 27.82 7.84 -1.79
C ASP D 118 26.62 7.02 -2.31
N VAL D 119 26.30 7.20 -3.58
CA VAL D 119 25.20 6.47 -4.20
C VAL D 119 25.55 4.99 -4.18
N ARG D 120 26.80 4.68 -4.51
CA ARG D 120 27.29 3.31 -4.53
C ARG D 120 27.09 2.68 -3.15
N LYS D 121 27.52 3.38 -2.11
CA LYS D 121 27.38 2.87 -0.75
C LYS D 121 25.93 2.74 -0.31
N ALA D 122 25.05 3.55 -0.91
CA ALA D 122 23.64 3.54 -0.57
C ALA D 122 22.92 2.29 -1.09
N ILE D 123 23.49 1.66 -2.12
CA ILE D 123 22.88 0.46 -2.67
C ILE D 123 22.88 -0.60 -1.60
N ARG D 124 21.74 -1.22 -1.39
CA ARG D 124 21.59 -2.24 -0.36
C ARG D 124 22.15 -3.60 -0.73
N PRO D 125 22.85 -4.25 0.21
CA PRO D 125 23.42 -5.58 -0.02
C PRO D 125 22.25 -6.54 -0.01
N ARG D 126 22.39 -7.70 -0.65
CA ARG D 126 21.31 -8.67 -0.64
C ARG D 126 21.27 -9.32 0.75
N ASN D 127 20.32 -8.89 1.56
CA ASN D 127 20.16 -9.43 2.90
C ASN D 127 18.67 -9.39 3.23
N ILE D 128 18.20 -10.43 3.90
CA ILE D 128 16.79 -10.55 4.24
C ILE D 128 16.25 -9.33 4.99
N HIS D 129 17.13 -8.65 5.72
CA HIS D 129 16.76 -7.47 6.50
C HIS D 129 16.58 -6.24 5.62
N PHE D 130 17.16 -6.25 4.43
CA PHE D 130 17.11 -5.09 3.55
C PHE D 130 16.23 -5.16 2.33
N PRO D 131 15.59 -4.05 1.97
CA PRO D 131 14.73 -4.00 0.79
C PRO D 131 15.68 -3.92 -0.40
N ARG D 132 15.19 -4.17 -1.61
CA ARG D 132 16.04 -4.12 -2.80
C ARG D 132 16.09 -2.72 -3.40
N THR D 133 17.30 -2.24 -3.68
CA THR D 133 17.48 -0.93 -4.28
C THR D 133 17.23 -1.15 -5.77
N SER D 134 16.10 -0.68 -6.27
CA SER D 134 15.74 -0.88 -7.66
C SER D 134 15.75 0.40 -8.50
N LEU D 135 15.84 1.54 -7.84
CA LEU D 135 15.81 2.81 -8.56
C LEU D 135 16.64 3.90 -7.92
N ILE D 136 17.29 4.67 -8.78
CA ILE D 136 18.08 5.82 -8.35
C ILE D 136 17.44 7.00 -9.07
N ALA D 137 17.08 8.03 -8.32
CA ALA D 137 16.46 9.21 -8.91
C ALA D 137 17.38 10.42 -8.82
N ILE D 138 17.44 11.18 -9.91
CA ILE D 138 18.27 12.39 -9.99
C ILE D 138 17.42 13.57 -10.46
N GLU D 139 17.57 14.71 -9.81
CA GLU D 139 16.80 15.91 -10.13
C GLU D 139 17.71 16.93 -10.82
N ASN D 140 17.47 17.25 -12.10
CA ASN D 140 18.36 18.22 -12.73
C ASN D 140 17.80 19.65 -12.84
N THR D 141 18.57 20.45 -12.13
CA THR D 141 18.47 21.85 -11.74
C THR D 141 17.68 21.32 -10.58
N HIS D 142 18.41 21.25 -9.48
CA HIS D 142 17.88 20.79 -8.22
C HIS D 142 17.20 22.05 -7.72
N ASN D 143 15.91 21.91 -7.42
CA ASN D 143 15.09 23.02 -6.96
C ASN D 143 15.54 23.62 -5.63
N ARG D 144 15.46 22.84 -4.56
CA ARG D 144 15.81 23.30 -3.21
C ARG D 144 17.15 24.03 -3.07
N SER D 145 18.17 23.61 -3.81
CA SER D 145 19.48 24.24 -3.72
C SER D 145 19.61 25.54 -4.51
N GLY D 146 18.55 25.91 -5.23
CA GLY D 146 18.57 27.14 -6.01
C GLY D 146 18.58 26.96 -7.52
N GLY D 147 17.92 25.92 -8.01
CA GLY D 147 17.89 25.67 -9.44
C GLY D 147 19.29 25.40 -9.95
N ARG D 148 20.07 24.65 -9.18
CA ARG D 148 21.44 24.32 -9.55
C ARG D 148 21.53 23.25 -10.63
N VAL D 149 22.54 23.38 -11.48
CA VAL D 149 22.75 22.45 -12.58
C VAL D 149 23.62 21.25 -12.19
N VAL D 150 23.06 20.06 -12.32
CA VAL D 150 23.82 18.84 -12.01
C VAL D 150 24.70 18.57 -13.23
N PRO D 151 26.02 18.43 -13.03
CA PRO D 151 26.91 18.17 -14.17
C PRO D 151 26.59 16.86 -14.88
N LEU D 152 26.79 16.85 -16.20
CA LEU D 152 26.55 15.66 -17.01
C LEU D 152 27.42 14.50 -16.54
N GLU D 153 28.65 14.80 -16.16
CA GLU D 153 29.58 13.77 -15.70
C GLU D 153 29.08 13.06 -14.44
N ASN D 154 28.35 13.79 -13.61
CA ASN D 154 27.81 13.24 -12.38
C ASN D 154 26.78 12.18 -12.75
N ILE D 155 25.87 12.54 -13.66
CA ILE D 155 24.83 11.64 -14.10
C ILE D 155 25.47 10.45 -14.81
N LYS D 156 26.47 10.71 -15.63
CA LYS D 156 27.15 9.62 -16.34
C LYS D 156 27.70 8.59 -15.35
N GLU D 157 28.45 9.06 -14.34
CA GLU D 157 29.02 8.17 -13.34
C GLU D 157 27.97 7.34 -12.61
N ILE D 158 26.88 7.98 -12.21
CA ILE D 158 25.81 7.27 -11.51
C ILE D 158 25.18 6.23 -12.43
N CYS D 159 25.10 6.53 -13.72
CA CYS D 159 24.54 5.58 -14.67
C CYS D 159 25.40 4.33 -14.72
N THR D 160 26.71 4.52 -14.74
CA THR D 160 27.66 3.40 -14.77
C THR D 160 27.47 2.51 -13.55
N ILE D 161 27.28 3.14 -12.39
CA ILE D 161 27.07 2.38 -11.16
C ILE D 161 25.75 1.62 -11.21
N ALA D 162 24.71 2.29 -11.70
CA ALA D 162 23.39 1.67 -11.82
C ALA D 162 23.43 0.46 -12.73
N LYS D 163 24.08 0.62 -13.88
CA LYS D 163 24.19 -0.46 -14.86
C LYS D 163 24.88 -1.69 -14.28
N GLU D 164 25.99 -1.49 -13.58
CA GLU D 164 26.72 -2.60 -12.98
C GLU D 164 25.85 -3.37 -11.99
N HIS D 165 24.89 -2.67 -11.39
CA HIS D 165 24.01 -3.29 -10.40
C HIS D 165 22.62 -3.63 -10.94
N GLY D 166 22.36 -3.23 -12.18
CA GLY D 166 21.06 -3.49 -12.76
C GLY D 166 19.97 -2.66 -12.09
N ILE D 167 20.32 -1.44 -11.70
CA ILE D 167 19.38 -0.52 -11.05
C ILE D 167 18.85 0.50 -12.06
N ASN D 168 17.56 0.81 -11.98
CA ASN D 168 16.97 1.79 -12.90
C ASN D 168 17.38 3.21 -12.52
N VAL D 169 17.40 4.08 -13.51
CA VAL D 169 17.73 5.48 -13.29
C VAL D 169 16.64 6.38 -13.84
N HIS D 170 16.08 7.23 -12.98
CA HIS D 170 15.05 8.17 -13.38
C HIS D 170 15.53 9.59 -13.12
N ILE D 171 15.38 10.46 -14.12
CA ILE D 171 15.77 11.84 -13.95
C ILE D 171 14.53 12.69 -13.80
N ASP D 172 14.41 13.37 -12.66
CA ASP D 172 13.30 14.28 -12.45
C ASP D 172 13.80 15.54 -13.16
N GLY D 173 13.44 15.67 -14.43
CA GLY D 173 13.89 16.83 -15.18
C GLY D 173 12.82 17.90 -15.31
N ALA D 174 12.13 18.20 -14.22
CA ALA D 174 11.09 19.23 -14.23
C ALA D 174 11.60 20.48 -14.93
N ARG D 175 12.83 20.87 -14.63
CA ARG D 175 13.44 22.03 -15.26
C ARG D 175 14.71 21.60 -15.98
N ILE D 176 14.62 20.49 -16.69
CA ILE D 176 15.78 19.96 -17.40
C ILE D 176 16.18 20.88 -18.56
N PHE D 177 15.23 21.64 -19.09
CA PHE D 177 15.57 22.53 -20.18
C PHE D 177 16.35 23.72 -19.68
N ASN D 178 16.07 24.17 -18.46
CA ASN D 178 16.81 25.29 -17.89
C ASN D 178 18.26 24.82 -17.74
N ALA D 179 18.43 23.58 -17.28
CA ALA D 179 19.76 23.01 -17.10
C ALA D 179 20.48 23.00 -18.45
N SER D 180 19.79 22.52 -19.47
CA SER D 180 20.34 22.46 -20.82
C SER D 180 20.74 23.83 -21.35
N ILE D 181 19.88 24.83 -21.17
CA ILE D 181 20.20 26.16 -21.64
C ILE D 181 21.42 26.73 -20.92
N ALA D 182 21.53 26.45 -19.62
CA ALA D 182 22.66 26.95 -18.84
C ALA D 182 23.97 26.21 -19.10
N SER D 183 23.90 24.90 -19.31
CA SER D 183 25.08 24.07 -19.52
C SER D 183 25.48 23.89 -20.98
N GLY D 184 24.53 24.08 -21.90
CA GLY D 184 24.83 23.89 -23.30
C GLY D 184 24.77 22.42 -23.65
N VAL D 185 24.31 21.60 -22.71
CA VAL D 185 24.20 20.16 -22.94
C VAL D 185 22.80 19.86 -23.46
N PRO D 186 22.70 19.20 -24.62
CA PRO D 186 21.38 18.87 -25.18
C PRO D 186 20.68 17.93 -24.19
N VAL D 187 19.36 18.04 -24.08
CA VAL D 187 18.66 17.18 -23.13
C VAL D 187 18.79 15.69 -23.48
N LYS D 188 18.98 15.37 -24.75
CA LYS D 188 19.12 13.97 -25.13
C LYS D 188 20.36 13.35 -24.48
N GLU D 189 21.36 14.17 -24.18
CA GLU D 189 22.58 13.68 -23.55
C GLU D 189 22.34 13.30 -22.08
N TYR D 190 21.59 14.12 -21.36
CA TYR D 190 21.27 13.81 -19.97
C TYR D 190 20.44 12.54 -19.97
N ALA D 191 19.51 12.46 -20.92
CA ALA D 191 18.61 11.31 -21.06
C ALA D 191 19.31 10.02 -21.44
N GLY D 192 20.41 10.14 -22.18
CA GLY D 192 21.14 8.96 -22.58
C GLY D 192 21.70 8.16 -21.42
N TYR D 193 21.81 8.80 -20.25
CA TYR D 193 22.33 8.14 -19.06
C TYR D 193 21.21 7.84 -18.06
N ALA D 194 19.99 7.73 -18.56
CA ALA D 194 18.86 7.43 -17.68
C ALA D 194 17.89 6.51 -18.41
N ASP D 195 17.06 5.83 -17.63
CA ASP D 195 16.07 4.94 -18.21
C ASP D 195 14.82 5.76 -18.53
N SER D 196 14.52 6.72 -17.66
CA SER D 196 13.36 7.58 -17.85
C SER D 196 13.63 9.01 -17.40
N VAL D 197 12.91 9.94 -18.01
CA VAL D 197 13.05 11.34 -17.66
C VAL D 197 11.67 11.98 -17.67
N PHE D 199 9.76 15.67 -17.54
CA PHE D 199 10.03 17.08 -17.71
C PHE D 199 8.70 17.83 -17.77
N CYS D 200 8.66 19.02 -17.19
CA CYS D 200 7.44 19.81 -17.15
C CYS D 200 7.29 20.79 -18.30
N LEU D 201 6.05 20.97 -18.73
CA LEU D 201 5.70 21.89 -19.79
C LEU D 201 5.02 23.10 -19.17
N SER D 202 4.51 22.92 -17.96
CA SER D 202 3.76 23.94 -17.24
C SER D 202 4.54 24.92 -16.38
N GLY D 204 8.57 26.93 -16.70
CA GLY D 204 9.22 27.90 -17.55
C GLY D 204 8.80 27.88 -19.02
N LEU D 205 8.32 26.72 -19.50
CA LEU D 205 7.90 26.60 -20.90
C LEU D 205 6.50 27.17 -21.15
N CYS D 206 5.87 27.61 -20.07
CA CYS D 206 4.58 28.28 -20.10
C CYS D 206 3.28 27.57 -20.51
N ALA D 207 3.27 26.23 -20.57
CA ALA D 207 2.02 25.56 -20.92
C ALA D 207 1.14 25.63 -19.66
N PRO D 208 -0.19 25.63 -19.85
CA PRO D 208 -1.10 25.70 -18.70
C PRO D 208 -1.13 24.43 -17.84
N VAL D 209 -0.97 23.28 -18.48
CA VAL D 209 -1.04 22.02 -17.76
C VAL D 209 -0.18 20.90 -18.35
N GLY D 210 0.39 20.08 -17.47
CA GLY D 210 1.13 18.94 -17.96
C GLY D 210 2.65 18.82 -17.96
N SER D 211 3.07 17.56 -17.94
CA SER D 211 4.47 17.17 -17.96
C SER D 211 4.52 15.96 -18.87
N VAL D 212 5.72 15.48 -19.16
CA VAL D 212 5.87 14.32 -20.02
C VAL D 212 6.96 13.39 -19.49
N VAL D 213 6.75 12.10 -19.67
CA VAL D 213 7.72 11.10 -19.27
C VAL D 213 8.23 10.45 -20.53
N VAL D 214 9.55 10.29 -20.65
CA VAL D 214 10.12 9.65 -21.82
C VAL D 214 10.94 8.46 -21.39
N GLY D 215 11.03 7.45 -22.27
CA GLY D 215 11.78 6.24 -21.97
C GLY D 215 11.54 5.15 -23.01
N ASP D 216 11.90 3.91 -22.66
CA ASP D 216 11.71 2.79 -23.58
C ASP D 216 10.22 2.43 -23.74
N ARG D 217 9.91 1.76 -24.84
CA ARG D 217 8.53 1.36 -25.15
C ARG D 217 7.84 0.58 -24.03
N ASP D 218 8.50 -0.48 -23.58
CA ASP D 218 7.94 -1.32 -22.51
C ASP D 218 7.75 -0.55 -21.20
N PHE D 219 8.69 0.34 -20.89
CA PHE D 219 8.58 1.13 -19.68
C PHE D 219 7.38 2.07 -19.80
N ILE D 220 7.29 2.78 -20.92
CA ILE D 220 6.19 3.70 -21.13
C ILE D 220 4.83 3.00 -21.11
N GLU D 221 4.77 1.77 -21.65
CA GLU D 221 3.53 1.03 -21.62
C GLU D 221 3.14 0.79 -20.16
N ARG D 222 4.12 0.40 -19.33
CA ARG D 222 3.86 0.17 -17.91
C ARG D 222 3.44 1.46 -17.22
N ALA D 223 4.11 2.56 -17.56
CA ALA D 223 3.80 3.86 -16.97
C ALA D 223 2.39 4.31 -17.37
N ARG D 224 2.01 3.97 -18.60
CA ARG D 224 0.68 4.34 -19.12
C ARG D 224 -0.39 3.63 -18.30
N LYS D 225 -0.16 2.35 -17.99
CA LYS D 225 -1.13 1.61 -17.19
C LYS D 225 -1.20 2.23 -15.79
N ALA D 226 -0.07 2.69 -15.28
CA ALA D 226 -0.02 3.32 -13.97
C ALA D 226 -0.82 4.63 -14.03
N ARG D 227 -0.66 5.36 -15.13
CA ARG D 227 -1.38 6.61 -15.31
C ARG D 227 -2.88 6.35 -15.24
N LYS D 228 -3.32 5.25 -15.85
CA LYS D 228 -4.74 4.91 -15.84
C LYS D 228 -5.20 4.67 -14.41
N LEU D 230 -3.90 5.74 -11.54
CA LEU D 230 -3.87 6.96 -10.75
C LEU D 230 -4.93 7.97 -11.17
N GLY D 231 -5.52 7.76 -12.35
CA GLY D 231 -6.55 8.66 -12.84
C GLY D 231 -6.07 9.71 -13.84
N GLY D 232 -4.94 9.45 -14.49
CA GLY D 232 -4.42 10.41 -15.46
C GLY D 232 -4.87 10.10 -16.88
N GLY D 233 -5.69 9.06 -17.03
CA GLY D 233 -6.19 8.69 -18.35
C GLY D 233 -7.33 9.61 -18.76
N ARG D 235 -9.57 12.12 -21.69
CA ARG D 235 -10.20 11.91 -22.99
C ARG D 235 -9.57 12.80 -24.07
N GLN D 236 -10.24 13.89 -24.44
CA GLN D 236 -9.71 14.78 -25.48
C GLN D 236 -8.65 15.72 -24.94
N ALA D 237 -7.57 15.15 -24.40
CA ALA D 237 -6.48 15.94 -23.84
C ALA D 237 -5.70 16.72 -24.90
N GLY D 238 -6.12 16.59 -26.15
CA GLY D 238 -5.43 17.30 -27.21
C GLY D 238 -5.47 18.80 -26.97
N VAL D 239 -6.49 19.25 -26.25
CA VAL D 239 -6.64 20.66 -25.94
C VAL D 239 -5.43 21.16 -25.15
N LEU D 240 -4.92 20.32 -24.26
CA LEU D 240 -3.76 20.68 -23.45
C LEU D 240 -2.46 20.46 -24.22
N ALA D 241 -2.38 19.36 -24.96
CA ALA D 241 -1.19 19.04 -25.72
C ALA D 241 -0.82 20.08 -26.78
N ALA D 242 -1.83 20.78 -27.31
CA ALA D 242 -1.59 21.80 -28.32
C ALA D 242 -0.62 22.84 -27.74
N ALA D 243 -0.87 23.23 -26.50
CA ALA D 243 -0.02 24.20 -25.82
C ALA D 243 1.32 23.55 -25.52
N GLY D 244 1.30 22.26 -25.21
CA GLY D 244 2.53 21.55 -24.92
C GLY D 244 3.48 21.54 -26.09
N ILE D 245 2.95 21.36 -27.30
CA ILE D 245 3.77 21.33 -28.49
C ILE D 245 4.47 22.67 -28.69
N ILE D 246 3.74 23.76 -28.46
CA ILE D 246 4.31 25.09 -28.61
C ILE D 246 5.38 25.35 -27.54
N ALA D 247 5.12 24.87 -26.32
CA ALA D 247 6.07 25.04 -25.23
C ALA D 247 7.39 24.40 -25.59
N LEU D 248 7.32 23.13 -25.97
CA LEU D 248 8.48 22.34 -26.35
C LEU D 248 9.23 22.85 -27.57
N THR D 249 8.50 23.35 -28.55
CA THR D 249 9.11 23.82 -29.80
C THR D 249 9.42 25.30 -29.94
N LYS D 250 8.83 26.15 -29.11
CA LYS D 250 9.09 27.59 -29.25
C LYS D 250 9.45 28.35 -27.97
N VAL D 252 11.69 27.16 -25.42
CA VAL D 252 12.94 26.74 -24.79
C VAL D 252 14.06 27.77 -24.86
N ASP D 253 14.30 28.32 -26.06
CA ASP D 253 15.38 29.29 -26.22
C ASP D 253 15.27 30.51 -25.29
N ARG D 254 14.05 31.04 -25.14
CA ARG D 254 13.85 32.22 -24.31
C ARG D 254 14.06 32.01 -22.81
N LEU D 255 14.33 30.76 -22.41
CA LEU D 255 14.59 30.50 -21.01
C LEU D 255 15.83 31.31 -20.60
N LYS D 256 16.68 31.57 -21.59
CA LYS D 256 17.91 32.34 -21.37
C LYS D 256 17.58 33.71 -20.78
N GLU D 257 16.44 34.26 -21.18
CA GLU D 257 16.02 35.56 -20.67
C GLU D 257 15.71 35.43 -19.18
N ASP D 258 15.08 34.33 -18.77
CA ASP D 258 14.77 34.14 -17.35
C ASP D 258 16.03 34.01 -16.52
N HIS D 259 17.07 33.40 -17.10
CA HIS D 259 18.35 33.23 -16.42
C HIS D 259 19.05 34.58 -16.26
N GLU D 260 19.01 35.38 -17.32
CA GLU D 260 19.63 36.69 -17.29
C GLU D 260 18.94 37.57 -16.24
N ASN D 261 17.62 37.48 -16.16
CA ASN D 261 16.85 38.26 -15.19
C ASN D 261 17.20 37.82 -13.77
N ALA D 262 17.33 36.51 -13.56
CA ALA D 262 17.67 35.99 -12.26
C ALA D 262 19.07 36.41 -11.83
N ARG D 263 20.02 36.40 -12.77
CA ARG D 263 21.39 36.80 -12.44
C ARG D 263 21.43 38.28 -12.11
N PHE D 264 20.71 39.07 -12.91
CA PHE D 264 20.65 40.50 -12.69
C PHE D 264 20.10 40.75 -11.28
N LEU D 265 18.99 40.07 -10.96
CA LEU D 265 18.35 40.19 -9.65
C LEU D 265 19.33 39.83 -8.54
N ALA D 266 20.05 38.72 -8.71
CA ALA D 266 21.01 38.29 -7.69
C ALA D 266 22.15 39.30 -7.49
N LEU D 267 22.75 39.73 -8.59
CA LEU D 267 23.85 40.70 -8.53
C LEU D 267 23.41 41.98 -7.81
N LYS D 268 22.26 42.52 -8.19
CA LYS D 268 21.74 43.74 -7.56
C LYS D 268 21.38 43.52 -6.09
N LEU D 269 20.76 42.38 -5.76
CA LEU D 269 20.40 42.11 -4.38
C LEU D 269 21.68 42.07 -3.54
N LYS D 270 22.73 41.53 -4.13
CA LYS D 270 24.01 41.44 -3.45
C LYS D 270 24.54 42.84 -3.18
N GLU D 271 24.46 43.72 -4.19
CA GLU D 271 24.93 45.09 -4.05
C GLU D 271 24.19 45.83 -2.93
N ILE D 272 22.90 45.55 -2.78
CA ILE D 272 22.10 46.19 -1.74
C ILE D 272 22.60 45.76 -0.36
N GLY D 273 23.06 44.52 -0.25
CA GLY D 273 23.55 44.03 1.03
C GLY D 273 22.84 42.78 1.49
N TYR D 274 21.98 42.23 0.63
CA TYR D 274 21.25 41.02 0.98
C TYR D 274 22.17 39.80 0.94
N SER D 275 21.79 38.79 1.71
CA SER D 275 22.58 37.56 1.78
C SER D 275 22.20 36.63 0.63
N VAL D 276 22.84 36.84 -0.51
CA VAL D 276 22.61 36.04 -1.71
C VAL D 276 23.98 35.72 -2.32
N ASN D 277 24.03 34.70 -3.18
CA ASN D 277 25.27 34.31 -3.82
C ASN D 277 25.10 34.31 -5.34
N PRO D 278 25.40 35.46 -5.99
CA PRO D 278 25.26 35.56 -7.44
C PRO D 278 26.06 34.48 -8.18
N GLU D 279 27.13 34.01 -7.55
CA GLU D 279 27.97 32.98 -8.16
C GLU D 279 27.22 31.65 -8.26
N ASP D 280 26.20 31.47 -7.44
CA ASP D 280 25.40 30.24 -7.42
C ASP D 280 24.20 30.28 -8.37
N VAL D 281 23.91 31.45 -8.91
CA VAL D 281 22.77 31.63 -9.81
C VAL D 281 23.08 31.36 -11.27
N LYS D 282 22.67 30.18 -11.75
CA LYS D 282 22.91 29.79 -13.13
C LYS D 282 21.63 29.55 -13.94
N THR D 283 20.49 29.43 -13.27
CA THR D 283 19.23 29.25 -13.98
C THR D 283 18.22 30.31 -13.57
N ASN D 284 16.96 29.94 -13.31
CA ASN D 284 15.97 30.96 -12.96
C ASN D 284 15.63 31.12 -11.49
N VAL D 286 16.93 32.21 -7.30
CA VAL D 286 17.82 32.94 -6.40
C VAL D 286 17.37 32.67 -4.97
N ILE D 287 18.30 32.20 -4.13
CA ILE D 287 17.98 31.94 -2.74
C ILE D 287 18.46 33.11 -1.91
N LEU D 288 17.58 33.67 -1.09
CA LEU D 288 17.95 34.80 -0.24
C LEU D 288 17.80 34.38 1.22
N ARG D 289 18.88 34.53 1.99
CA ARG D 289 18.87 34.17 3.40
C ARG D 289 18.55 35.41 4.22
N THR D 290 17.77 35.25 5.27
CA THR D 290 17.40 36.38 6.12
C THR D 290 18.27 36.52 7.37
N ASP D 291 19.43 35.86 7.36
CA ASP D 291 20.35 35.89 8.49
C ASP D 291 20.72 37.28 9.00
N ASN D 292 20.94 38.22 8.09
CA ASN D 292 21.32 39.57 8.49
C ASN D 292 20.13 40.53 8.51
N LEU D 293 18.92 39.97 8.59
CA LEU D 293 17.71 40.80 8.64
C LEU D 293 17.06 40.64 10.00
N LYS D 294 16.38 41.68 10.46
CA LYS D 294 15.74 41.62 11.77
C LYS D 294 14.41 40.89 11.76
N VAL D 295 14.15 40.18 10.67
CA VAL D 295 12.92 39.40 10.52
C VAL D 295 13.29 38.06 9.89
N ASN D 296 12.45 37.05 10.11
CA ASN D 296 12.73 35.74 9.52
C ASN D 296 12.07 35.63 8.14
N ALA D 297 12.23 34.48 7.50
CA ALA D 297 11.67 34.25 6.17
C ALA D 297 10.20 34.61 6.03
N HIS D 298 9.39 34.10 6.95
CA HIS D 298 7.96 34.35 6.91
C HIS D 298 7.62 35.82 7.10
N GLY D 299 8.32 36.49 8.02
CA GLY D 299 8.07 37.91 8.24
C GLY D 299 8.47 38.72 7.03
N PHE D 300 9.54 38.33 6.36
CA PHE D 300 10.00 39.07 5.19
C PHE D 300 9.04 38.84 4.01
N ILE D 301 8.50 37.64 3.91
CA ILE D 301 7.56 37.33 2.84
C ILE D 301 6.33 38.23 2.98
N GLU D 302 5.86 38.39 4.21
CA GLU D 302 4.69 39.24 4.48
C GLU D 302 4.97 40.71 4.12
N ALA D 303 6.16 41.19 4.45
CA ALA D 303 6.52 42.56 4.15
C ALA D 303 6.60 42.72 2.62
N LEU D 304 7.11 41.71 1.95
CA LEU D 304 7.21 41.75 0.49
C LEU D 304 5.82 41.80 -0.13
N ARG D 305 4.92 40.95 0.37
CA ARG D 305 3.56 40.93 -0.14
C ARG D 305 2.92 42.28 0.07
N ASN D 306 3.15 42.87 1.25
CA ASN D 306 2.59 44.16 1.58
C ASN D 306 3.12 45.26 0.64
N SER D 307 4.28 45.03 0.03
CA SER D 307 4.85 46.03 -0.87
C SER D 307 4.64 45.70 -2.34
N GLY D 308 3.90 44.64 -2.63
CA GLY D 308 3.63 44.28 -4.01
C GLY D 308 4.50 43.21 -4.66
N VAL D 309 5.24 42.46 -3.85
CA VAL D 309 6.10 41.40 -4.37
C VAL D 309 5.74 40.05 -3.75
N LEU D 310 5.57 39.03 -4.59
CA LEU D 310 5.22 37.69 -4.11
C LEU D 310 6.37 36.71 -4.22
N ALA D 311 6.65 36.02 -3.12
CA ALA D 311 7.72 35.03 -3.05
C ALA D 311 7.36 33.96 -2.02
N ASN D 312 8.09 32.85 -2.04
CA ASN D 312 7.85 31.74 -1.11
C ASN D 312 9.00 31.52 -0.16
N ALA D 313 8.67 31.23 1.09
CA ALA D 313 9.67 30.93 2.11
C ALA D 313 9.91 29.42 1.94
N VAL D 314 11.17 29.00 1.88
CA VAL D 314 11.48 27.58 1.73
C VAL D 314 12.00 26.98 3.04
N SER D 315 12.21 27.84 4.03
CA SER D 315 12.66 27.46 5.36
C SER D 315 12.34 28.68 6.23
N ASP D 316 12.78 28.67 7.49
CA ASP D 316 12.51 29.80 8.37
C ASP D 316 13.51 30.92 8.17
N THR D 317 14.55 30.65 7.39
CA THR D 317 15.60 31.63 7.14
C THR D 317 15.92 31.82 5.67
N GLU D 318 15.20 31.11 4.81
CA GLU D 318 15.44 31.22 3.36
C GLU D 318 14.21 31.48 2.52
N ILE D 319 14.40 32.30 1.51
CA ILE D 319 13.34 32.65 0.58
C ILE D 319 13.81 32.28 -0.82
N ARG D 320 12.88 31.85 -1.65
CA ARG D 320 13.19 31.48 -3.02
C ARG D 320 12.53 32.46 -3.97
N LEU D 321 13.31 33.02 -4.88
CA LEU D 321 12.81 33.96 -5.87
C LEU D 321 12.97 33.26 -7.22
N VAL D 322 11.88 33.20 -7.99
CA VAL D 322 11.92 32.53 -9.28
C VAL D 322 11.50 33.45 -10.43
N THR D 323 12.31 33.49 -11.50
CA THR D 323 11.98 34.30 -12.65
C THR D 323 11.35 33.43 -13.72
N HIS D 324 10.56 34.04 -14.59
CA HIS D 324 9.87 33.33 -15.64
C HIS D 324 9.33 34.35 -16.64
N LYS D 325 8.71 33.84 -17.70
CA LYS D 325 8.17 34.69 -18.77
C LYS D 325 7.28 35.86 -18.31
N ASP D 326 6.50 35.66 -17.26
CA ASP D 326 5.60 36.72 -16.82
C ASP D 326 6.17 37.77 -15.88
N VAL D 327 7.49 37.76 -15.71
CA VAL D 327 8.16 38.77 -14.90
C VAL D 327 9.21 39.34 -15.84
N SER D 328 8.99 40.59 -16.25
CA SER D 328 9.89 41.27 -17.18
C SER D 328 11.06 41.91 -16.46
N ARG D 329 12.04 42.37 -17.22
CA ARG D 329 13.20 43.04 -16.65
C ARG D 329 12.69 44.25 -15.85
N ASN D 330 11.74 44.99 -16.43
CA ASN D 330 11.21 46.14 -15.74
C ASN D 330 10.57 45.71 -14.41
N ASP D 331 9.91 44.55 -14.39
CA ASP D 331 9.32 44.05 -13.14
C ASP D 331 10.43 43.78 -12.14
N ILE D 332 11.54 43.23 -12.63
CA ILE D 332 12.67 42.91 -11.77
C ILE D 332 13.25 44.19 -11.15
N GLU D 333 13.36 45.23 -11.97
CA GLU D 333 13.88 46.51 -11.50
C GLU D 333 12.95 47.09 -10.44
N GLU D 334 11.65 46.92 -10.63
CA GLU D 334 10.69 47.44 -9.69
C GLU D 334 10.86 46.73 -8.35
N ALA D 335 10.96 45.41 -8.40
CA ALA D 335 11.13 44.59 -7.21
C ALA D 335 12.42 44.97 -6.48
N LEU D 336 13.48 45.20 -7.24
CA LEU D 336 14.76 45.58 -6.67
C LEU D 336 14.67 46.89 -5.90
N ASN D 337 13.98 47.87 -6.47
CA ASN D 337 13.83 49.17 -5.83
C ASN D 337 13.10 49.01 -4.50
N ILE D 338 12.19 48.04 -4.45
CA ILE D 338 11.43 47.76 -3.23
C ILE D 338 12.34 46.99 -2.26
N PHE D 339 13.09 46.03 -2.79
CA PHE D 339 14.01 45.25 -1.96
C PHE D 339 15.00 46.20 -1.29
N GLU D 340 15.45 47.20 -2.02
CA GLU D 340 16.39 48.17 -1.48
C GLU D 340 15.83 48.92 -0.28
N LYS D 341 14.60 49.40 -0.39
CA LYS D 341 13.96 50.11 0.71
C LYS D 341 13.73 49.19 1.90
N LEU D 342 13.27 47.97 1.63
CA LEU D 342 13.01 47.01 2.68
C LEU D 342 14.29 46.64 3.41
N PHE D 343 15.42 46.70 2.71
CA PHE D 343 16.69 46.38 3.32
C PHE D 343 16.93 47.40 4.43
N ARG D 344 16.69 48.67 4.14
CA ARG D 344 16.86 49.74 5.12
C ARG D 344 15.98 49.48 6.34
N LYS D 345 14.74 49.08 6.11
CA LYS D 345 13.80 48.81 7.19
C LYS D 345 14.14 47.62 8.07
N PHE D 346 14.67 46.55 7.47
CA PHE D 346 14.97 45.34 8.23
C PHE D 346 16.44 45.05 8.54
N SER D 347 17.34 45.88 8.05
CA SER D 347 18.77 45.69 8.31
C SER D 347 19.15 46.48 9.56
#